data_4QPW
# 
_entry.id   4QPW 
# 
_audit_conform.dict_name       mmcif_pdbx.dic 
_audit_conform.dict_version    5.387 
_audit_conform.dict_location   http://mmcif.pdb.org/dictionaries/ascii/mmcif_pdbx.dic 
# 
loop_
_database_2.database_id 
_database_2.database_code 
_database_2.pdbx_database_accession 
_database_2.pdbx_DOI 
PDB   4QPW         pdb_00004qpw 10.2210/pdb4qpw/pdb 
RCSB  RCSB086363   ?            ?                   
WWPDB D_1000086363 ?            ?                   
# 
loop_
_pdbx_audit_revision_history.ordinal 
_pdbx_audit_revision_history.data_content_type 
_pdbx_audit_revision_history.major_revision 
_pdbx_audit_revision_history.minor_revision 
_pdbx_audit_revision_history.revision_date 
1 'Structure model' 1 0 2014-08-13 
2 'Structure model' 1 1 2014-09-24 
3 'Structure model' 1 2 2014-10-01 
4 'Structure model' 2 0 2020-07-29 
5 'Structure model' 2 1 2024-02-28 
# 
loop_
_pdbx_audit_revision_details.ordinal 
_pdbx_audit_revision_details.revision_ordinal 
_pdbx_audit_revision_details.data_content_type 
_pdbx_audit_revision_details.provider 
_pdbx_audit_revision_details.type 
_pdbx_audit_revision_details.description 
_pdbx_audit_revision_details.details 
1 1 'Structure model' repository 'Initial release' ?                          ? 
2 4 'Structure model' repository Remediation       'Carbohydrate remediation' ? 
# 
loop_
_pdbx_audit_revision_group.ordinal 
_pdbx_audit_revision_group.revision_ordinal 
_pdbx_audit_revision_group.data_content_type 
_pdbx_audit_revision_group.group 
1  2 'Structure model' Other                    
2  3 'Structure model' 'Database references'    
3  4 'Structure model' 'Atomic model'           
4  4 'Structure model' 'Data collection'        
5  4 'Structure model' 'Derived calculations'   
6  4 'Structure model' 'Structure summary'      
7  5 'Structure model' 'Data collection'        
8  5 'Structure model' 'Database references'    
9  5 'Structure model' 'Derived calculations'   
10 5 'Structure model' 'Refinement description' 
11 5 'Structure model' 'Structure summary'      
# 
loop_
_pdbx_audit_revision_category.ordinal 
_pdbx_audit_revision_category.revision_ordinal 
_pdbx_audit_revision_category.data_content_type 
_pdbx_audit_revision_category.category 
1  4 'Structure model' atom_site                     
2  4 'Structure model' chem_comp                     
3  4 'Structure model' entity                        
4  4 'Structure model' entity_name_com               
5  4 'Structure model' pdbx_branch_scheme            
6  4 'Structure model' pdbx_chem_comp_identifier     
7  4 'Structure model' pdbx_entity_branch            
8  4 'Structure model' pdbx_entity_branch_descriptor 
9  4 'Structure model' pdbx_entity_branch_link       
10 4 'Structure model' pdbx_entity_branch_list       
11 4 'Structure model' pdbx_entity_nonpoly           
12 4 'Structure model' pdbx_molecule_features        
13 4 'Structure model' pdbx_nonpoly_scheme           
14 4 'Structure model' pdbx_struct_assembly_gen      
15 4 'Structure model' struct_asym                   
16 4 'Structure model' struct_conn                   
17 4 'Structure model' struct_site                   
18 4 'Structure model' struct_site_gen               
19 5 'Structure model' chem_comp                     
20 5 'Structure model' chem_comp_atom                
21 5 'Structure model' chem_comp_bond                
22 5 'Structure model' database_2                    
23 5 'Structure model' software                      
24 5 'Structure model' struct_conn                   
# 
loop_
_pdbx_audit_revision_item.ordinal 
_pdbx_audit_revision_item.revision_ordinal 
_pdbx_audit_revision_item.data_content_type 
_pdbx_audit_revision_item.item 
1  4 'Structure model' '_atom_site.B_iso_or_equiv'              
2  4 'Structure model' '_atom_site.Cartn_x'                     
3  4 'Structure model' '_atom_site.Cartn_y'                     
4  4 'Structure model' '_atom_site.Cartn_z'                     
5  4 'Structure model' '_atom_site.auth_asym_id'                
6  4 'Structure model' '_atom_site.auth_atom_id'                
7  4 'Structure model' '_atom_site.auth_seq_id'                 
8  4 'Structure model' '_atom_site.label_asym_id'               
9  4 'Structure model' '_atom_site.label_atom_id'               
10 4 'Structure model' '_atom_site.type_symbol'                 
11 4 'Structure model' '_chem_comp.name'                        
12 4 'Structure model' '_chem_comp.type'                        
13 4 'Structure model' '_entity.formula_weight'                 
14 4 'Structure model' '_entity.pdbx_description'               
15 4 'Structure model' '_entity.pdbx_number_of_molecules'       
16 4 'Structure model' '_entity.type'                           
17 4 'Structure model' '_pdbx_struct_assembly_gen.asym_id_list' 
18 4 'Structure model' '_struct_conn.pdbx_dist_value'           
19 4 'Structure model' '_struct_conn.pdbx_leaving_atom_flag'    
20 4 'Structure model' '_struct_conn.ptnr1_auth_asym_id'        
21 4 'Structure model' '_struct_conn.ptnr1_auth_seq_id'         
22 4 'Structure model' '_struct_conn.ptnr1_label_asym_id'       
23 4 'Structure model' '_struct_conn.ptnr1_label_atom_id'       
24 4 'Structure model' '_struct_conn.ptnr2_auth_asym_id'        
25 4 'Structure model' '_struct_conn.ptnr2_auth_seq_id'         
26 4 'Structure model' '_struct_conn.ptnr2_label_asym_id'       
27 4 'Structure model' '_struct_conn.ptnr2_label_atom_id'       
28 5 'Structure model' '_chem_comp.pdbx_synonyms'               
29 5 'Structure model' '_database_2.pdbx_DOI'                   
30 5 'Structure model' '_database_2.pdbx_database_accession'    
31 5 'Structure model' '_software.name'                         
32 5 'Structure model' '_struct_conn.pdbx_leaving_atom_flag'    
# 
_pdbx_database_status.status_code                     REL 
_pdbx_database_status.entry_id                        4QPW 
_pdbx_database_status.recvd_initial_deposition_date   2014-06-25 
_pdbx_database_status.deposit_site                    RCSB 
_pdbx_database_status.process_site                    RCSB 
_pdbx_database_status.status_code_sf                  REL 
_pdbx_database_status.status_code_mr                  ? 
_pdbx_database_status.SG_entry                        ? 
_pdbx_database_status.status_code_cs                  ? 
_pdbx_database_status.methods_development_category    ? 
_pdbx_database_status.pdb_format_compatible           Y 
_pdbx_database_status.status_code_nmr_data            ? 
# 
loop_
_pdbx_database_related.db_name 
_pdbx_database_related.db_id 
_pdbx_database_related.details 
_pdbx_database_related.content_type 
PDB 4MGQ . unspecified 
PDB 4QPW . unspecified 
# 
loop_
_audit_author.name 
_audit_author.pdbx_ordinal 
'Chekan, J.R.' 1 
'Nair, S.K.'   2 
# 
_citation.id                        primary 
_citation.title                     
;Xylan utilization in human gut commensal bacteria is orchestrated by unique modular organization of polysaccharide-degrading enzymes.
;
_citation.journal_abbrev            Proc.Natl.Acad.Sci.USA 
_citation.journal_volume            111 
_citation.page_first                E3708 
_citation.page_last                 E3717 
_citation.year                      2014 
_citation.journal_id_ASTM           PNASA6 
_citation.country                   US 
_citation.journal_id_ISSN           0027-8424 
_citation.journal_id_CSD            0040 
_citation.book_publisher            ? 
_citation.pdbx_database_id_PubMed   25136124 
_citation.pdbx_database_id_DOI      10.1073/pnas.1406156111 
# 
loop_
_citation_author.citation_id 
_citation_author.name 
_citation_author.ordinal 
_citation_author.identifier_ORCID 
primary 'Zhang, M.'     1 ? 
primary 'Chekan, J.R.'  2 ? 
primary 'Dodd, D.'      3 ? 
primary 'Hong, P.Y.'    4 ? 
primary 'Radlinski, L.' 5 ? 
primary 'Revindran, V.' 6 ? 
primary 'Nair, S.K.'    7 ? 
primary 'Mackie, R.I.'  8 ? 
primary 'Cann, I.'      9 ? 
# 
loop_
_entity.id 
_entity.type 
_entity.src_method 
_entity.pdbx_description 
_entity.formula_weight 
_entity.pdbx_number_of_molecules 
_entity.pdbx_ec 
_entity.pdbx_mutation 
_entity.pdbx_fragment 
_entity.details 
1 polymer  man 'glycosyl hydrolase family 10'                                            15925.702 1   ? ? 'unp residues 159-300' 
? 
2 branched man 'beta-D-xylopyranose-(1-4)-beta-D-xylopyranose-(1-4)-beta-D-xylopyranose' 414.360   1   ? ? ?                      
? 
3 water    nat water                                                                     18.015    311 ? ? ?                      
? 
# 
_entity_name_com.entity_id   2 
_entity_name_com.name        4beta-beta-xylotriose 
# 
_entity_poly.entity_id                      1 
_entity_poly.type                           'polypeptide(L)' 
_entity_poly.nstd_linkage                   no 
_entity_poly.nstd_monomer                   no 
_entity_poly.pdbx_seq_one_letter_code       
;VDKVDYEIDYSTAGYSFWNEVNEEVKETTTIGKNDTEGCLEIKTSVAASQNHFIQYHTADNLPIEIGKEYKLKMMVRGSA
EGKLNFGVGPWSGRAEGSFSFNTEWKEYEFSFKAVADGGHVMTQSGLFVGTIQIKYVKITHS
;
_entity_poly.pdbx_seq_one_letter_code_can   
;VDKVDYEIDYSTAGYSFWNEVNEEVKETTTIGKNDTEGCLEIKTSVAASQNHFIQYHTADNLPIEIGKEYKLKMMVRGSA
EGKLNFGVGPWSGRAEGSFSFNTEWKEYEFSFKAVADGGHVMTQSGLFVGTIQIKYVKITHS
;
_entity_poly.pdbx_strand_id                 A 
_entity_poly.pdbx_target_identifier         ? 
# 
_pdbx_entity_nonpoly.entity_id   3 
_pdbx_entity_nonpoly.name        water 
_pdbx_entity_nonpoly.comp_id     HOH 
# 
loop_
_entity_poly_seq.entity_id 
_entity_poly_seq.num 
_entity_poly_seq.mon_id 
_entity_poly_seq.hetero 
1 1   VAL n 
1 2   ASP n 
1 3   LYS n 
1 4   VAL n 
1 5   ASP n 
1 6   TYR n 
1 7   GLU n 
1 8   ILE n 
1 9   ASP n 
1 10  TYR n 
1 11  SER n 
1 12  THR n 
1 13  ALA n 
1 14  GLY n 
1 15  TYR n 
1 16  SER n 
1 17  PHE n 
1 18  TRP n 
1 19  ASN n 
1 20  GLU n 
1 21  VAL n 
1 22  ASN n 
1 23  GLU n 
1 24  GLU n 
1 25  VAL n 
1 26  LYS n 
1 27  GLU n 
1 28  THR n 
1 29  THR n 
1 30  THR n 
1 31  ILE n 
1 32  GLY n 
1 33  LYS n 
1 34  ASN n 
1 35  ASP n 
1 36  THR n 
1 37  GLU n 
1 38  GLY n 
1 39  CYS n 
1 40  LEU n 
1 41  GLU n 
1 42  ILE n 
1 43  LYS n 
1 44  THR n 
1 45  SER n 
1 46  VAL n 
1 47  ALA n 
1 48  ALA n 
1 49  SER n 
1 50  GLN n 
1 51  ASN n 
1 52  HIS n 
1 53  PHE n 
1 54  ILE n 
1 55  GLN n 
1 56  TYR n 
1 57  HIS n 
1 58  THR n 
1 59  ALA n 
1 60  ASP n 
1 61  ASN n 
1 62  LEU n 
1 63  PRO n 
1 64  ILE n 
1 65  GLU n 
1 66  ILE n 
1 67  GLY n 
1 68  LYS n 
1 69  GLU n 
1 70  TYR n 
1 71  LYS n 
1 72  LEU n 
1 73  LYS n 
1 74  MET n 
1 75  MET n 
1 76  VAL n 
1 77  ARG n 
1 78  GLY n 
1 79  SER n 
1 80  ALA n 
1 81  GLU n 
1 82  GLY n 
1 83  LYS n 
1 84  LEU n 
1 85  ASN n 
1 86  PHE n 
1 87  GLY n 
1 88  VAL n 
1 89  GLY n 
1 90  PRO n 
1 91  TRP n 
1 92  SER n 
1 93  GLY n 
1 94  ARG n 
1 95  ALA n 
1 96  GLU n 
1 97  GLY n 
1 98  SER n 
1 99  PHE n 
1 100 SER n 
1 101 PHE n 
1 102 ASN n 
1 103 THR n 
1 104 GLU n 
1 105 TRP n 
1 106 LYS n 
1 107 GLU n 
1 108 TYR n 
1 109 GLU n 
1 110 PHE n 
1 111 SER n 
1 112 PHE n 
1 113 LYS n 
1 114 ALA n 
1 115 VAL n 
1 116 ALA n 
1 117 ASP n 
1 118 GLY n 
1 119 GLY n 
1 120 HIS n 
1 121 VAL n 
1 122 MET n 
1 123 THR n 
1 124 GLN n 
1 125 SER n 
1 126 GLY n 
1 127 LEU n 
1 128 PHE n 
1 129 VAL n 
1 130 GLY n 
1 131 THR n 
1 132 ILE n 
1 133 GLN n 
1 134 ILE n 
1 135 LYS n 
1 136 TYR n 
1 137 VAL n 
1 138 LYS n 
1 139 ILE n 
1 140 THR n 
1 141 HIS n 
1 142 SER n 
# 
_entity_src_gen.entity_id                          1 
_entity_src_gen.pdbx_src_id                        1 
_entity_src_gen.pdbx_alt_source_flag               sample 
_entity_src_gen.pdbx_seq_type                      ? 
_entity_src_gen.pdbx_beg_seq_num                   ? 
_entity_src_gen.pdbx_end_seq_num                   ? 
_entity_src_gen.gene_src_common_name               ? 
_entity_src_gen.gene_src_genus                     ? 
_entity_src_gen.pdbx_gene_src_gene                 BACINT_04215 
_entity_src_gen.gene_src_species                   ? 
_entity_src_gen.gene_src_strain                    ? 
_entity_src_gen.gene_src_tissue                    ? 
_entity_src_gen.gene_src_tissue_fraction           ? 
_entity_src_gen.gene_src_details                   ? 
_entity_src_gen.pdbx_gene_src_fragment             ? 
_entity_src_gen.pdbx_gene_src_scientific_name      'Bacteroides intestinalis DSM 17393' 
_entity_src_gen.pdbx_gene_src_ncbi_taxonomy_id     471870 
_entity_src_gen.pdbx_gene_src_variant              ? 
_entity_src_gen.pdbx_gene_src_cell_line            ? 
_entity_src_gen.pdbx_gene_src_atcc                 ? 
_entity_src_gen.pdbx_gene_src_organ                ? 
_entity_src_gen.pdbx_gene_src_organelle            ? 
_entity_src_gen.pdbx_gene_src_cell                 ? 
_entity_src_gen.pdbx_gene_src_cellular_location    ? 
_entity_src_gen.host_org_common_name               ? 
_entity_src_gen.pdbx_host_org_scientific_name      'Escherichia coli' 
_entity_src_gen.pdbx_host_org_ncbi_taxonomy_id     562 
_entity_src_gen.host_org_genus                     ? 
_entity_src_gen.pdbx_host_org_gene                 ? 
_entity_src_gen.pdbx_host_org_organ                ? 
_entity_src_gen.host_org_species                   ? 
_entity_src_gen.pdbx_host_org_tissue               ? 
_entity_src_gen.pdbx_host_org_tissue_fraction      ? 
_entity_src_gen.pdbx_host_org_strain               ? 
_entity_src_gen.pdbx_host_org_variant              ? 
_entity_src_gen.pdbx_host_org_cell_line            ? 
_entity_src_gen.pdbx_host_org_atcc                 ? 
_entity_src_gen.pdbx_host_org_culture_collection   ? 
_entity_src_gen.pdbx_host_org_cell                 ? 
_entity_src_gen.pdbx_host_org_organelle            ? 
_entity_src_gen.pdbx_host_org_cellular_location    ? 
_entity_src_gen.pdbx_host_org_vector_type          ? 
_entity_src_gen.pdbx_host_org_vector               ? 
_entity_src_gen.host_org_details                   ? 
_entity_src_gen.expression_system_id               ? 
_entity_src_gen.plasmid_name                       ? 
_entity_src_gen.plasmid_details                    ? 
_entity_src_gen.pdbx_description                   ? 
# 
_pdbx_entity_branch.entity_id   2 
_pdbx_entity_branch.type        oligosaccharide 
# 
loop_
_pdbx_entity_branch_descriptor.ordinal 
_pdbx_entity_branch_descriptor.entity_id 
_pdbx_entity_branch_descriptor.descriptor 
_pdbx_entity_branch_descriptor.type 
_pdbx_entity_branch_descriptor.program 
_pdbx_entity_branch_descriptor.program_version 
1 2 DXylpb1-4DXylpb1-4DXylpb1-ROH                          'Glycam Condensed Sequence' GMML       1.0   
2 2 'WURCS=2.0/1,3,2/[a212h-1b_1-5]/1-1-1/a4-b1_b4-c1'     WURCS                       PDB2Glycan 1.1.0 
3 2 '[][b-D-Xylp]{[(4+1)][b-D-Xylp]{[(4+1)][b-D-Xylp]{}}}' LINUCS                      PDB-CARE   ?     
# 
loop_
_pdbx_entity_branch_link.link_id 
_pdbx_entity_branch_link.entity_id 
_pdbx_entity_branch_link.entity_branch_list_num_1 
_pdbx_entity_branch_link.comp_id_1 
_pdbx_entity_branch_link.atom_id_1 
_pdbx_entity_branch_link.leaving_atom_id_1 
_pdbx_entity_branch_link.entity_branch_list_num_2 
_pdbx_entity_branch_link.comp_id_2 
_pdbx_entity_branch_link.atom_id_2 
_pdbx_entity_branch_link.leaving_atom_id_2 
_pdbx_entity_branch_link.value_order 
_pdbx_entity_branch_link.details 
1 2 2 XYP C1 O1 1 XYP O4 HO4 sing ? 
2 2 3 XYP C1 O1 2 XYP O4 HO4 sing ? 
# 
loop_
_chem_comp.id 
_chem_comp.type 
_chem_comp.mon_nstd_flag 
_chem_comp.name 
_chem_comp.pdbx_synonyms 
_chem_comp.formula 
_chem_comp.formula_weight 
ALA 'L-peptide linking'          y ALANINE             ?                                 'C3 H7 N O2'     89.093  
ARG 'L-peptide linking'          y ARGININE            ?                                 'C6 H15 N4 O2 1' 175.209 
ASN 'L-peptide linking'          y ASPARAGINE          ?                                 'C4 H8 N2 O3'    132.118 
ASP 'L-peptide linking'          y 'ASPARTIC ACID'     ?                                 'C4 H7 N O4'     133.103 
CYS 'L-peptide linking'          y CYSTEINE            ?                                 'C3 H7 N O2 S'   121.158 
GLN 'L-peptide linking'          y GLUTAMINE           ?                                 'C5 H10 N2 O3'   146.144 
GLU 'L-peptide linking'          y 'GLUTAMIC ACID'     ?                                 'C5 H9 N O4'     147.129 
GLY 'peptide linking'            y GLYCINE             ?                                 'C2 H5 N O2'     75.067  
HIS 'L-peptide linking'          y HISTIDINE           ?                                 'C6 H10 N3 O2 1' 156.162 
HOH non-polymer                  . WATER               ?                                 'H2 O'           18.015  
ILE 'L-peptide linking'          y ISOLEUCINE          ?                                 'C6 H13 N O2'    131.173 
LEU 'L-peptide linking'          y LEUCINE             ?                                 'C6 H13 N O2'    131.173 
LYS 'L-peptide linking'          y LYSINE              ?                                 'C6 H15 N2 O2 1' 147.195 
MET 'L-peptide linking'          y METHIONINE          ?                                 'C5 H11 N O2 S'  149.211 
PHE 'L-peptide linking'          y PHENYLALANINE       ?                                 'C9 H11 N O2'    165.189 
PRO 'L-peptide linking'          y PROLINE             ?                                 'C5 H9 N O2'     115.130 
SER 'L-peptide linking'          y SERINE              ?                                 'C3 H7 N O3'     105.093 
THR 'L-peptide linking'          y THREONINE           ?                                 'C4 H9 N O3'     119.119 
TRP 'L-peptide linking'          y TRYPTOPHAN          ?                                 'C11 H12 N2 O2'  204.225 
TYR 'L-peptide linking'          y TYROSINE            ?                                 'C9 H11 N O3'    181.189 
VAL 'L-peptide linking'          y VALINE              ?                                 'C5 H11 N O2'    117.146 
XYP 'D-saccharide, beta linking' . beta-D-xylopyranose 'beta-D-xylose; D-xylose; xylose' 'C5 H10 O5'      150.130 
# 
loop_
_pdbx_chem_comp_identifier.comp_id 
_pdbx_chem_comp_identifier.type 
_pdbx_chem_comp_identifier.program 
_pdbx_chem_comp_identifier.program_version 
_pdbx_chem_comp_identifier.identifier 
XYP 'CONDENSED IUPAC CARBOHYDRATE SYMBOL' GMML     1.0 DXylpb           
XYP 'COMMON NAME'                         GMML     1.0 b-D-xylopyranose 
XYP 'IUPAC CARBOHYDRATE SYMBOL'           PDB-CARE 1.0 b-D-Xylp         
XYP 'SNFG CARBOHYDRATE SYMBOL'            GMML     1.0 Xyl              
# 
loop_
_pdbx_poly_seq_scheme.asym_id 
_pdbx_poly_seq_scheme.entity_id 
_pdbx_poly_seq_scheme.seq_id 
_pdbx_poly_seq_scheme.mon_id 
_pdbx_poly_seq_scheme.ndb_seq_num 
_pdbx_poly_seq_scheme.pdb_seq_num 
_pdbx_poly_seq_scheme.auth_seq_num 
_pdbx_poly_seq_scheme.pdb_mon_id 
_pdbx_poly_seq_scheme.auth_mon_id 
_pdbx_poly_seq_scheme.pdb_strand_id 
_pdbx_poly_seq_scheme.pdb_ins_code 
_pdbx_poly_seq_scheme.hetero 
A 1 1   VAL 1   159 159 VAL VAL A . n 
A 1 2   ASP 2   160 160 ASP ASP A . n 
A 1 3   LYS 3   161 161 LYS LYS A . n 
A 1 4   VAL 4   162 162 VAL VAL A . n 
A 1 5   ASP 5   163 163 ASP ASP A . n 
A 1 6   TYR 6   164 164 TYR TYR A . n 
A 1 7   GLU 7   165 165 GLU GLU A . n 
A 1 8   ILE 8   166 166 ILE ILE A . n 
A 1 9   ASP 9   167 167 ASP ASP A . n 
A 1 10  TYR 10  168 168 TYR TYR A . n 
A 1 11  SER 11  169 169 SER SER A . n 
A 1 12  THR 12  170 170 THR THR A . n 
A 1 13  ALA 13  171 171 ALA ALA A . n 
A 1 14  GLY 14  172 172 GLY GLY A . n 
A 1 15  TYR 15  173 173 TYR TYR A . n 
A 1 16  SER 16  174 174 SER SER A . n 
A 1 17  PHE 17  175 175 PHE PHE A . n 
A 1 18  TRP 18  176 176 TRP TRP A . n 
A 1 19  ASN 19  177 177 ASN ASN A . n 
A 1 20  GLU 20  178 178 GLU GLU A . n 
A 1 21  VAL 21  179 179 VAL VAL A . n 
A 1 22  ASN 22  180 180 ASN ASN A . n 
A 1 23  GLU 23  181 181 GLU GLU A . n 
A 1 24  GLU 24  182 182 GLU GLU A . n 
A 1 25  VAL 25  183 183 VAL VAL A . n 
A 1 26  LYS 26  184 184 LYS LYS A . n 
A 1 27  GLU 27  185 185 GLU GLU A . n 
A 1 28  THR 28  186 186 THR THR A . n 
A 1 29  THR 29  187 187 THR THR A . n 
A 1 30  THR 30  188 188 THR THR A . n 
A 1 31  ILE 31  189 189 ILE ILE A . n 
A 1 32  GLY 32  190 190 GLY GLY A . n 
A 1 33  LYS 33  191 191 LYS LYS A . n 
A 1 34  ASN 34  192 192 ASN ASN A . n 
A 1 35  ASP 35  193 193 ASP ASP A . n 
A 1 36  THR 36  194 194 THR THR A . n 
A 1 37  GLU 37  195 195 GLU GLU A . n 
A 1 38  GLY 38  196 196 GLY GLY A . n 
A 1 39  CYS 39  197 197 CYS CYS A . n 
A 1 40  LEU 40  198 198 LEU LEU A . n 
A 1 41  GLU 41  199 199 GLU GLU A . n 
A 1 42  ILE 42  200 200 ILE ILE A . n 
A 1 43  LYS 43  201 201 LYS LYS A . n 
A 1 44  THR 44  202 202 THR THR A . n 
A 1 45  SER 45  203 203 SER SER A . n 
A 1 46  VAL 46  204 204 VAL VAL A . n 
A 1 47  ALA 47  205 205 ALA ALA A . n 
A 1 48  ALA 48  206 206 ALA ALA A . n 
A 1 49  SER 49  207 207 SER SER A . n 
A 1 50  GLN 50  208 208 GLN GLN A . n 
A 1 51  ASN 51  209 209 ASN ASN A . n 
A 1 52  HIS 52  210 210 HIS HIS A . n 
A 1 53  PHE 53  211 211 PHE PHE A . n 
A 1 54  ILE 54  212 212 ILE ILE A . n 
A 1 55  GLN 55  213 213 GLN GLN A . n 
A 1 56  TYR 56  214 214 TYR TYR A . n 
A 1 57  HIS 57  215 215 HIS HIS A . n 
A 1 58  THR 58  216 216 THR THR A . n 
A 1 59  ALA 59  217 217 ALA ALA A . n 
A 1 60  ASP 60  218 218 ASP ASP A . n 
A 1 61  ASN 61  219 219 ASN ASN A . n 
A 1 62  LEU 62  220 220 LEU LEU A . n 
A 1 63  PRO 63  221 221 PRO PRO A . n 
A 1 64  ILE 64  222 222 ILE ILE A . n 
A 1 65  GLU 65  223 223 GLU GLU A . n 
A 1 66  ILE 66  224 224 ILE ILE A . n 
A 1 67  GLY 67  225 225 GLY GLY A . n 
A 1 68  LYS 68  226 226 LYS LYS A . n 
A 1 69  GLU 69  227 227 GLU GLU A . n 
A 1 70  TYR 70  228 228 TYR TYR A . n 
A 1 71  LYS 71  229 229 LYS LYS A . n 
A 1 72  LEU 72  230 230 LEU LEU A . n 
A 1 73  LYS 73  231 231 LYS LYS A . n 
A 1 74  MET 74  232 232 MET MET A . n 
A 1 75  MET 75  233 233 MET MET A . n 
A 1 76  VAL 76  234 234 VAL VAL A . n 
A 1 77  ARG 77  235 235 ARG ARG A . n 
A 1 78  GLY 78  236 236 GLY GLY A . n 
A 1 79  SER 79  237 237 SER SER A . n 
A 1 80  ALA 80  238 238 ALA ALA A . n 
A 1 81  GLU 81  239 239 GLU GLU A . n 
A 1 82  GLY 82  240 240 GLY GLY A . n 
A 1 83  LYS 83  241 241 LYS LYS A . n 
A 1 84  LEU 84  242 242 LEU LEU A . n 
A 1 85  ASN 85  243 243 ASN ASN A . n 
A 1 86  PHE 86  244 244 PHE PHE A . n 
A 1 87  GLY 87  245 245 GLY GLY A . n 
A 1 88  VAL 88  246 246 VAL VAL A . n 
A 1 89  GLY 89  247 247 GLY GLY A . n 
A 1 90  PRO 90  248 248 PRO PRO A . n 
A 1 91  TRP 91  249 249 TRP TRP A . n 
A 1 92  SER 92  250 250 SER SER A . n 
A 1 93  GLY 93  251 251 GLY GLY A . n 
A 1 94  ARG 94  252 252 ARG ARG A . n 
A 1 95  ALA 95  253 253 ALA ALA A . n 
A 1 96  GLU 96  254 254 GLU GLU A . n 
A 1 97  GLY 97  255 255 GLY GLY A . n 
A 1 98  SER 98  256 256 SER SER A . n 
A 1 99  PHE 99  257 257 PHE PHE A . n 
A 1 100 SER 100 258 258 SER SER A . n 
A 1 101 PHE 101 259 259 PHE PHE A . n 
A 1 102 ASN 102 260 260 ASN ASN A . n 
A 1 103 THR 103 261 261 THR THR A . n 
A 1 104 GLU 104 262 262 GLU GLU A . n 
A 1 105 TRP 105 263 263 TRP TRP A . n 
A 1 106 LYS 106 264 264 LYS LYS A . n 
A 1 107 GLU 107 265 265 GLU GLU A . n 
A 1 108 TYR 108 266 266 TYR TYR A . n 
A 1 109 GLU 109 267 267 GLU GLU A . n 
A 1 110 PHE 110 268 268 PHE PHE A . n 
A 1 111 SER 111 269 269 SER SER A . n 
A 1 112 PHE 112 270 270 PHE PHE A . n 
A 1 113 LYS 113 271 271 LYS LYS A . n 
A 1 114 ALA 114 272 272 ALA ALA A . n 
A 1 115 VAL 115 273 273 VAL VAL A . n 
A 1 116 ALA 116 274 274 ALA ALA A . n 
A 1 117 ASP 117 275 275 ASP ASP A . n 
A 1 118 GLY 118 276 276 GLY GLY A . n 
A 1 119 GLY 119 277 277 GLY GLY A . n 
A 1 120 HIS 120 278 278 HIS HIS A . n 
A 1 121 VAL 121 279 279 VAL VAL A . n 
A 1 122 MET 122 280 280 MET MET A . n 
A 1 123 THR 123 281 281 THR THR A . n 
A 1 124 GLN 124 282 282 GLN GLN A . n 
A 1 125 SER 125 283 283 SER SER A . n 
A 1 126 GLY 126 284 284 GLY GLY A . n 
A 1 127 LEU 127 285 285 LEU LEU A . n 
A 1 128 PHE 128 286 286 PHE PHE A . n 
A 1 129 VAL 129 287 287 VAL VAL A . n 
A 1 130 GLY 130 288 288 GLY GLY A . n 
A 1 131 THR 131 289 289 THR THR A . n 
A 1 132 ILE 132 290 290 ILE ILE A . n 
A 1 133 GLN 133 291 291 GLN GLN A . n 
A 1 134 ILE 134 292 292 ILE ILE A . n 
A 1 135 LYS 135 293 293 LYS LYS A . n 
A 1 136 TYR 136 294 294 TYR TYR A . n 
A 1 137 VAL 137 295 295 VAL VAL A . n 
A 1 138 LYS 138 296 296 LYS LYS A . n 
A 1 139 ILE 139 297 297 ILE ILE A . n 
A 1 140 THR 140 298 298 THR THR A . n 
A 1 141 HIS 141 299 299 HIS HIS A . n 
A 1 142 SER 142 300 300 SER SER A . n 
# 
loop_
_pdbx_branch_scheme.asym_id 
_pdbx_branch_scheme.entity_id 
_pdbx_branch_scheme.mon_id 
_pdbx_branch_scheme.num 
_pdbx_branch_scheme.pdb_asym_id 
_pdbx_branch_scheme.pdb_mon_id 
_pdbx_branch_scheme.pdb_seq_num 
_pdbx_branch_scheme.auth_asym_id 
_pdbx_branch_scheme.auth_mon_id 
_pdbx_branch_scheme.auth_seq_num 
_pdbx_branch_scheme.hetero 
B 2 XYP 1 B XYP 1 A XYP 903 n 
B 2 XYP 2 B XYP 2 A XYP 902 n 
B 2 XYP 3 B XYP 3 A XYP 901 n 
# 
loop_
_pdbx_nonpoly_scheme.asym_id 
_pdbx_nonpoly_scheme.entity_id 
_pdbx_nonpoly_scheme.mon_id 
_pdbx_nonpoly_scheme.ndb_seq_num 
_pdbx_nonpoly_scheme.pdb_seq_num 
_pdbx_nonpoly_scheme.auth_seq_num 
_pdbx_nonpoly_scheme.pdb_mon_id 
_pdbx_nonpoly_scheme.auth_mon_id 
_pdbx_nonpoly_scheme.pdb_strand_id 
_pdbx_nonpoly_scheme.pdb_ins_code 
C 3 HOH 1   1001 1   HOH HOH A . 
C 3 HOH 2   1002 2   HOH HOH A . 
C 3 HOH 3   1003 3   HOH HOH A . 
C 3 HOH 4   1004 4   HOH HOH A . 
C 3 HOH 5   1005 5   HOH HOH A . 
C 3 HOH 6   1006 6   HOH HOH A . 
C 3 HOH 7   1007 7   HOH HOH A . 
C 3 HOH 8   1008 8   HOH HOH A . 
C 3 HOH 9   1009 9   HOH HOH A . 
C 3 HOH 10  1010 10  HOH HOH A . 
C 3 HOH 11  1011 11  HOH HOH A . 
C 3 HOH 12  1012 12  HOH HOH A . 
C 3 HOH 13  1013 13  HOH HOH A . 
C 3 HOH 14  1014 15  HOH HOH A . 
C 3 HOH 15  1015 16  HOH HOH A . 
C 3 HOH 16  1016 17  HOH HOH A . 
C 3 HOH 17  1017 18  HOH HOH A . 
C 3 HOH 18  1018 19  HOH HOH A . 
C 3 HOH 19  1019 20  HOH HOH A . 
C 3 HOH 20  1020 21  HOH HOH A . 
C 3 HOH 21  1021 22  HOH HOH A . 
C 3 HOH 22  1022 23  HOH HOH A . 
C 3 HOH 23  1023 24  HOH HOH A . 
C 3 HOH 24  1024 25  HOH HOH A . 
C 3 HOH 25  1025 26  HOH HOH A . 
C 3 HOH 26  1026 27  HOH HOH A . 
C 3 HOH 27  1027 29  HOH HOH A . 
C 3 HOH 28  1028 30  HOH HOH A . 
C 3 HOH 29  1029 31  HOH HOH A . 
C 3 HOH 30  1030 32  HOH HOH A . 
C 3 HOH 31  1031 33  HOH HOH A . 
C 3 HOH 32  1032 34  HOH HOH A . 
C 3 HOH 33  1033 35  HOH HOH A . 
C 3 HOH 34  1034 36  HOH HOH A . 
C 3 HOH 35  1035 37  HOH HOH A . 
C 3 HOH 36  1036 38  HOH HOH A . 
C 3 HOH 37  1037 39  HOH HOH A . 
C 3 HOH 38  1038 40  HOH HOH A . 
C 3 HOH 39  1039 41  HOH HOH A . 
C 3 HOH 40  1040 42  HOH HOH A . 
C 3 HOH 41  1041 43  HOH HOH A . 
C 3 HOH 42  1042 44  HOH HOH A . 
C 3 HOH 43  1043 45  HOH HOH A . 
C 3 HOH 44  1044 46  HOH HOH A . 
C 3 HOH 45  1045 47  HOH HOH A . 
C 3 HOH 46  1046 48  HOH HOH A . 
C 3 HOH 47  1047 49  HOH HOH A . 
C 3 HOH 48  1048 50  HOH HOH A . 
C 3 HOH 49  1049 51  HOH HOH A . 
C 3 HOH 50  1050 52  HOH HOH A . 
C 3 HOH 51  1051 53  HOH HOH A . 
C 3 HOH 52  1052 54  HOH HOH A . 
C 3 HOH 53  1053 55  HOH HOH A . 
C 3 HOH 54  1054 56  HOH HOH A . 
C 3 HOH 55  1055 57  HOH HOH A . 
C 3 HOH 56  1056 58  HOH HOH A . 
C 3 HOH 57  1057 59  HOH HOH A . 
C 3 HOH 58  1058 60  HOH HOH A . 
C 3 HOH 59  1059 61  HOH HOH A . 
C 3 HOH 60  1060 62  HOH HOH A . 
C 3 HOH 61  1061 63  HOH HOH A . 
C 3 HOH 62  1062 64  HOH HOH A . 
C 3 HOH 63  1063 65  HOH HOH A . 
C 3 HOH 64  1064 66  HOH HOH A . 
C 3 HOH 65  1065 67  HOH HOH A . 
C 3 HOH 66  1066 68  HOH HOH A . 
C 3 HOH 67  1067 69  HOH HOH A . 
C 3 HOH 68  1068 70  HOH HOH A . 
C 3 HOH 69  1069 71  HOH HOH A . 
C 3 HOH 70  1070 72  HOH HOH A . 
C 3 HOH 71  1071 73  HOH HOH A . 
C 3 HOH 72  1072 74  HOH HOH A . 
C 3 HOH 73  1073 75  HOH HOH A . 
C 3 HOH 74  1074 76  HOH HOH A . 
C 3 HOH 75  1075 77  HOH HOH A . 
C 3 HOH 76  1076 78  HOH HOH A . 
C 3 HOH 77  1077 79  HOH HOH A . 
C 3 HOH 78  1078 80  HOH HOH A . 
C 3 HOH 79  1079 81  HOH HOH A . 
C 3 HOH 80  1080 82  HOH HOH A . 
C 3 HOH 81  1081 83  HOH HOH A . 
C 3 HOH 82  1082 84  HOH HOH A . 
C 3 HOH 83  1083 85  HOH HOH A . 
C 3 HOH 84  1084 86  HOH HOH A . 
C 3 HOH 85  1085 87  HOH HOH A . 
C 3 HOH 86  1086 88  HOH HOH A . 
C 3 HOH 87  1087 89  HOH HOH A . 
C 3 HOH 88  1088 90  HOH HOH A . 
C 3 HOH 89  1089 91  HOH HOH A . 
C 3 HOH 90  1090 92  HOH HOH A . 
C 3 HOH 91  1091 93  HOH HOH A . 
C 3 HOH 92  1092 94  HOH HOH A . 
C 3 HOH 93  1093 95  HOH HOH A . 
C 3 HOH 94  1094 96  HOH HOH A . 
C 3 HOH 95  1095 97  HOH HOH A . 
C 3 HOH 96  1096 98  HOH HOH A . 
C 3 HOH 97  1097 99  HOH HOH A . 
C 3 HOH 98  1098 100 HOH HOH A . 
C 3 HOH 99  1099 101 HOH HOH A . 
C 3 HOH 100 1100 102 HOH HOH A . 
C 3 HOH 101 1101 103 HOH HOH A . 
C 3 HOH 102 1102 104 HOH HOH A . 
C 3 HOH 103 1103 106 HOH HOH A . 
C 3 HOH 104 1104 107 HOH HOH A . 
C 3 HOH 105 1105 108 HOH HOH A . 
C 3 HOH 106 1106 109 HOH HOH A . 
C 3 HOH 107 1107 110 HOH HOH A . 
C 3 HOH 108 1108 111 HOH HOH A . 
C 3 HOH 109 1109 112 HOH HOH A . 
C 3 HOH 110 1110 113 HOH HOH A . 
C 3 HOH 111 1111 115 HOH HOH A . 
C 3 HOH 112 1112 116 HOH HOH A . 
C 3 HOH 113 1113 117 HOH HOH A . 
C 3 HOH 114 1114 118 HOH HOH A . 
C 3 HOH 115 1115 119 HOH HOH A . 
C 3 HOH 116 1116 121 HOH HOH A . 
C 3 HOH 117 1117 122 HOH HOH A . 
C 3 HOH 118 1118 123 HOH HOH A . 
C 3 HOH 119 1119 124 HOH HOH A . 
C 3 HOH 120 1120 125 HOH HOH A . 
C 3 HOH 121 1121 126 HOH HOH A . 
C 3 HOH 122 1122 127 HOH HOH A . 
C 3 HOH 123 1123 128 HOH HOH A . 
C 3 HOH 124 1124 129 HOH HOH A . 
C 3 HOH 125 1125 130 HOH HOH A . 
C 3 HOH 126 1126 131 HOH HOH A . 
C 3 HOH 127 1127 132 HOH HOH A . 
C 3 HOH 128 1128 133 HOH HOH A . 
C 3 HOH 129 1129 134 HOH HOH A . 
C 3 HOH 130 1130 135 HOH HOH A . 
C 3 HOH 131 1131 136 HOH HOH A . 
C 3 HOH 132 1132 137 HOH HOH A . 
C 3 HOH 133 1133 138 HOH HOH A . 
C 3 HOH 134 1134 139 HOH HOH A . 
C 3 HOH 135 1135 140 HOH HOH A . 
C 3 HOH 136 1136 141 HOH HOH A . 
C 3 HOH 137 1137 142 HOH HOH A . 
C 3 HOH 138 1138 143 HOH HOH A . 
C 3 HOH 139 1139 144 HOH HOH A . 
C 3 HOH 140 1140 145 HOH HOH A . 
C 3 HOH 141 1141 146 HOH HOH A . 
C 3 HOH 142 1142 147 HOH HOH A . 
C 3 HOH 143 1143 148 HOH HOH A . 
C 3 HOH 144 1144 149 HOH HOH A . 
C 3 HOH 145 1145 150 HOH HOH A . 
C 3 HOH 146 1146 151 HOH HOH A . 
C 3 HOH 147 1147 152 HOH HOH A . 
C 3 HOH 148 1148 153 HOH HOH A . 
C 3 HOH 149 1149 154 HOH HOH A . 
C 3 HOH 150 1150 155 HOH HOH A . 
C 3 HOH 151 1151 156 HOH HOH A . 
C 3 HOH 152 1152 157 HOH HOH A . 
C 3 HOH 153 1153 158 HOH HOH A . 
C 3 HOH 154 1154 159 HOH HOH A . 
C 3 HOH 155 1155 160 HOH HOH A . 
C 3 HOH 156 1156 161 HOH HOH A . 
C 3 HOH 157 1157 162 HOH HOH A . 
C 3 HOH 158 1158 163 HOH HOH A . 
C 3 HOH 159 1159 164 HOH HOH A . 
C 3 HOH 160 1160 165 HOH HOH A . 
C 3 HOH 161 1161 166 HOH HOH A . 
C 3 HOH 162 1162 167 HOH HOH A . 
C 3 HOH 163 1163 168 HOH HOH A . 
C 3 HOH 164 1164 169 HOH HOH A . 
C 3 HOH 165 1165 170 HOH HOH A . 
C 3 HOH 166 1166 171 HOH HOH A . 
C 3 HOH 167 1167 172 HOH HOH A . 
C 3 HOH 168 1168 173 HOH HOH A . 
C 3 HOH 169 1169 174 HOH HOH A . 
C 3 HOH 170 1170 175 HOH HOH A . 
C 3 HOH 171 1171 176 HOH HOH A . 
C 3 HOH 172 1172 177 HOH HOH A . 
C 3 HOH 173 1173 178 HOH HOH A . 
C 3 HOH 174 1174 179 HOH HOH A . 
C 3 HOH 175 1175 180 HOH HOH A . 
C 3 HOH 176 1176 181 HOH HOH A . 
C 3 HOH 177 1177 182 HOH HOH A . 
C 3 HOH 178 1178 183 HOH HOH A . 
C 3 HOH 179 1179 185 HOH HOH A . 
C 3 HOH 180 1180 186 HOH HOH A . 
C 3 HOH 181 1181 187 HOH HOH A . 
C 3 HOH 182 1182 188 HOH HOH A . 
C 3 HOH 183 1183 189 HOH HOH A . 
C 3 HOH 184 1184 190 HOH HOH A . 
C 3 HOH 185 1185 191 HOH HOH A . 
C 3 HOH 186 1186 192 HOH HOH A . 
C 3 HOH 187 1187 193 HOH HOH A . 
C 3 HOH 188 1188 194 HOH HOH A . 
C 3 HOH 189 1189 195 HOH HOH A . 
C 3 HOH 190 1190 196 HOH HOH A . 
C 3 HOH 191 1191 197 HOH HOH A . 
C 3 HOH 192 1192 198 HOH HOH A . 
C 3 HOH 193 1193 199 HOH HOH A . 
C 3 HOH 194 1194 200 HOH HOH A . 
C 3 HOH 195 1195 201 HOH HOH A . 
C 3 HOH 196 1196 202 HOH HOH A . 
C 3 HOH 197 1197 203 HOH HOH A . 
C 3 HOH 198 1198 204 HOH HOH A . 
C 3 HOH 199 1199 205 HOH HOH A . 
C 3 HOH 200 1200 206 HOH HOH A . 
C 3 HOH 201 1201 207 HOH HOH A . 
C 3 HOH 202 1202 208 HOH HOH A . 
C 3 HOH 203 1203 209 HOH HOH A . 
C 3 HOH 204 1204 210 HOH HOH A . 
C 3 HOH 205 1205 211 HOH HOH A . 
C 3 HOH 206 1206 212 HOH HOH A . 
C 3 HOH 207 1207 213 HOH HOH A . 
C 3 HOH 208 1208 214 HOH HOH A . 
C 3 HOH 209 1209 215 HOH HOH A . 
C 3 HOH 210 1210 216 HOH HOH A . 
C 3 HOH 211 1211 217 HOH HOH A . 
C 3 HOH 212 1212 218 HOH HOH A . 
C 3 HOH 213 1213 219 HOH HOH A . 
C 3 HOH 214 1214 220 HOH HOH A . 
C 3 HOH 215 1215 221 HOH HOH A . 
C 3 HOH 216 1216 222 HOH HOH A . 
C 3 HOH 217 1217 223 HOH HOH A . 
C 3 HOH 218 1218 224 HOH HOH A . 
C 3 HOH 219 1219 225 HOH HOH A . 
C 3 HOH 220 1220 226 HOH HOH A . 
C 3 HOH 221 1221 227 HOH HOH A . 
C 3 HOH 222 1222 228 HOH HOH A . 
C 3 HOH 223 1223 229 HOH HOH A . 
C 3 HOH 224 1224 230 HOH HOH A . 
C 3 HOH 225 1225 231 HOH HOH A . 
C 3 HOH 226 1226 232 HOH HOH A . 
C 3 HOH 227 1227 233 HOH HOH A . 
C 3 HOH 228 1228 234 HOH HOH A . 
C 3 HOH 229 1229 235 HOH HOH A . 
C 3 HOH 230 1230 236 HOH HOH A . 
C 3 HOH 231 1231 237 HOH HOH A . 
C 3 HOH 232 1232 238 HOH HOH A . 
C 3 HOH 233 1233 239 HOH HOH A . 
C 3 HOH 234 1234 240 HOH HOH A . 
C 3 HOH 235 1235 241 HOH HOH A . 
C 3 HOH 236 1236 242 HOH HOH A . 
C 3 HOH 237 1237 243 HOH HOH A . 
C 3 HOH 238 1238 244 HOH HOH A . 
C 3 HOH 239 1239 245 HOH HOH A . 
C 3 HOH 240 1240 246 HOH HOH A . 
C 3 HOH 241 1241 247 HOH HOH A . 
C 3 HOH 242 1242 248 HOH HOH A . 
C 3 HOH 243 1243 249 HOH HOH A . 
C 3 HOH 244 1244 250 HOH HOH A . 
C 3 HOH 245 1245 251 HOH HOH A . 
C 3 HOH 246 1246 252 HOH HOH A . 
C 3 HOH 247 1247 253 HOH HOH A . 
C 3 HOH 248 1248 254 HOH HOH A . 
C 3 HOH 249 1249 255 HOH HOH A . 
C 3 HOH 250 1250 256 HOH HOH A . 
C 3 HOH 251 1251 257 HOH HOH A . 
C 3 HOH 252 1252 258 HOH HOH A . 
C 3 HOH 253 1253 259 HOH HOH A . 
C 3 HOH 254 1254 260 HOH HOH A . 
C 3 HOH 255 1255 261 HOH HOH A . 
C 3 HOH 256 1256 262 HOH HOH A . 
C 3 HOH 257 1257 263 HOH HOH A . 
C 3 HOH 258 1258 264 HOH HOH A . 
C 3 HOH 259 1259 265 HOH HOH A . 
C 3 HOH 260 1260 266 HOH HOH A . 
C 3 HOH 261 1261 267 HOH HOH A . 
C 3 HOH 262 1262 268 HOH HOH A . 
C 3 HOH 263 1263 269 HOH HOH A . 
C 3 HOH 264 1264 270 HOH HOH A . 
C 3 HOH 265 1265 272 HOH HOH A . 
C 3 HOH 266 1266 273 HOH HOH A . 
C 3 HOH 267 1267 274 HOH HOH A . 
C 3 HOH 268 1268 275 HOH HOH A . 
C 3 HOH 269 1269 276 HOH HOH A . 
C 3 HOH 270 1270 277 HOH HOH A . 
C 3 HOH 271 1271 278 HOH HOH A . 
C 3 HOH 272 1272 279 HOH HOH A . 
C 3 HOH 273 1273 280 HOH HOH A . 
C 3 HOH 274 1274 281 HOH HOH A . 
C 3 HOH 275 1275 282 HOH HOH A . 
C 3 HOH 276 1276 283 HOH HOH A . 
C 3 HOH 277 1277 284 HOH HOH A . 
C 3 HOH 278 1278 285 HOH HOH A . 
C 3 HOH 279 1279 286 HOH HOH A . 
C 3 HOH 280 1280 287 HOH HOH A . 
C 3 HOH 281 1281 288 HOH HOH A . 
C 3 HOH 282 1282 290 HOH HOH A . 
C 3 HOH 283 1283 291 HOH HOH A . 
C 3 HOH 284 1284 292 HOH HOH A . 
C 3 HOH 285 1285 293 HOH HOH A . 
C 3 HOH 286 1286 294 HOH HOH A . 
C 3 HOH 287 1287 295 HOH HOH A . 
C 3 HOH 288 1288 296 HOH HOH A . 
C 3 HOH 289 1289 297 HOH HOH A . 
C 3 HOH 290 1290 298 HOH HOH A . 
C 3 HOH 291 1291 299 HOH HOH A . 
C 3 HOH 292 1292 300 HOH HOH A . 
C 3 HOH 293 1293 301 HOH HOH A . 
C 3 HOH 294 1294 302 HOH HOH A . 
C 3 HOH 295 1295 303 HOH HOH A . 
C 3 HOH 296 1296 304 HOH HOH A . 
C 3 HOH 297 1297 305 HOH HOH A . 
C 3 HOH 298 1298 306 HOH HOH A . 
C 3 HOH 299 1299 307 HOH HOH A . 
C 3 HOH 300 1300 308 HOH HOH A . 
C 3 HOH 301 1301 309 HOH HOH A . 
C 3 HOH 302 1302 310 HOH HOH A . 
C 3 HOH 303 1303 311 HOH HOH A . 
C 3 HOH 304 1304 312 HOH HOH A . 
C 3 HOH 305 1305 314 HOH HOH A . 
C 3 HOH 306 1306 315 HOH HOH A . 
C 3 HOH 307 1307 316 HOH HOH A . 
C 3 HOH 308 1308 318 HOH HOH A . 
C 3 HOH 309 1309 319 HOH HOH A . 
C 3 HOH 310 1310 320 HOH HOH A . 
C 3 HOH 311 1311 321 HOH HOH A . 
# 
loop_
_software.name 
_software.classification 
_software.version 
_software.citation_id 
_software.pdbx_ordinal 
HKL-2000 'data collection' .        ? 1 
PHASER   phasing           .        ? 2 
REFMAC   refinement        5.8.0049 ? 3 
autoPROC 'data scaling'    .        ? 4 
# 
_cell.entry_id           4QPW 
_cell.length_a           36.869 
_cell.length_b           57.049 
_cell.length_c           85.383 
_cell.angle_alpha        90.00 
_cell.angle_beta         90.00 
_cell.angle_gamma        90.00 
_cell.Z_PDB              4 
_cell.pdbx_unique_axis   ? 
# 
_symmetry.entry_id                         4QPW 
_symmetry.space_group_name_H-M             'P 21 21 21' 
_symmetry.pdbx_full_space_group_name_H-M   ? 
_symmetry.cell_setting                     ? 
_symmetry.Int_Tables_number                19 
# 
_exptl.entry_id          4QPW 
_exptl.method            'X-RAY DIFFRACTION' 
_exptl.crystals_number   1 
# 
_exptl_crystal.id                    1 
_exptl_crystal.density_meas          ? 
_exptl_crystal.density_Matthews      2.82 
_exptl_crystal.density_percent_sol   56.37 
_exptl_crystal.description           ? 
_exptl_crystal.F_000                 ? 
_exptl_crystal.preparation           ? 
# 
_exptl_crystal_grow.crystal_id      1 
_exptl_crystal_grow.method          'VAPOR DIFFUSION, SITTING DROP' 
_exptl_crystal_grow.temp            296 
_exptl_crystal_grow.temp_details    ? 
_exptl_crystal_grow.pH              6.5 
_exptl_crystal_grow.pdbx_details    
;1.6 M Sodium citrate pH 6.5 
5 mM Xylohexaose 
30 mg/mL, VAPOR DIFFUSION, SITTING DROP, temperature 296K
;
_exptl_crystal_grow.pdbx_pH_range   ? 
# 
_diffrn.id                     1 
_diffrn.ambient_temp           100 
_diffrn.ambient_temp_details   ? 
_diffrn.crystal_id             1 
# 
_diffrn_detector.diffrn_id              1 
_diffrn_detector.detector               CCD 
_diffrn_detector.type                   'MARMOSAIC 300 mm CCD' 
_diffrn_detector.pdbx_collection_date   2013-10-05 
_diffrn_detector.details                ? 
# 
_diffrn_radiation.diffrn_id                        1 
_diffrn_radiation.wavelength_id                    1 
_diffrn_radiation.pdbx_monochromatic_or_laue_m_l   M 
_diffrn_radiation.monochromator                    'C(111)' 
_diffrn_radiation.pdbx_diffrn_protocol             'SINGLE WAVELENGTH' 
_diffrn_radiation.pdbx_scattering_type             x-ray 
# 
_diffrn_radiation_wavelength.id           1 
_diffrn_radiation_wavelength.wavelength   0.97857 
_diffrn_radiation_wavelength.wt           1.0 
# 
_diffrn_source.diffrn_id                   1 
_diffrn_source.source                      SYNCHROTRON 
_diffrn_source.type                        'APS BEAMLINE 21-ID-G' 
_diffrn_source.pdbx_synchrotron_site       APS 
_diffrn_source.pdbx_synchrotron_beamline   21-ID-G 
_diffrn_source.pdbx_wavelength             ? 
_diffrn_source.pdbx_wavelength_list        0.97857 
# 
_reflns.entry_id                     4QPW 
_reflns.observed_criterion_sigma_I   0 
_reflns.observed_criterion_sigma_F   0 
_reflns.d_resolution_low             57.069 
_reflns.d_resolution_high            1.144 
_reflns.number_obs                   65859 
_reflns.number_all                   65859 
_reflns.percent_possible_obs         100 
_reflns.pdbx_Rmerge_I_obs            0.064 
_reflns.pdbx_Rsym_value              ? 
_reflns.pdbx_netI_over_sigmaI        16.2 
_reflns.B_iso_Wilson_estimate        ? 
_reflns.pdbx_redundancy              7.8 
_reflns.R_free_details               ? 
_reflns.limit_h_max                  ? 
_reflns.limit_h_min                  ? 
_reflns.limit_k_max                  ? 
_reflns.limit_k_min                  ? 
_reflns.limit_l_max                  ? 
_reflns.limit_l_min                  ? 
_reflns.observed_criterion_F_max     ? 
_reflns.observed_criterion_F_min     ? 
_reflns.pdbx_chi_squared             ? 
_reflns.pdbx_scaling_rejects         ? 
_reflns.pdbx_ordinal                 1 
_reflns.pdbx_diffrn_id               1 
# 
_reflns_shell.d_res_high             1.114 
_reflns_shell.d_res_low              1.148 
_reflns_shell.percent_possible_all   99.8 
_reflns_shell.Rmerge_I_obs           0.747 
_reflns_shell.pdbx_Rsym_value        ? 
_reflns_shell.meanI_over_sigI_obs    ? 
_reflns_shell.pdbx_redundancy        6.4 
_reflns_shell.percent_possible_obs   ? 
_reflns_shell.number_unique_all      652 
_reflns_shell.number_measured_all    ? 
_reflns_shell.number_measured_obs    ? 
_reflns_shell.number_unique_obs      ? 
_reflns_shell.pdbx_chi_squared       ? 
_reflns_shell.pdbx_ordinal           1 
_reflns_shell.pdbx_diffrn_id         1 
# 
_refine.entry_id                                 4QPW 
_refine.ls_number_reflns_obs                     62558 
_refine.ls_number_reflns_all                     62558 
_refine.pdbx_ls_sigma_I                          ? 
_refine.pdbx_ls_sigma_F                          0 
_refine.pdbx_data_cutoff_high_absF               ? 
_refine.pdbx_data_cutoff_low_absF                ? 
_refine.pdbx_data_cutoff_high_rms_absF           ? 
_refine.ls_d_res_low                             47.44 
_refine.ls_d_res_high                            1.14 
_refine.ls_percent_reflns_obs                    99.90 
_refine.ls_R_factor_obs                          0.16116 
_refine.ls_R_factor_all                          0.16116 
_refine.ls_R_factor_R_work                       0.16027 
_refine.ls_R_factor_R_free                       0.17827 
_refine.ls_R_factor_R_free_error                 ? 
_refine.ls_R_factor_R_free_error_details         ? 
_refine.ls_percent_reflns_R_free                 4.9 
_refine.ls_number_reflns_R_free                  3223 
_refine.ls_number_parameters                     ? 
_refine.ls_number_restraints                     ? 
_refine.occupancy_min                            ? 
_refine.occupancy_max                            ? 
_refine.correlation_coeff_Fo_to_Fc               0.976 
_refine.correlation_coeff_Fo_to_Fc_free          0.971 
_refine.B_iso_mean                               16.114 
_refine.aniso_B[1][1]                            0.16 
_refine.aniso_B[2][2]                            0.53 
_refine.aniso_B[3][3]                            -0.69 
_refine.aniso_B[1][2]                            0.00 
_refine.aniso_B[1][3]                            -0.00 
_refine.aniso_B[2][3]                            -0.00 
_refine.solvent_model_details                    MASK 
_refine.solvent_model_param_ksol                 ? 
_refine.solvent_model_param_bsol                 ? 
_refine.pdbx_solvent_vdw_probe_radii             1.20 
_refine.pdbx_solvent_ion_probe_radii             0.80 
_refine.pdbx_solvent_shrinkage_radii             0.80 
_refine.pdbx_ls_cross_valid_method               THROUGHOUT 
_refine.details                                  'HYDROGENS HAVE BEEN ADDED IN THE RIDING POSITIONS' 
_refine.pdbx_starting_model                      ? 
_refine.pdbx_method_to_determine_struct          'MOLECULAR REPLACEMENT' 
_refine.pdbx_isotropic_thermal_model             ? 
_refine.pdbx_stereochemistry_target_values       'MAXIMUM LIKELIHOOD' 
_refine.pdbx_stereochem_target_val_spec_case     ? 
_refine.pdbx_R_Free_selection_details            RANDOM 
_refine.pdbx_overall_ESU_R                       0.030 
_refine.pdbx_overall_ESU_R_Free                  0.032 
_refine.overall_SU_ML                            0.023 
_refine.pdbx_overall_phase_error                 ? 
_refine.overall_SU_B                             0.487 
_refine.overall_SU_R_Cruickshank_DPI             ? 
_refine.ls_redundancy_reflns_obs                 ? 
_refine.B_iso_min                                ? 
_refine.B_iso_max                                ? 
_refine.overall_SU_R_free                        ? 
_refine.ls_wR_factor_R_free                      ? 
_refine.ls_wR_factor_R_work                      ? 
_refine.overall_FOM_free_R_set                   ? 
_refine.overall_FOM_work_R_set                   ? 
_refine.pdbx_diffrn_id                           1 
_refine.pdbx_refine_id                           'X-RAY DIFFRACTION' 
_refine.pdbx_TLS_residual_ADP_flag               ? 
_refine.pdbx_overall_SU_R_free_Cruickshank_DPI   ? 
_refine.pdbx_overall_SU_R_Blow_DPI               ? 
_refine.pdbx_overall_SU_R_free_Blow_DPI          ? 
# 
_refine_hist.pdbx_refine_id                   'X-RAY DIFFRACTION' 
_refine_hist.cycle_id                         LAST 
_refine_hist.pdbx_number_atoms_protein        1122 
_refine_hist.pdbx_number_atoms_nucleic_acid   0 
_refine_hist.pdbx_number_atoms_ligand         28 
_refine_hist.number_atoms_solvent             311 
_refine_hist.number_atoms_total               1461 
_refine_hist.d_res_high                       1.14 
_refine_hist.d_res_low                        47.44 
# 
loop_
_refine_ls_restr.type 
_refine_ls_restr.dev_ideal 
_refine_ls_restr.dev_ideal_target 
_refine_ls_restr.weight 
_refine_ls_restr.number 
_refine_ls_restr.pdbx_restraint_function 
_refine_ls_restr.pdbx_refine_id 
r_bond_refined_d             0.031  0.019  ? 1182 ? 'X-RAY DIFFRACTION' 
r_bond_other_d               0.001  0.020  ? 1073 ? 'X-RAY DIFFRACTION' 
r_angle_refined_deg          2.361  1.948  ? 1596 ? 'X-RAY DIFFRACTION' 
r_angle_other_deg            0.965  3.000  ? 2488 ? 'X-RAY DIFFRACTION' 
r_dihedral_angle_1_deg       7.495  5.000  ? 143  ? 'X-RAY DIFFRACTION' 
r_dihedral_angle_2_deg       47.712 25.273 ? 55   ? 'X-RAY DIFFRACTION' 
r_dihedral_angle_3_deg       11.792 15.000 ? 199  ? 'X-RAY DIFFRACTION' 
r_dihedral_angle_4_deg       6.660  15.000 ? 2    ? 'X-RAY DIFFRACTION' 
r_chiral_restr               0.152  0.200  ? 175  ? 'X-RAY DIFFRACTION' 
r_gen_planes_refined         0.013  0.020  ? 1318 ? 'X-RAY DIFFRACTION' 
r_gen_planes_other           0.001  0.020  ? 272  ? 'X-RAY DIFFRACTION' 
r_nbd_refined                ?      ?      ? ?    ? 'X-RAY DIFFRACTION' 
r_nbd_other                  ?      ?      ? ?    ? 'X-RAY DIFFRACTION' 
r_nbtor_refined              ?      ?      ? ?    ? 'X-RAY DIFFRACTION' 
r_nbtor_other                ?      ?      ? ?    ? 'X-RAY DIFFRACTION' 
r_xyhbond_nbd_refined        ?      ?      ? ?    ? 'X-RAY DIFFRACTION' 
r_xyhbond_nbd_other          ?      ?      ? ?    ? 'X-RAY DIFFRACTION' 
r_metal_ion_refined          ?      ?      ? ?    ? 'X-RAY DIFFRACTION' 
r_metal_ion_other            ?      ?      ? ?    ? 'X-RAY DIFFRACTION' 
r_symmetry_vdw_refined       ?      ?      ? ?    ? 'X-RAY DIFFRACTION' 
r_symmetry_vdw_other         ?      ?      ? ?    ? 'X-RAY DIFFRACTION' 
r_symmetry_hbond_refined     ?      ?      ? ?    ? 'X-RAY DIFFRACTION' 
r_symmetry_hbond_other       ?      ?      ? ?    ? 'X-RAY DIFFRACTION' 
r_symmetry_metal_ion_refined ?      ?      ? ?    ? 'X-RAY DIFFRACTION' 
r_symmetry_metal_ion_other   ?      ?      ? ?    ? 'X-RAY DIFFRACTION' 
r_mcbond_it                  1.268  1.166  ? 569  ? 'X-RAY DIFFRACTION' 
r_mcbond_other               1.218  1.163  ? 568  ? 'X-RAY DIFFRACTION' 
r_mcangle_it                 1.788  1.758  ? 710  ? 'X-RAY DIFFRACTION' 
r_mcangle_other              1.805  1.760  ? 711  ? 'X-RAY DIFFRACTION' 
r_scbond_it                  3.372  1.468  ? 613  ? 'X-RAY DIFFRACTION' 
r_scbond_other               3.363  1.468  ? 613  ? 'X-RAY DIFFRACTION' 
r_scangle_it                 ?      ?      ? ?    ? 'X-RAY DIFFRACTION' 
r_scangle_other              4.873  2.091  ? 886  ? 'X-RAY DIFFRACTION' 
r_long_range_B_refined       8.666  14.239 ? 1582 ? 'X-RAY DIFFRACTION' 
r_long_range_B_other         7.763  11.485 ? 1372 ? 'X-RAY DIFFRACTION' 
r_rigid_bond_restr           ?      ?      ? ?    ? 'X-RAY DIFFRACTION' 
r_sphericity_free            ?      ?      ? ?    ? 'X-RAY DIFFRACTION' 
r_sphericity_bonded          ?      ?      ? ?    ? 'X-RAY DIFFRACTION' 
# 
_refine_ls_shell.pdbx_total_number_of_bins_used   20 
_refine_ls_shell.d_res_high                       1.144 
_refine_ls_shell.d_res_low                        1.174 
_refine_ls_shell.number_reflns_R_work             4566 
_refine_ls_shell.R_factor_R_work                  0.255 
_refine_ls_shell.percent_reflns_obs               100.00 
_refine_ls_shell.R_factor_R_free                  0.256 
_refine_ls_shell.R_factor_R_free_error            ? 
_refine_ls_shell.percent_reflns_R_free            ? 
_refine_ls_shell.number_reflns_R_free             250 
_refine_ls_shell.number_reflns_all                ? 
_refine_ls_shell.R_factor_all                     ? 
_refine_ls_shell.number_reflns_obs                ? 
_refine_ls_shell.redundancy_reflns_obs            ? 
_refine_ls_shell.pdbx_refine_id                   'X-RAY DIFFRACTION' 
# 
_struct.entry_id                  4QPW 
_struct.title                     'BiXyn10A CBM1 with Xylohexaose Bound' 
_struct.pdbx_model_details        ? 
_struct.pdbx_CASP_flag            ? 
_struct.pdbx_model_type_details   ? 
# 
_struct_keywords.entry_id        4QPW 
_struct_keywords.pdbx_keywords   HYDROLASE 
_struct_keywords.text            'Carbohydrate-Binding Module (CBM), hydrolase' 
# 
loop_
_struct_asym.id 
_struct_asym.pdbx_blank_PDB_chainid_flag 
_struct_asym.pdbx_modified 
_struct_asym.entity_id 
_struct_asym.details 
A N N 1 ? 
B N N 2 ? 
C N N 3 ? 
# 
_struct_ref.id                         1 
_struct_ref.db_name                    UNP 
_struct_ref.db_code                    B3CET4_9BACE 
_struct_ref.pdbx_db_accession          B3CET4 
_struct_ref.entity_id                  1 
_struct_ref.pdbx_seq_one_letter_code   
;MKYTKNILGTMLLMAVVTASCVDDKPLAFEVEKPASIAGMEYLNDYDVLKSYVNSSANPDFKLGIALAANDYIAGGQVTQ
LANSNFVEMTAGNAMKYASCVNENGEMNFGTVENFVSAAKAGGLTIYGHTLAWHAQQNNKFLNSLIKDKEMDVDPDAKVD
KVDYEIDYSTAGYSFWNEVNEEVKETTTIGKNDTEGCLEIKTSVAASQNHFIQYHTADNLPIEIGKEYKLKMMVRGSAEG
KLNFGVGPWSGRAEGSFSFNTEWKEYEFSFKAVADGGHVMTQSGLFVGTIQIKYVKITHSEAPVMEIFTDIIANGDAEGS
ETTNFVSTHVGGTNGACDIVDGVGKDGSRAFVITSAGGGVNSWDTQFFLYADRPLVDKEVVHISFDYRADVPNKSESQTH
AAPGAYIHYDGGCAVDFTTEWQHFEKTITINTTLSPTENMQTFAWNLDVGVPNAPANKYYFDNIKLQIVTKGNSIPLTPE
EKKDTLTWAMNNWVEGMMKATGGYVTAWDVVNEAISGVGNDEGFYTLQSASNVSPEDAKNNFYWQDYLGNVDYVRIVVAA
ARKHYAENGGTAPLKLFVNDYNLESDWDDNKKVKSLVHWIEKWEADGVTKIDGIGTQMHVSCYANAATQKSKEDHVVKMF
EILAESGKLVKISELDMGYIDENNTSVKTENMTEAQHKAMAEYYKFIVKKYFEIIPPAQQYGITQWCATDAPSDSGWRGG
EPVGLWDSNYSRKHTYAGFADGLAGK
;
_struct_ref.pdbx_align_begin           1 
_struct_ref.pdbx_db_isoform            ? 
# 
_struct_ref_seq.align_id                      1 
_struct_ref_seq.ref_id                        1 
_struct_ref_seq.pdbx_PDB_id_code              4QPW 
_struct_ref_seq.pdbx_strand_id                A 
_struct_ref_seq.seq_align_beg                 1 
_struct_ref_seq.pdbx_seq_align_beg_ins_code   ? 
_struct_ref_seq.seq_align_end                 142 
_struct_ref_seq.pdbx_seq_align_end_ins_code   ? 
_struct_ref_seq.pdbx_db_accession             B3CET4 
_struct_ref_seq.db_align_beg                  159 
_struct_ref_seq.pdbx_db_align_beg_ins_code    ? 
_struct_ref_seq.db_align_end                  300 
_struct_ref_seq.pdbx_db_align_end_ins_code    ? 
_struct_ref_seq.pdbx_auth_seq_align_beg       159 
_struct_ref_seq.pdbx_auth_seq_align_end       300 
# 
_pdbx_struct_assembly.id                   1 
_pdbx_struct_assembly.details              author_and_software_defined_assembly 
_pdbx_struct_assembly.method_details       PISA 
_pdbx_struct_assembly.oligomeric_details   monomeric 
_pdbx_struct_assembly.oligomeric_count     1 
# 
_pdbx_struct_assembly_gen.assembly_id       1 
_pdbx_struct_assembly_gen.oper_expression   1 
_pdbx_struct_assembly_gen.asym_id_list      A,B,C 
# 
_pdbx_struct_oper_list.id                   1 
_pdbx_struct_oper_list.type                 'identity operation' 
_pdbx_struct_oper_list.name                 1_555 
_pdbx_struct_oper_list.symmetry_operation   x,y,z 
_pdbx_struct_oper_list.matrix[1][1]         1.0000000000 
_pdbx_struct_oper_list.matrix[1][2]         0.0000000000 
_pdbx_struct_oper_list.matrix[1][3]         0.0000000000 
_pdbx_struct_oper_list.vector[1]            0.0000000000 
_pdbx_struct_oper_list.matrix[2][1]         0.0000000000 
_pdbx_struct_oper_list.matrix[2][2]         1.0000000000 
_pdbx_struct_oper_list.matrix[2][3]         0.0000000000 
_pdbx_struct_oper_list.vector[2]            0.0000000000 
_pdbx_struct_oper_list.matrix[3][1]         0.0000000000 
_pdbx_struct_oper_list.matrix[3][2]         0.0000000000 
_pdbx_struct_oper_list.matrix[3][3]         1.0000000000 
_pdbx_struct_oper_list.vector[3]            0.0000000000 
# 
_struct_biol.id        1 
_struct_biol.details   ? 
# 
loop_
_struct_conf.conf_type_id 
_struct_conf.id 
_struct_conf.pdbx_PDB_helix_id 
_struct_conf.beg_label_comp_id 
_struct_conf.beg_label_asym_id 
_struct_conf.beg_label_seq_id 
_struct_conf.pdbx_beg_PDB_ins_code 
_struct_conf.end_label_comp_id 
_struct_conf.end_label_asym_id 
_struct_conf.end_label_seq_id 
_struct_conf.pdbx_end_PDB_ins_code 
_struct_conf.beg_auth_comp_id 
_struct_conf.beg_auth_asym_id 
_struct_conf.beg_auth_seq_id 
_struct_conf.end_auth_comp_id 
_struct_conf.end_auth_asym_id 
_struct_conf.end_auth_seq_id 
_struct_conf.pdbx_PDB_helix_class 
_struct_conf.details 
_struct_conf.pdbx_PDB_helix_length 
HELX_P HELX_P1 1 GLU A 23 ? GLU A 27 ? GLU A 181 GLU A 185 5 ? 5 
HELX_P HELX_P2 2 GLN A 50 ? HIS A 52 ? GLN A 208 HIS A 210 5 ? 3 
# 
_struct_conf_type.id          HELX_P 
_struct_conf_type.criteria    ? 
_struct_conf_type.reference   ? 
# 
loop_
_struct_conn.id 
_struct_conn.conn_type_id 
_struct_conn.pdbx_leaving_atom_flag 
_struct_conn.pdbx_PDB_id 
_struct_conn.ptnr1_label_asym_id 
_struct_conn.ptnr1_label_comp_id 
_struct_conn.ptnr1_label_seq_id 
_struct_conn.ptnr1_label_atom_id 
_struct_conn.pdbx_ptnr1_label_alt_id 
_struct_conn.pdbx_ptnr1_PDB_ins_code 
_struct_conn.pdbx_ptnr1_standard_comp_id 
_struct_conn.ptnr1_symmetry 
_struct_conn.ptnr2_label_asym_id 
_struct_conn.ptnr2_label_comp_id 
_struct_conn.ptnr2_label_seq_id 
_struct_conn.ptnr2_label_atom_id 
_struct_conn.pdbx_ptnr2_label_alt_id 
_struct_conn.pdbx_ptnr2_PDB_ins_code 
_struct_conn.ptnr1_auth_asym_id 
_struct_conn.ptnr1_auth_comp_id 
_struct_conn.ptnr1_auth_seq_id 
_struct_conn.ptnr2_auth_asym_id 
_struct_conn.ptnr2_auth_comp_id 
_struct_conn.ptnr2_auth_seq_id 
_struct_conn.ptnr2_symmetry 
_struct_conn.pdbx_ptnr3_label_atom_id 
_struct_conn.pdbx_ptnr3_label_seq_id 
_struct_conn.pdbx_ptnr3_label_comp_id 
_struct_conn.pdbx_ptnr3_label_asym_id 
_struct_conn.pdbx_ptnr3_label_alt_id 
_struct_conn.pdbx_ptnr3_PDB_ins_code 
_struct_conn.details 
_struct_conn.pdbx_dist_value 
_struct_conn.pdbx_value_order 
_struct_conn.pdbx_role 
covale1 covale both ? B XYP . O4 ? ? ? 1_555 B XYP . C1 ? ? B XYP 1 B XYP 2 1_555 ? ? ? ? ? ? ? 1.425 ? ? 
covale2 covale both ? B XYP . O4 ? ? ? 1_555 B XYP . C1 ? ? B XYP 2 B XYP 3 1_555 ? ? ? ? ? ? ? 1.394 ? ? 
# 
_struct_conn_type.id          covale 
_struct_conn_type.criteria    ? 
_struct_conn_type.reference   ? 
# 
loop_
_struct_sheet.id 
_struct_sheet.type 
_struct_sheet.number_strands 
_struct_sheet.details 
A ? 4 ? 
B ? 4 ? 
C ? 5 ? 
# 
loop_
_struct_sheet_order.sheet_id 
_struct_sheet_order.range_id_1 
_struct_sheet_order.range_id_2 
_struct_sheet_order.offset 
_struct_sheet_order.sense 
A 1 2 ? anti-parallel 
A 2 3 ? anti-parallel 
A 3 4 ? anti-parallel 
B 1 2 ? anti-parallel 
B 2 3 ? anti-parallel 
B 3 4 ? anti-parallel 
C 1 2 ? anti-parallel 
C 2 3 ? anti-parallel 
C 3 4 ? anti-parallel 
C 4 5 ? anti-parallel 
# 
loop_
_struct_sheet_range.sheet_id 
_struct_sheet_range.id 
_struct_sheet_range.beg_label_comp_id 
_struct_sheet_range.beg_label_asym_id 
_struct_sheet_range.beg_label_seq_id 
_struct_sheet_range.pdbx_beg_PDB_ins_code 
_struct_sheet_range.end_label_comp_id 
_struct_sheet_range.end_label_asym_id 
_struct_sheet_range.end_label_seq_id 
_struct_sheet_range.pdbx_end_PDB_ins_code 
_struct_sheet_range.beg_auth_comp_id 
_struct_sheet_range.beg_auth_asym_id 
_struct_sheet_range.beg_auth_seq_id 
_struct_sheet_range.end_auth_comp_id 
_struct_sheet_range.end_auth_asym_id 
_struct_sheet_range.end_auth_seq_id 
A 1 LYS A 3   ? ASP A 9   ? LYS A 161 ASP A 167 
A 2 GLY A 130 ? HIS A 141 ? GLY A 288 HIS A 299 
A 3 CYS A 39  ? THR A 44  ? CYS A 197 THR A 202 
A 4 THR A 29  ? ASN A 34  ? THR A 187 ASN A 192 
B 1 LYS A 3   ? ASP A 9   ? LYS A 161 ASP A 167 
B 2 GLY A 130 ? HIS A 141 ? GLY A 288 HIS A 299 
B 3 GLU A 69  ? GLY A 78  ? GLU A 227 GLY A 236 
B 4 LYS A 106 ? LYS A 113 ? LYS A 264 LYS A 271 
C 1 ASN A 19  ? VAL A 21  ? ASN A 177 VAL A 179 
C 2 ILE A 54  ? HIS A 57  ? ILE A 212 HIS A 215 
C 3 HIS A 120 ? GLN A 124 ? HIS A 278 GLN A 282 
C 4 GLY A 82  ? GLY A 89  ? GLY A 240 GLY A 247 
C 5 ALA A 95  ? PHE A 101 ? ALA A 253 PHE A 259 
# 
loop_
_pdbx_struct_sheet_hbond.sheet_id 
_pdbx_struct_sheet_hbond.range_id_1 
_pdbx_struct_sheet_hbond.range_id_2 
_pdbx_struct_sheet_hbond.range_1_label_atom_id 
_pdbx_struct_sheet_hbond.range_1_label_comp_id 
_pdbx_struct_sheet_hbond.range_1_label_asym_id 
_pdbx_struct_sheet_hbond.range_1_label_seq_id 
_pdbx_struct_sheet_hbond.range_1_PDB_ins_code 
_pdbx_struct_sheet_hbond.range_1_auth_atom_id 
_pdbx_struct_sheet_hbond.range_1_auth_comp_id 
_pdbx_struct_sheet_hbond.range_1_auth_asym_id 
_pdbx_struct_sheet_hbond.range_1_auth_seq_id 
_pdbx_struct_sheet_hbond.range_2_label_atom_id 
_pdbx_struct_sheet_hbond.range_2_label_comp_id 
_pdbx_struct_sheet_hbond.range_2_label_asym_id 
_pdbx_struct_sheet_hbond.range_2_label_seq_id 
_pdbx_struct_sheet_hbond.range_2_PDB_ins_code 
_pdbx_struct_sheet_hbond.range_2_auth_atom_id 
_pdbx_struct_sheet_hbond.range_2_auth_comp_id 
_pdbx_struct_sheet_hbond.range_2_auth_asym_id 
_pdbx_struct_sheet_hbond.range_2_auth_seq_id 
A 1 2 N ILE A 8   ? N ILE A 166 O VAL A 137 ? O VAL A 295 
A 2 3 O ILE A 132 ? O ILE A 290 N ILE A 42  ? N ILE A 200 
A 3 4 O CYS A 39  ? O CYS A 197 N ASN A 34  ? N ASN A 192 
B 1 2 N ILE A 8   ? N ILE A 166 O VAL A 137 ? O VAL A 295 
B 2 3 O GLN A 133 ? O GLN A 291 N ARG A 77  ? N ARG A 235 
B 3 4 N MET A 74  ? N MET A 232 O TYR A 108 ? O TYR A 266 
C 1 2 N GLU A 20  ? N GLU A 178 O GLN A 55  ? O GLN A 213 
C 2 3 N TYR A 56  ? N TYR A 214 O THR A 123 ? O THR A 281 
C 3 4 O GLN A 124 ? O GLN A 282 N ASN A 85  ? N ASN A 243 
C 4 5 N LEU A 84  ? N LEU A 242 O PHE A 99  ? O PHE A 257 
# 
loop_
_pdbx_validate_close_contact.id 
_pdbx_validate_close_contact.PDB_model_num 
_pdbx_validate_close_contact.auth_atom_id_1 
_pdbx_validate_close_contact.auth_asym_id_1 
_pdbx_validate_close_contact.auth_comp_id_1 
_pdbx_validate_close_contact.auth_seq_id_1 
_pdbx_validate_close_contact.PDB_ins_code_1 
_pdbx_validate_close_contact.label_alt_id_1 
_pdbx_validate_close_contact.auth_atom_id_2 
_pdbx_validate_close_contact.auth_asym_id_2 
_pdbx_validate_close_contact.auth_comp_id_2 
_pdbx_validate_close_contact.auth_seq_id_2 
_pdbx_validate_close_contact.PDB_ins_code_2 
_pdbx_validate_close_contact.label_alt_id_2 
_pdbx_validate_close_contact.dist 
1 1 SD A MET 233  ? ? O A HOH 1305 ? ? 1.87 
2 1 O  A THR 170  ? ? O A HOH 1291 ? ? 1.94 
3 1 O  A HOH 1295 ? ? O A HOH 1296 ? ? 2.05 
4 1 O  A HOH 1045 ? ? O A HOH 1279 ? ? 2.11 
5 1 O  A HOH 1200 ? ? O A HOH 1292 ? ? 2.14 
6 1 NZ A LYS 161  ? ? O A HOH 1213 ? ? 2.14 
7 1 O  A HOH 1186 ? ? O A HOH 1230 ? ? 2.15 
# 
loop_
_pdbx_validate_symm_contact.id 
_pdbx_validate_symm_contact.PDB_model_num 
_pdbx_validate_symm_contact.auth_atom_id_1 
_pdbx_validate_symm_contact.auth_asym_id_1 
_pdbx_validate_symm_contact.auth_comp_id_1 
_pdbx_validate_symm_contact.auth_seq_id_1 
_pdbx_validate_symm_contact.PDB_ins_code_1 
_pdbx_validate_symm_contact.label_alt_id_1 
_pdbx_validate_symm_contact.site_symmetry_1 
_pdbx_validate_symm_contact.auth_atom_id_2 
_pdbx_validate_symm_contact.auth_asym_id_2 
_pdbx_validate_symm_contact.auth_comp_id_2 
_pdbx_validate_symm_contact.auth_seq_id_2 
_pdbx_validate_symm_contact.PDB_ins_code_2 
_pdbx_validate_symm_contact.label_alt_id_2 
_pdbx_validate_symm_contact.site_symmetry_2 
_pdbx_validate_symm_contact.dist 
1 1 O A HOH 1170 ? ? 1_555 O A HOH 1299 ? ? 4_545 1.86 
2 1 O A HOH 1255 ? ? 1_555 O A HOH 1262 ? ? 4_545 2.15 
3 1 O A HOH 1071 ? ? 1_555 O A HOH 1268 ? ? 3_545 2.18 
# 
loop_
_pdbx_validate_rmsd_bond.id 
_pdbx_validate_rmsd_bond.PDB_model_num 
_pdbx_validate_rmsd_bond.auth_atom_id_1 
_pdbx_validate_rmsd_bond.auth_asym_id_1 
_pdbx_validate_rmsd_bond.auth_comp_id_1 
_pdbx_validate_rmsd_bond.auth_seq_id_1 
_pdbx_validate_rmsd_bond.PDB_ins_code_1 
_pdbx_validate_rmsd_bond.label_alt_id_1 
_pdbx_validate_rmsd_bond.auth_atom_id_2 
_pdbx_validate_rmsd_bond.auth_asym_id_2 
_pdbx_validate_rmsd_bond.auth_comp_id_2 
_pdbx_validate_rmsd_bond.auth_seq_id_2 
_pdbx_validate_rmsd_bond.PDB_ins_code_2 
_pdbx_validate_rmsd_bond.label_alt_id_2 
_pdbx_validate_rmsd_bond.bond_value 
_pdbx_validate_rmsd_bond.bond_target_value 
_pdbx_validate_rmsd_bond.bond_deviation 
_pdbx_validate_rmsd_bond.bond_standard_deviation 
_pdbx_validate_rmsd_bond.linker_flag 
1 1 CB A SER 169 ? ? OG  A SER 169 ? ? 1.501 1.418 0.083  0.013 N 
2 1 CD A GLU 178 ? ? OE1 A GLU 178 ? ? 1.181 1.252 -0.071 0.011 N 
3 1 CB A THR 188 ? ? OG1 A THR 188 ? ? 1.301 1.428 -0.127 0.020 N 
4 1 CG A PHE 211 ? ? CD1 A PHE 211 ? ? 1.283 1.383 -0.100 0.015 N 
5 1 C  A PRO 221 ? ? O   A PRO 221 ? ? 1.360 1.228 0.132  0.020 N 
# 
loop_
_pdbx_validate_rmsd_angle.id 
_pdbx_validate_rmsd_angle.PDB_model_num 
_pdbx_validate_rmsd_angle.auth_atom_id_1 
_pdbx_validate_rmsd_angle.auth_asym_id_1 
_pdbx_validate_rmsd_angle.auth_comp_id_1 
_pdbx_validate_rmsd_angle.auth_seq_id_1 
_pdbx_validate_rmsd_angle.PDB_ins_code_1 
_pdbx_validate_rmsd_angle.label_alt_id_1 
_pdbx_validate_rmsd_angle.auth_atom_id_2 
_pdbx_validate_rmsd_angle.auth_asym_id_2 
_pdbx_validate_rmsd_angle.auth_comp_id_2 
_pdbx_validate_rmsd_angle.auth_seq_id_2 
_pdbx_validate_rmsd_angle.PDB_ins_code_2 
_pdbx_validate_rmsd_angle.label_alt_id_2 
_pdbx_validate_rmsd_angle.auth_atom_id_3 
_pdbx_validate_rmsd_angle.auth_asym_id_3 
_pdbx_validate_rmsd_angle.auth_comp_id_3 
_pdbx_validate_rmsd_angle.auth_seq_id_3 
_pdbx_validate_rmsd_angle.PDB_ins_code_3 
_pdbx_validate_rmsd_angle.label_alt_id_3 
_pdbx_validate_rmsd_angle.angle_value 
_pdbx_validate_rmsd_angle.angle_target_value 
_pdbx_validate_rmsd_angle.angle_deviation 
_pdbx_validate_rmsd_angle.angle_standard_deviation 
_pdbx_validate_rmsd_angle.linker_flag 
1 1 OE1 A GLU 178 ? ? CD A GLU 178 ? ? OE2 A GLU 178 ? ? 115.46 123.30 -7.84 1.20 N 
2 1 OE1 A GLU 182 ? ? CD A GLU 182 ? ? OE2 A GLU 182 ? ? 115.11 123.30 -8.19 1.20 N 
3 1 CB  A ASP 218 ? ? CG A ASP 218 ? ? OD2 A ASP 218 ? ? 112.37 118.30 -5.93 0.90 N 
4 1 CG  A MET 232 ? A SD A MET 232 ? A CE  A MET 232 ? A 90.35  100.20 -9.85 1.60 N 
5 1 NE  A ARG 235 ? ? CZ A ARG 235 ? ? NH2 A ARG 235 ? ? 117.18 120.30 -3.12 0.50 N 
6 1 CB  A ASP 275 ? ? CG A ASP 275 ? ? OD1 A ASP 275 ? ? 126.78 118.30 8.48  0.90 N 
# 
loop_
_pdbx_validate_torsion.id 
_pdbx_validate_torsion.PDB_model_num 
_pdbx_validate_torsion.auth_comp_id 
_pdbx_validate_torsion.auth_asym_id 
_pdbx_validate_torsion.auth_seq_id 
_pdbx_validate_torsion.PDB_ins_code 
_pdbx_validate_torsion.label_alt_id 
_pdbx_validate_torsion.phi 
_pdbx_validate_torsion.psi 
1 1 PRO A 221 ? ? -95.59  45.94 
2 1 SER A 283 ? ? -150.16 27.24 
# 
_pdbx_validate_main_chain_plane.id                       1 
_pdbx_validate_main_chain_plane.PDB_model_num            1 
_pdbx_validate_main_chain_plane.auth_comp_id             PRO 
_pdbx_validate_main_chain_plane.auth_asym_id             A 
_pdbx_validate_main_chain_plane.auth_seq_id              221 
_pdbx_validate_main_chain_plane.PDB_ins_code             ? 
_pdbx_validate_main_chain_plane.label_alt_id             ? 
_pdbx_validate_main_chain_plane.improper_torsion_angle   13.34 
# 
_pdbx_molecule_features.prd_id    PRD_900117 
_pdbx_molecule_features.name      4beta-beta-xylotriose 
_pdbx_molecule_features.type      Oligosaccharide 
_pdbx_molecule_features.class     Metabolism 
_pdbx_molecule_features.details   oligosaccharide 
# 
_pdbx_molecule.instance_id   1 
_pdbx_molecule.prd_id        PRD_900117 
_pdbx_molecule.asym_id       B 
# 
loop_
_chem_comp_atom.comp_id 
_chem_comp_atom.atom_id 
_chem_comp_atom.type_symbol 
_chem_comp_atom.pdbx_aromatic_flag 
_chem_comp_atom.pdbx_stereo_config 
_chem_comp_atom.pdbx_ordinal 
ALA N    N N N 1   
ALA CA   C N S 2   
ALA C    C N N 3   
ALA O    O N N 4   
ALA CB   C N N 5   
ALA OXT  O N N 6   
ALA H    H N N 7   
ALA H2   H N N 8   
ALA HA   H N N 9   
ALA HB1  H N N 10  
ALA HB2  H N N 11  
ALA HB3  H N N 12  
ALA HXT  H N N 13  
ARG N    N N N 14  
ARG CA   C N S 15  
ARG C    C N N 16  
ARG O    O N N 17  
ARG CB   C N N 18  
ARG CG   C N N 19  
ARG CD   C N N 20  
ARG NE   N N N 21  
ARG CZ   C N N 22  
ARG NH1  N N N 23  
ARG NH2  N N N 24  
ARG OXT  O N N 25  
ARG H    H N N 26  
ARG H2   H N N 27  
ARG HA   H N N 28  
ARG HB2  H N N 29  
ARG HB3  H N N 30  
ARG HG2  H N N 31  
ARG HG3  H N N 32  
ARG HD2  H N N 33  
ARG HD3  H N N 34  
ARG HE   H N N 35  
ARG HH11 H N N 36  
ARG HH12 H N N 37  
ARG HH21 H N N 38  
ARG HH22 H N N 39  
ARG HXT  H N N 40  
ASN N    N N N 41  
ASN CA   C N S 42  
ASN C    C N N 43  
ASN O    O N N 44  
ASN CB   C N N 45  
ASN CG   C N N 46  
ASN OD1  O N N 47  
ASN ND2  N N N 48  
ASN OXT  O N N 49  
ASN H    H N N 50  
ASN H2   H N N 51  
ASN HA   H N N 52  
ASN HB2  H N N 53  
ASN HB3  H N N 54  
ASN HD21 H N N 55  
ASN HD22 H N N 56  
ASN HXT  H N N 57  
ASP N    N N N 58  
ASP CA   C N S 59  
ASP C    C N N 60  
ASP O    O N N 61  
ASP CB   C N N 62  
ASP CG   C N N 63  
ASP OD1  O N N 64  
ASP OD2  O N N 65  
ASP OXT  O N N 66  
ASP H    H N N 67  
ASP H2   H N N 68  
ASP HA   H N N 69  
ASP HB2  H N N 70  
ASP HB3  H N N 71  
ASP HD2  H N N 72  
ASP HXT  H N N 73  
CYS N    N N N 74  
CYS CA   C N R 75  
CYS C    C N N 76  
CYS O    O N N 77  
CYS CB   C N N 78  
CYS SG   S N N 79  
CYS OXT  O N N 80  
CYS H    H N N 81  
CYS H2   H N N 82  
CYS HA   H N N 83  
CYS HB2  H N N 84  
CYS HB3  H N N 85  
CYS HG   H N N 86  
CYS HXT  H N N 87  
GLN N    N N N 88  
GLN CA   C N S 89  
GLN C    C N N 90  
GLN O    O N N 91  
GLN CB   C N N 92  
GLN CG   C N N 93  
GLN CD   C N N 94  
GLN OE1  O N N 95  
GLN NE2  N N N 96  
GLN OXT  O N N 97  
GLN H    H N N 98  
GLN H2   H N N 99  
GLN HA   H N N 100 
GLN HB2  H N N 101 
GLN HB3  H N N 102 
GLN HG2  H N N 103 
GLN HG3  H N N 104 
GLN HE21 H N N 105 
GLN HE22 H N N 106 
GLN HXT  H N N 107 
GLU N    N N N 108 
GLU CA   C N S 109 
GLU C    C N N 110 
GLU O    O N N 111 
GLU CB   C N N 112 
GLU CG   C N N 113 
GLU CD   C N N 114 
GLU OE1  O N N 115 
GLU OE2  O N N 116 
GLU OXT  O N N 117 
GLU H    H N N 118 
GLU H2   H N N 119 
GLU HA   H N N 120 
GLU HB2  H N N 121 
GLU HB3  H N N 122 
GLU HG2  H N N 123 
GLU HG3  H N N 124 
GLU HE2  H N N 125 
GLU HXT  H N N 126 
GLY N    N N N 127 
GLY CA   C N N 128 
GLY C    C N N 129 
GLY O    O N N 130 
GLY OXT  O N N 131 
GLY H    H N N 132 
GLY H2   H N N 133 
GLY HA2  H N N 134 
GLY HA3  H N N 135 
GLY HXT  H N N 136 
HIS N    N N N 137 
HIS CA   C N S 138 
HIS C    C N N 139 
HIS O    O N N 140 
HIS CB   C N N 141 
HIS CG   C Y N 142 
HIS ND1  N Y N 143 
HIS CD2  C Y N 144 
HIS CE1  C Y N 145 
HIS NE2  N Y N 146 
HIS OXT  O N N 147 
HIS H    H N N 148 
HIS H2   H N N 149 
HIS HA   H N N 150 
HIS HB2  H N N 151 
HIS HB3  H N N 152 
HIS HD1  H N N 153 
HIS HD2  H N N 154 
HIS HE1  H N N 155 
HIS HE2  H N N 156 
HIS HXT  H N N 157 
HOH O    O N N 158 
HOH H1   H N N 159 
HOH H2   H N N 160 
ILE N    N N N 161 
ILE CA   C N S 162 
ILE C    C N N 163 
ILE O    O N N 164 
ILE CB   C N S 165 
ILE CG1  C N N 166 
ILE CG2  C N N 167 
ILE CD1  C N N 168 
ILE OXT  O N N 169 
ILE H    H N N 170 
ILE H2   H N N 171 
ILE HA   H N N 172 
ILE HB   H N N 173 
ILE HG12 H N N 174 
ILE HG13 H N N 175 
ILE HG21 H N N 176 
ILE HG22 H N N 177 
ILE HG23 H N N 178 
ILE HD11 H N N 179 
ILE HD12 H N N 180 
ILE HD13 H N N 181 
ILE HXT  H N N 182 
LEU N    N N N 183 
LEU CA   C N S 184 
LEU C    C N N 185 
LEU O    O N N 186 
LEU CB   C N N 187 
LEU CG   C N N 188 
LEU CD1  C N N 189 
LEU CD2  C N N 190 
LEU OXT  O N N 191 
LEU H    H N N 192 
LEU H2   H N N 193 
LEU HA   H N N 194 
LEU HB2  H N N 195 
LEU HB3  H N N 196 
LEU HG   H N N 197 
LEU HD11 H N N 198 
LEU HD12 H N N 199 
LEU HD13 H N N 200 
LEU HD21 H N N 201 
LEU HD22 H N N 202 
LEU HD23 H N N 203 
LEU HXT  H N N 204 
LYS N    N N N 205 
LYS CA   C N S 206 
LYS C    C N N 207 
LYS O    O N N 208 
LYS CB   C N N 209 
LYS CG   C N N 210 
LYS CD   C N N 211 
LYS CE   C N N 212 
LYS NZ   N N N 213 
LYS OXT  O N N 214 
LYS H    H N N 215 
LYS H2   H N N 216 
LYS HA   H N N 217 
LYS HB2  H N N 218 
LYS HB3  H N N 219 
LYS HG2  H N N 220 
LYS HG3  H N N 221 
LYS HD2  H N N 222 
LYS HD3  H N N 223 
LYS HE2  H N N 224 
LYS HE3  H N N 225 
LYS HZ1  H N N 226 
LYS HZ2  H N N 227 
LYS HZ3  H N N 228 
LYS HXT  H N N 229 
MET N    N N N 230 
MET CA   C N S 231 
MET C    C N N 232 
MET O    O N N 233 
MET CB   C N N 234 
MET CG   C N N 235 
MET SD   S N N 236 
MET CE   C N N 237 
MET OXT  O N N 238 
MET H    H N N 239 
MET H2   H N N 240 
MET HA   H N N 241 
MET HB2  H N N 242 
MET HB3  H N N 243 
MET HG2  H N N 244 
MET HG3  H N N 245 
MET HE1  H N N 246 
MET HE2  H N N 247 
MET HE3  H N N 248 
MET HXT  H N N 249 
PHE N    N N N 250 
PHE CA   C N S 251 
PHE C    C N N 252 
PHE O    O N N 253 
PHE CB   C N N 254 
PHE CG   C Y N 255 
PHE CD1  C Y N 256 
PHE CD2  C Y N 257 
PHE CE1  C Y N 258 
PHE CE2  C Y N 259 
PHE CZ   C Y N 260 
PHE OXT  O N N 261 
PHE H    H N N 262 
PHE H2   H N N 263 
PHE HA   H N N 264 
PHE HB2  H N N 265 
PHE HB3  H N N 266 
PHE HD1  H N N 267 
PHE HD2  H N N 268 
PHE HE1  H N N 269 
PHE HE2  H N N 270 
PHE HZ   H N N 271 
PHE HXT  H N N 272 
PRO N    N N N 273 
PRO CA   C N S 274 
PRO C    C N N 275 
PRO O    O N N 276 
PRO CB   C N N 277 
PRO CG   C N N 278 
PRO CD   C N N 279 
PRO OXT  O N N 280 
PRO H    H N N 281 
PRO HA   H N N 282 
PRO HB2  H N N 283 
PRO HB3  H N N 284 
PRO HG2  H N N 285 
PRO HG3  H N N 286 
PRO HD2  H N N 287 
PRO HD3  H N N 288 
PRO HXT  H N N 289 
SER N    N N N 290 
SER CA   C N S 291 
SER C    C N N 292 
SER O    O N N 293 
SER CB   C N N 294 
SER OG   O N N 295 
SER OXT  O N N 296 
SER H    H N N 297 
SER H2   H N N 298 
SER HA   H N N 299 
SER HB2  H N N 300 
SER HB3  H N N 301 
SER HG   H N N 302 
SER HXT  H N N 303 
THR N    N N N 304 
THR CA   C N S 305 
THR C    C N N 306 
THR O    O N N 307 
THR CB   C N R 308 
THR OG1  O N N 309 
THR CG2  C N N 310 
THR OXT  O N N 311 
THR H    H N N 312 
THR H2   H N N 313 
THR HA   H N N 314 
THR HB   H N N 315 
THR HG1  H N N 316 
THR HG21 H N N 317 
THR HG22 H N N 318 
THR HG23 H N N 319 
THR HXT  H N N 320 
TRP N    N N N 321 
TRP CA   C N S 322 
TRP C    C N N 323 
TRP O    O N N 324 
TRP CB   C N N 325 
TRP CG   C Y N 326 
TRP CD1  C Y N 327 
TRP CD2  C Y N 328 
TRP NE1  N Y N 329 
TRP CE2  C Y N 330 
TRP CE3  C Y N 331 
TRP CZ2  C Y N 332 
TRP CZ3  C Y N 333 
TRP CH2  C Y N 334 
TRP OXT  O N N 335 
TRP H    H N N 336 
TRP H2   H N N 337 
TRP HA   H N N 338 
TRP HB2  H N N 339 
TRP HB3  H N N 340 
TRP HD1  H N N 341 
TRP HE1  H N N 342 
TRP HE3  H N N 343 
TRP HZ2  H N N 344 
TRP HZ3  H N N 345 
TRP HH2  H N N 346 
TRP HXT  H N N 347 
TYR N    N N N 348 
TYR CA   C N S 349 
TYR C    C N N 350 
TYR O    O N N 351 
TYR CB   C N N 352 
TYR CG   C Y N 353 
TYR CD1  C Y N 354 
TYR CD2  C Y N 355 
TYR CE1  C Y N 356 
TYR CE2  C Y N 357 
TYR CZ   C Y N 358 
TYR OH   O N N 359 
TYR OXT  O N N 360 
TYR H    H N N 361 
TYR H2   H N N 362 
TYR HA   H N N 363 
TYR HB2  H N N 364 
TYR HB3  H N N 365 
TYR HD1  H N N 366 
TYR HD2  H N N 367 
TYR HE1  H N N 368 
TYR HE2  H N N 369 
TYR HH   H N N 370 
TYR HXT  H N N 371 
VAL N    N N N 372 
VAL CA   C N S 373 
VAL C    C N N 374 
VAL O    O N N 375 
VAL CB   C N N 376 
VAL CG1  C N N 377 
VAL CG2  C N N 378 
VAL OXT  O N N 379 
VAL H    H N N 380 
VAL H2   H N N 381 
VAL HA   H N N 382 
VAL HB   H N N 383 
VAL HG11 H N N 384 
VAL HG12 H N N 385 
VAL HG13 H N N 386 
VAL HG21 H N N 387 
VAL HG22 H N N 388 
VAL HG23 H N N 389 
VAL HXT  H N N 390 
XYP O1   O N N 391 
XYP C1   C N R 392 
XYP C2   C N R 393 
XYP C3   C N S 394 
XYP C4   C N R 395 
XYP C5   C N N 396 
XYP O2   O N N 397 
XYP O3   O N N 398 
XYP O4   O N N 399 
XYP O5   O N N 400 
XYP HO1  H N N 401 
XYP H1   H N N 402 
XYP H2   H N N 403 
XYP H3   H N N 404 
XYP H4   H N N 405 
XYP H51  H N N 406 
XYP H52  H N N 407 
XYP HO2  H N N 408 
XYP HO3  H N N 409 
XYP HO4  H N N 410 
# 
loop_
_chem_comp_bond.comp_id 
_chem_comp_bond.atom_id_1 
_chem_comp_bond.atom_id_2 
_chem_comp_bond.value_order 
_chem_comp_bond.pdbx_aromatic_flag 
_chem_comp_bond.pdbx_stereo_config 
_chem_comp_bond.pdbx_ordinal 
ALA N   CA   sing N N 1   
ALA N   H    sing N N 2   
ALA N   H2   sing N N 3   
ALA CA  C    sing N N 4   
ALA CA  CB   sing N N 5   
ALA CA  HA   sing N N 6   
ALA C   O    doub N N 7   
ALA C   OXT  sing N N 8   
ALA CB  HB1  sing N N 9   
ALA CB  HB2  sing N N 10  
ALA CB  HB3  sing N N 11  
ALA OXT HXT  sing N N 12  
ARG N   CA   sing N N 13  
ARG N   H    sing N N 14  
ARG N   H2   sing N N 15  
ARG CA  C    sing N N 16  
ARG CA  CB   sing N N 17  
ARG CA  HA   sing N N 18  
ARG C   O    doub N N 19  
ARG C   OXT  sing N N 20  
ARG CB  CG   sing N N 21  
ARG CB  HB2  sing N N 22  
ARG CB  HB3  sing N N 23  
ARG CG  CD   sing N N 24  
ARG CG  HG2  sing N N 25  
ARG CG  HG3  sing N N 26  
ARG CD  NE   sing N N 27  
ARG CD  HD2  sing N N 28  
ARG CD  HD3  sing N N 29  
ARG NE  CZ   sing N N 30  
ARG NE  HE   sing N N 31  
ARG CZ  NH1  sing N N 32  
ARG CZ  NH2  doub N N 33  
ARG NH1 HH11 sing N N 34  
ARG NH1 HH12 sing N N 35  
ARG NH2 HH21 sing N N 36  
ARG NH2 HH22 sing N N 37  
ARG OXT HXT  sing N N 38  
ASN N   CA   sing N N 39  
ASN N   H    sing N N 40  
ASN N   H2   sing N N 41  
ASN CA  C    sing N N 42  
ASN CA  CB   sing N N 43  
ASN CA  HA   sing N N 44  
ASN C   O    doub N N 45  
ASN C   OXT  sing N N 46  
ASN CB  CG   sing N N 47  
ASN CB  HB2  sing N N 48  
ASN CB  HB3  sing N N 49  
ASN CG  OD1  doub N N 50  
ASN CG  ND2  sing N N 51  
ASN ND2 HD21 sing N N 52  
ASN ND2 HD22 sing N N 53  
ASN OXT HXT  sing N N 54  
ASP N   CA   sing N N 55  
ASP N   H    sing N N 56  
ASP N   H2   sing N N 57  
ASP CA  C    sing N N 58  
ASP CA  CB   sing N N 59  
ASP CA  HA   sing N N 60  
ASP C   O    doub N N 61  
ASP C   OXT  sing N N 62  
ASP CB  CG   sing N N 63  
ASP CB  HB2  sing N N 64  
ASP CB  HB3  sing N N 65  
ASP CG  OD1  doub N N 66  
ASP CG  OD2  sing N N 67  
ASP OD2 HD2  sing N N 68  
ASP OXT HXT  sing N N 69  
CYS N   CA   sing N N 70  
CYS N   H    sing N N 71  
CYS N   H2   sing N N 72  
CYS CA  C    sing N N 73  
CYS CA  CB   sing N N 74  
CYS CA  HA   sing N N 75  
CYS C   O    doub N N 76  
CYS C   OXT  sing N N 77  
CYS CB  SG   sing N N 78  
CYS CB  HB2  sing N N 79  
CYS CB  HB3  sing N N 80  
CYS SG  HG   sing N N 81  
CYS OXT HXT  sing N N 82  
GLN N   CA   sing N N 83  
GLN N   H    sing N N 84  
GLN N   H2   sing N N 85  
GLN CA  C    sing N N 86  
GLN CA  CB   sing N N 87  
GLN CA  HA   sing N N 88  
GLN C   O    doub N N 89  
GLN C   OXT  sing N N 90  
GLN CB  CG   sing N N 91  
GLN CB  HB2  sing N N 92  
GLN CB  HB3  sing N N 93  
GLN CG  CD   sing N N 94  
GLN CG  HG2  sing N N 95  
GLN CG  HG3  sing N N 96  
GLN CD  OE1  doub N N 97  
GLN CD  NE2  sing N N 98  
GLN NE2 HE21 sing N N 99  
GLN NE2 HE22 sing N N 100 
GLN OXT HXT  sing N N 101 
GLU N   CA   sing N N 102 
GLU N   H    sing N N 103 
GLU N   H2   sing N N 104 
GLU CA  C    sing N N 105 
GLU CA  CB   sing N N 106 
GLU CA  HA   sing N N 107 
GLU C   O    doub N N 108 
GLU C   OXT  sing N N 109 
GLU CB  CG   sing N N 110 
GLU CB  HB2  sing N N 111 
GLU CB  HB3  sing N N 112 
GLU CG  CD   sing N N 113 
GLU CG  HG2  sing N N 114 
GLU CG  HG3  sing N N 115 
GLU CD  OE1  doub N N 116 
GLU CD  OE2  sing N N 117 
GLU OE2 HE2  sing N N 118 
GLU OXT HXT  sing N N 119 
GLY N   CA   sing N N 120 
GLY N   H    sing N N 121 
GLY N   H2   sing N N 122 
GLY CA  C    sing N N 123 
GLY CA  HA2  sing N N 124 
GLY CA  HA3  sing N N 125 
GLY C   O    doub N N 126 
GLY C   OXT  sing N N 127 
GLY OXT HXT  sing N N 128 
HIS N   CA   sing N N 129 
HIS N   H    sing N N 130 
HIS N   H2   sing N N 131 
HIS CA  C    sing N N 132 
HIS CA  CB   sing N N 133 
HIS CA  HA   sing N N 134 
HIS C   O    doub N N 135 
HIS C   OXT  sing N N 136 
HIS CB  CG   sing N N 137 
HIS CB  HB2  sing N N 138 
HIS CB  HB3  sing N N 139 
HIS CG  ND1  sing Y N 140 
HIS CG  CD2  doub Y N 141 
HIS ND1 CE1  doub Y N 142 
HIS ND1 HD1  sing N N 143 
HIS CD2 NE2  sing Y N 144 
HIS CD2 HD2  sing N N 145 
HIS CE1 NE2  sing Y N 146 
HIS CE1 HE1  sing N N 147 
HIS NE2 HE2  sing N N 148 
HIS OXT HXT  sing N N 149 
HOH O   H1   sing N N 150 
HOH O   H2   sing N N 151 
ILE N   CA   sing N N 152 
ILE N   H    sing N N 153 
ILE N   H2   sing N N 154 
ILE CA  C    sing N N 155 
ILE CA  CB   sing N N 156 
ILE CA  HA   sing N N 157 
ILE C   O    doub N N 158 
ILE C   OXT  sing N N 159 
ILE CB  CG1  sing N N 160 
ILE CB  CG2  sing N N 161 
ILE CB  HB   sing N N 162 
ILE CG1 CD1  sing N N 163 
ILE CG1 HG12 sing N N 164 
ILE CG1 HG13 sing N N 165 
ILE CG2 HG21 sing N N 166 
ILE CG2 HG22 sing N N 167 
ILE CG2 HG23 sing N N 168 
ILE CD1 HD11 sing N N 169 
ILE CD1 HD12 sing N N 170 
ILE CD1 HD13 sing N N 171 
ILE OXT HXT  sing N N 172 
LEU N   CA   sing N N 173 
LEU N   H    sing N N 174 
LEU N   H2   sing N N 175 
LEU CA  C    sing N N 176 
LEU CA  CB   sing N N 177 
LEU CA  HA   sing N N 178 
LEU C   O    doub N N 179 
LEU C   OXT  sing N N 180 
LEU CB  CG   sing N N 181 
LEU CB  HB2  sing N N 182 
LEU CB  HB3  sing N N 183 
LEU CG  CD1  sing N N 184 
LEU CG  CD2  sing N N 185 
LEU CG  HG   sing N N 186 
LEU CD1 HD11 sing N N 187 
LEU CD1 HD12 sing N N 188 
LEU CD1 HD13 sing N N 189 
LEU CD2 HD21 sing N N 190 
LEU CD2 HD22 sing N N 191 
LEU CD2 HD23 sing N N 192 
LEU OXT HXT  sing N N 193 
LYS N   CA   sing N N 194 
LYS N   H    sing N N 195 
LYS N   H2   sing N N 196 
LYS CA  C    sing N N 197 
LYS CA  CB   sing N N 198 
LYS CA  HA   sing N N 199 
LYS C   O    doub N N 200 
LYS C   OXT  sing N N 201 
LYS CB  CG   sing N N 202 
LYS CB  HB2  sing N N 203 
LYS CB  HB3  sing N N 204 
LYS CG  CD   sing N N 205 
LYS CG  HG2  sing N N 206 
LYS CG  HG3  sing N N 207 
LYS CD  CE   sing N N 208 
LYS CD  HD2  sing N N 209 
LYS CD  HD3  sing N N 210 
LYS CE  NZ   sing N N 211 
LYS CE  HE2  sing N N 212 
LYS CE  HE3  sing N N 213 
LYS NZ  HZ1  sing N N 214 
LYS NZ  HZ2  sing N N 215 
LYS NZ  HZ3  sing N N 216 
LYS OXT HXT  sing N N 217 
MET N   CA   sing N N 218 
MET N   H    sing N N 219 
MET N   H2   sing N N 220 
MET CA  C    sing N N 221 
MET CA  CB   sing N N 222 
MET CA  HA   sing N N 223 
MET C   O    doub N N 224 
MET C   OXT  sing N N 225 
MET CB  CG   sing N N 226 
MET CB  HB2  sing N N 227 
MET CB  HB3  sing N N 228 
MET CG  SD   sing N N 229 
MET CG  HG2  sing N N 230 
MET CG  HG3  sing N N 231 
MET SD  CE   sing N N 232 
MET CE  HE1  sing N N 233 
MET CE  HE2  sing N N 234 
MET CE  HE3  sing N N 235 
MET OXT HXT  sing N N 236 
PHE N   CA   sing N N 237 
PHE N   H    sing N N 238 
PHE N   H2   sing N N 239 
PHE CA  C    sing N N 240 
PHE CA  CB   sing N N 241 
PHE CA  HA   sing N N 242 
PHE C   O    doub N N 243 
PHE C   OXT  sing N N 244 
PHE CB  CG   sing N N 245 
PHE CB  HB2  sing N N 246 
PHE CB  HB3  sing N N 247 
PHE CG  CD1  doub Y N 248 
PHE CG  CD2  sing Y N 249 
PHE CD1 CE1  sing Y N 250 
PHE CD1 HD1  sing N N 251 
PHE CD2 CE2  doub Y N 252 
PHE CD2 HD2  sing N N 253 
PHE CE1 CZ   doub Y N 254 
PHE CE1 HE1  sing N N 255 
PHE CE2 CZ   sing Y N 256 
PHE CE2 HE2  sing N N 257 
PHE CZ  HZ   sing N N 258 
PHE OXT HXT  sing N N 259 
PRO N   CA   sing N N 260 
PRO N   CD   sing N N 261 
PRO N   H    sing N N 262 
PRO CA  C    sing N N 263 
PRO CA  CB   sing N N 264 
PRO CA  HA   sing N N 265 
PRO C   O    doub N N 266 
PRO C   OXT  sing N N 267 
PRO CB  CG   sing N N 268 
PRO CB  HB2  sing N N 269 
PRO CB  HB3  sing N N 270 
PRO CG  CD   sing N N 271 
PRO CG  HG2  sing N N 272 
PRO CG  HG3  sing N N 273 
PRO CD  HD2  sing N N 274 
PRO CD  HD3  sing N N 275 
PRO OXT HXT  sing N N 276 
SER N   CA   sing N N 277 
SER N   H    sing N N 278 
SER N   H2   sing N N 279 
SER CA  C    sing N N 280 
SER CA  CB   sing N N 281 
SER CA  HA   sing N N 282 
SER C   O    doub N N 283 
SER C   OXT  sing N N 284 
SER CB  OG   sing N N 285 
SER CB  HB2  sing N N 286 
SER CB  HB3  sing N N 287 
SER OG  HG   sing N N 288 
SER OXT HXT  sing N N 289 
THR N   CA   sing N N 290 
THR N   H    sing N N 291 
THR N   H2   sing N N 292 
THR CA  C    sing N N 293 
THR CA  CB   sing N N 294 
THR CA  HA   sing N N 295 
THR C   O    doub N N 296 
THR C   OXT  sing N N 297 
THR CB  OG1  sing N N 298 
THR CB  CG2  sing N N 299 
THR CB  HB   sing N N 300 
THR OG1 HG1  sing N N 301 
THR CG2 HG21 sing N N 302 
THR CG2 HG22 sing N N 303 
THR CG2 HG23 sing N N 304 
THR OXT HXT  sing N N 305 
TRP N   CA   sing N N 306 
TRP N   H    sing N N 307 
TRP N   H2   sing N N 308 
TRP CA  C    sing N N 309 
TRP CA  CB   sing N N 310 
TRP CA  HA   sing N N 311 
TRP C   O    doub N N 312 
TRP C   OXT  sing N N 313 
TRP CB  CG   sing N N 314 
TRP CB  HB2  sing N N 315 
TRP CB  HB3  sing N N 316 
TRP CG  CD1  doub Y N 317 
TRP CG  CD2  sing Y N 318 
TRP CD1 NE1  sing Y N 319 
TRP CD1 HD1  sing N N 320 
TRP CD2 CE2  doub Y N 321 
TRP CD2 CE3  sing Y N 322 
TRP NE1 CE2  sing Y N 323 
TRP NE1 HE1  sing N N 324 
TRP CE2 CZ2  sing Y N 325 
TRP CE3 CZ3  doub Y N 326 
TRP CE3 HE3  sing N N 327 
TRP CZ2 CH2  doub Y N 328 
TRP CZ2 HZ2  sing N N 329 
TRP CZ3 CH2  sing Y N 330 
TRP CZ3 HZ3  sing N N 331 
TRP CH2 HH2  sing N N 332 
TRP OXT HXT  sing N N 333 
TYR N   CA   sing N N 334 
TYR N   H    sing N N 335 
TYR N   H2   sing N N 336 
TYR CA  C    sing N N 337 
TYR CA  CB   sing N N 338 
TYR CA  HA   sing N N 339 
TYR C   O    doub N N 340 
TYR C   OXT  sing N N 341 
TYR CB  CG   sing N N 342 
TYR CB  HB2  sing N N 343 
TYR CB  HB3  sing N N 344 
TYR CG  CD1  doub Y N 345 
TYR CG  CD2  sing Y N 346 
TYR CD1 CE1  sing Y N 347 
TYR CD1 HD1  sing N N 348 
TYR CD2 CE2  doub Y N 349 
TYR CD2 HD2  sing N N 350 
TYR CE1 CZ   doub Y N 351 
TYR CE1 HE1  sing N N 352 
TYR CE2 CZ   sing Y N 353 
TYR CE2 HE2  sing N N 354 
TYR CZ  OH   sing N N 355 
TYR OH  HH   sing N N 356 
TYR OXT HXT  sing N N 357 
VAL N   CA   sing N N 358 
VAL N   H    sing N N 359 
VAL N   H2   sing N N 360 
VAL CA  C    sing N N 361 
VAL CA  CB   sing N N 362 
VAL CA  HA   sing N N 363 
VAL C   O    doub N N 364 
VAL C   OXT  sing N N 365 
VAL CB  CG1  sing N N 366 
VAL CB  CG2  sing N N 367 
VAL CB  HB   sing N N 368 
VAL CG1 HG11 sing N N 369 
VAL CG1 HG12 sing N N 370 
VAL CG1 HG13 sing N N 371 
VAL CG2 HG21 sing N N 372 
VAL CG2 HG22 sing N N 373 
VAL CG2 HG23 sing N N 374 
VAL OXT HXT  sing N N 375 
XYP O1  C1   sing N N 376 
XYP O1  HO1  sing N N 377 
XYP C1  C2   sing N N 378 
XYP C1  O5   sing N N 379 
XYP C1  H1   sing N N 380 
XYP C2  C3   sing N N 381 
XYP C2  O2   sing N N 382 
XYP C2  H2   sing N N 383 
XYP C3  C4   sing N N 384 
XYP C3  O3   sing N N 385 
XYP C3  H3   sing N N 386 
XYP C4  C5   sing N N 387 
XYP C4  O4   sing N N 388 
XYP C4  H4   sing N N 389 
XYP C5  O5   sing N N 390 
XYP C5  H51  sing N N 391 
XYP C5  H52  sing N N 392 
XYP O2  HO2  sing N N 393 
XYP O3  HO3  sing N N 394 
XYP O4  HO4  sing N N 395 
# 
loop_
_pdbx_entity_branch_list.entity_id 
_pdbx_entity_branch_list.comp_id 
_pdbx_entity_branch_list.num 
_pdbx_entity_branch_list.hetero 
2 XYP 1 n 
2 XYP 2 n 
2 XYP 3 n 
# 
_atom_sites.entry_id                    4QPW 
_atom_sites.fract_transf_matrix[1][1]   -0.02087464 
_atom_sites.fract_transf_matrix[1][2]   -0.00155739 
_atom_sites.fract_transf_matrix[1][3]   -0.01724764 
_atom_sites.fract_transf_matrix[2][1]   0.01088606 
_atom_sites.fract_transf_matrix[2][2]   -0.00523482 
_atom_sites.fract_transf_matrix[2][3]   -0.01270261 
_atom_sites.fract_transf_matrix[3][1]   -0.00173683 
_atom_sites.fract_transf_matrix[3][2]   -0.01115729 
_atom_sites.fract_transf_matrix[3][3]   0.00310953 
_atom_sites.fract_transf_vector[1]      -0.213478 
_atom_sites.fract_transf_vector[2]      -0.264974 
_atom_sites.fract_transf_vector[3]      0.120549 
# 
loop_
_atom_type.symbol 
C 
N 
O 
S 
# 
loop_
_atom_site.group_PDB 
_atom_site.id 
_atom_site.type_symbol 
_atom_site.label_atom_id 
_atom_site.label_alt_id 
_atom_site.label_comp_id 
_atom_site.label_asym_id 
_atom_site.label_entity_id 
_atom_site.label_seq_id 
_atom_site.pdbx_PDB_ins_code 
_atom_site.Cartn_x 
_atom_site.Cartn_y 
_atom_site.Cartn_z 
_atom_site.occupancy 
_atom_site.B_iso_or_equiv 
_atom_site.pdbx_formal_charge 
_atom_site.auth_seq_id 
_atom_site.auth_comp_id 
_atom_site.auth_asym_id 
_atom_site.auth_atom_id 
_atom_site.pdbx_PDB_model_num 
ATOM   1    N N   . VAL A 1 1   ? 19.331  10.957  -8.900  1.00 13.00 ? 159  VAL A N   1 
ATOM   2    C CA  . VAL A 1 1   ? 17.984  11.376  -8.477  1.00 12.35 ? 159  VAL A CA  1 
ATOM   3    C C   . VAL A 1 1   ? 16.997  10.292  -8.843  1.00 10.91 ? 159  VAL A C   1 
ATOM   4    O O   . VAL A 1 1   ? 17.055  9.694   -9.955  1.00 12.58 ? 159  VAL A O   1 
ATOM   5    C CB  . VAL A 1 1   ? 17.612  12.704  -9.152  1.00 14.96 ? 159  VAL A CB  1 
ATOM   6    C CG1 . VAL A 1 1   ? 16.180  13.112  -8.992  1.00 17.08 ? 159  VAL A CG1 1 
ATOM   7    C CG2 . VAL A 1 1   ? 18.600  13.810  -8.740  1.00 18.24 ? 159  VAL A CG2 1 
ATOM   8    N N   . ASP A 1 2   ? 16.063  10.047  -7.960  1.00 10.26 ? 160  ASP A N   1 
ATOM   9    C CA  . ASP A 1 2   ? 14.916  9.128   -8.224  1.00 9.72  ? 160  ASP A CA  1 
ATOM   10   C C   . ASP A 1 2   ? 13.822  9.990   -8.779  1.00 10.35 ? 160  ASP A C   1 
ATOM   11   O O   . ASP A 1 2   ? 13.060  10.667  -8.045  1.00 10.41 ? 160  ASP A O   1 
ATOM   12   C CB  . ASP A 1 2   ? 14.530  8.436   -6.960  1.00 10.03 ? 160  ASP A CB  1 
ATOM   13   C CG  . ASP A 1 2   ? 15.499  7.360   -6.506  1.00 10.40 ? 160  ASP A CG  1 
ATOM   14   O OD1 . ASP A 1 2   ? 16.169  6.727   -7.339  1.00 11.79 ? 160  ASP A OD1 1 
ATOM   15   O OD2 . ASP A 1 2   ? 15.490  7.041   -5.280  1.00 10.77 ? 160  ASP A OD2 1 
ATOM   16   N N   . LYS A 1 3   ? 13.756  10.102  -10.110 1.00 10.51 ? 161  LYS A N   1 
ATOM   17   C CA  . LYS A 1 3   ? 12.755  10.876  -10.824 1.00 10.56 ? 161  LYS A CA  1 
ATOM   18   C C   . LYS A 1 3   ? 11.372  10.272  -10.616 1.00 10.16 ? 161  LYS A C   1 
ATOM   19   O O   . LYS A 1 3   ? 11.234  9.064   -10.711 1.00 10.51 ? 161  LYS A O   1 
ATOM   20   C CB  . LYS A 1 3   ? 13.099  10.837  -12.318 1.00 12.84 ? 161  LYS A CB  1 
ATOM   21   C CG  . LYS A 1 3   ? 12.254  11.706  -13.203 1.00 17.90 ? 161  LYS A CG  1 
ATOM   22   C CD  . LYS A 1 3   ? 12.800  11.704  -14.655 1.00 26.22 ? 161  LYS A CD  1 
ATOM   23   C CE  . LYS A 1 3   ? 14.317  11.864  -14.750 1.00 38.42 ? 161  LYS A CE  1 
ATOM   24   N NZ  . LYS A 1 3   ? 14.784  11.580  -16.156 1.00 47.56 ? 161  LYS A NZ  1 
ATOM   25   N N   . VAL A 1 4   ? 10.392  11.119  -10.314 1.00 9.66  ? 162  VAL A N   1 
ATOM   26   C CA  . VAL A 1 4   ? 9.072   10.621  -9.907  1.00 10.13 ? 162  VAL A CA  1 
ATOM   27   C C   . VAL A 1 4   ? 8.176   10.400  -11.147 1.00 10.08 ? 162  VAL A C   1 
ATOM   28   O O   . VAL A 1 4   ? 7.863   11.391  -11.876 1.00 12.18 ? 162  VAL A O   1 
ATOM   29   C CB  . VAL A 1 4   ? 8.403   11.553  -8.944  1.00 10.05 ? 162  VAL A CB  1 
ATOM   30   C CG1 . VAL A 1 4   ? 7.008   11.085  -8.553  1.00 11.49 ? 162  VAL A CG1 1 
ATOM   31   C CG2 . VAL A 1 4   ? 9.300   11.648  -7.676  1.00 11.36 ? 162  VAL A CG2 1 
ATOM   32   N N   . ASP A 1 5   ? 7.855   9.188   -11.421 1.00 8.83  ? 163  ASP A N   1 
ATOM   33   C CA  . ASP A 1 5   ? 6.900   8.856   -12.492 1.00 9.65  ? 163  ASP A CA  1 
ATOM   34   C C   . ASP A 1 5   ? 5.475   9.105   -12.048 1.00 9.28  ? 163  ASP A C   1 
ATOM   35   O O   . ASP A 1 5   ? 4.621   9.551   -12.886 1.00 10.72 ? 163  ASP A O   1 
ATOM   36   C CB  . ASP A 1 5   ? 7.054   7.369   -12.882 1.00 10.95 ? 163  ASP A CB  1 
ATOM   37   C CG  . ASP A 1 5   ? 8.336   7.066   -13.466 1.00 12.33 ? 163  ASP A CG  1 
ATOM   38   O OD1 . ASP A 1 5   ? 8.466   7.415   -14.692 1.00 15.16 ? 163  ASP A OD1 1 
ATOM   39   O OD2 . ASP A 1 5   ? 9.228   6.547   -12.859 1.00 14.00 ? 163  ASP A OD2 1 
ATOM   40   N N   . TYR A 1 6   ? 5.144   8.826   -10.800 1.00 8.73  ? 164  TYR A N   1 
ATOM   41   C CA  . TYR A 1 6   ? 3.763   8.819   -10.266 1.00 8.58  ? 164  TYR A CA  1 
ATOM   42   C C   . TYR A 1 6   ? 3.809   9.109   -8.803  1.00 8.22  ? 164  TYR A C   1 
ATOM   43   O O   . TYR A 1 6   ? 4.693   8.532   -8.071  1.00 8.69  ? 164  TYR A O   1 
ATOM   44   C CB  . TYR A 1 6   ? 3.133   7.463   -10.507 1.00 9.05  ? 164  TYR A CB  1 
ATOM   45   C CG  . TYR A 1 6   ? 1.787   7.199   -9.903  1.00 8.72  ? 164  TYR A CG  1 
ATOM   46   C CD1 . TYR A 1 6   ? 1.651   6.893   -8.595  1.00 9.39  ? 164  TYR A CD1 1 
ATOM   47   C CD2 . TYR A 1 6   ? 0.606   7.237   -10.667 1.00 9.15  ? 164  TYR A CD2 1 
ATOM   48   C CE1 . TYR A 1 6   ? 0.395   6.705   -8.000  1.00 9.12  ? 164  TYR A CE1 1 
ATOM   49   C CE2 . TYR A 1 6   ? -0.643  6.956   -10.104 1.00 8.58  ? 164  TYR A CE2 1 
ATOM   50   C CZ  . TYR A 1 6   ? -0.737  6.710   -8.778  1.00 8.19  ? 164  TYR A CZ  1 
ATOM   51   O OH  . TYR A 1 6   ? -1.941  6.435   -8.157  1.00 8.91  ? 164  TYR A OH  1 
ATOM   52   N N   . GLU A 1 7   ? 2.896   9.871   -8.293  1.00 8.40  ? 165  GLU A N   1 
ATOM   53   C CA  . GLU A 1 7   ? 2.731   10.026  -6.834  1.00 8.98  ? 165  GLU A CA  1 
ATOM   54   C C   . GLU A 1 7   ? 1.258   10.119  -6.516  1.00 9.47  ? 165  GLU A C   1 
ATOM   55   O O   . GLU A 1 7   ? 0.474   10.849  -7.198  1.00 11.34 ? 165  GLU A O   1 
ATOM   56   C CB  . GLU A 1 7   ? 3.398   11.278  -6.349  1.00 13.62 ? 165  GLU A CB  1 
ATOM   57   C CG  . GLU A 1 7   ? 3.116   11.796  -4.961  1.00 17.01 ? 165  GLU A CG  1 
ATOM   58   C CD  . GLU A 1 7   ? 3.591   13.222  -4.897  1.00 23.82 ? 165  GLU A CD  1 
ATOM   59   O OE1 . GLU A 1 7   ? 4.734   13.351  -4.571  1.00 25.75 ? 165  GLU A OE1 1 
ATOM   60   O OE2 . GLU A 1 7   ? 2.883   14.152  -5.248  1.00 30.68 ? 165  GLU A OE2 1 
ATOM   61   N N   . ILE A 1 8   ? 0.859   9.570   -5.410  1.00 9.24  ? 166  ILE A N   1 
ATOM   62   C CA  . ILE A 1 8   ? -0.498  9.893   -4.700  1.00 9.69  ? 166  ILE A CA  1 
ATOM   63   C C   . ILE A 1 8   ? -0.038  10.276  -3.303  1.00 10.13 ? 166  ILE A C   1 
ATOM   64   O O   . ILE A 1 8   ? 0.707   9.516   -2.596  1.00 10.90 ? 166  ILE A O   1 
ATOM   65   C CB  . ILE A 1 8   ? -1.440  8.728   -4.745  1.00 12.15 ? 166  ILE A CB  1 
ATOM   66   C CG1 . ILE A 1 8   ? -2.839  9.073   -4.221  1.00 15.91 ? 166  ILE A CG1 1 
ATOM   67   C CG2 . ILE A 1 8   ? -0.974  7.400   -4.185  1.00 13.63 ? 166  ILE A CG2 1 
ATOM   68   C CD1 . ILE A 1 8   ? -3.622  9.948   -5.184  1.00 17.64 ? 166  ILE A CD1 1 
ATOM   69   N N   . ASP A 1 9   ? -0.409  11.462  -2.832  1.00 10.30 ? 167  ASP A N   1 
ATOM   70   C CA  . ASP A 1 9   ? -0.004  12.011  -1.581  1.00 11.27 ? 167  ASP A CA  1 
ATOM   71   C C   . ASP A 1 9   ? -1.239  12.205  -0.699  1.00 10.37 ? 167  ASP A C   1 
ATOM   72   O O   . ASP A 1 9   ? -2.042  13.155  -0.879  1.00 11.79 ? 167  ASP A O   1 
ATOM   73   C CB  . ASP A 1 9   ? 0.778   13.304  -1.781  1.00 14.70 ? 167  ASP A CB  1 
ATOM   74   C CG  . ASP A 1 9   ? 1.161   13.949  -0.507  1.00 17.13 ? 167  ASP A CG  1 
ATOM   75   O OD1 . ASP A 1 9   ? 1.073   13.365  0.589   1.00 19.65 ? 167  ASP A OD1 1 
ATOM   76   O OD2 . ASP A 1 9   ? 1.643   15.146  -0.544  1.00 24.52 ? 167  ASP A OD2 1 
ATOM   77   N N   . TYR A 1 10  ? -1.438  11.372  0.316   1.00 9.46  ? 168  TYR A N   1 
ATOM   78   C CA  . TYR A 1 10  ? -2.606  11.367  1.171   1.00 9.82  ? 168  TYR A CA  1 
ATOM   79   C C   . TYR A 1 10  ? -2.550  12.506  2.198   1.00 12.36 ? 168  TYR A C   1 
ATOM   80   O O   . TYR A 1 10  ? -3.559  12.770  2.887   1.00 13.89 ? 168  TYR A O   1 
ATOM   81   C CB  . TYR A 1 10  ? -2.826  10.054  1.856   1.00 9.28  ? 168  TYR A CB  1 
ATOM   82   C CG  . TYR A 1 10  ? -3.102  8.940   0.856   1.00 9.42  ? 168  TYR A CG  1 
ATOM   83   C CD1 . TYR A 1 10  ? -4.279  8.916   0.108   1.00 9.16  ? 168  TYR A CD1 1 
ATOM   84   C CD2 . TYR A 1 10  ? -2.204  7.924   0.659   1.00 8.86  ? 168  TYR A CD2 1 
ATOM   85   C CE1 . TYR A 1 10  ? -4.514  7.939   -0.792  1.00 9.16  ? 168  TYR A CE1 1 
ATOM   86   C CE2 . TYR A 1 10  ? -2.463  6.914   -0.276  1.00 9.37  ? 168  TYR A CE2 1 
ATOM   87   C CZ  . TYR A 1 10  ? -3.627  6.918   -1.012  1.00 9.17  ? 168  TYR A CZ  1 
ATOM   88   O OH  . TYR A 1 10  ? -3.921  5.917   -1.899  1.00 9.93  ? 168  TYR A OH  1 
ATOM   89   N N   . SER A 1 11  ? -1.447  13.258  2.212   1.00 13.77 ? 169  SER A N   1 
ATOM   90   C CA  . SER A 1 11  ? -1.329  14.490  3.001   1.00 18.63 ? 169  SER A CA  1 
ATOM   91   C C   . SER A 1 11  ? -2.474  15.318  2.640   1.00 17.67 ? 169  SER A C   1 
ATOM   92   O O   . SER A 1 11  ? -2.991  16.059  3.554   1.00 22.35 ? 169  SER A O   1 
ATOM   93   C CB  . SER A 1 11  ? 0.010   15.279  2.717   1.00 22.04 ? 169  SER A CB  1 
ATOM   94   O OG  . SER A 1 11  ? 1.250   14.449  2.879   1.00 22.50 ? 169  SER A OG  1 
ATOM   95   N N   . THR A 1 12  ? -2.865  15.426  1.377   1.00 15.70 ? 170  THR A N   1 
ATOM   96   C CA  . THR A 1 12  ? -3.965  16.122  0.870   1.00 19.90 ? 170  THR A CA  1 
ATOM   97   C C   . THR A 1 12  ? -5.017  15.276  0.126   1.00 19.31 ? 170  THR A C   1 
ATOM   98   O O   . THR A 1 12  ? -6.208  15.615  0.274   1.00 22.66 ? 170  THR A O   1 
ATOM   99   C CB  . THR A 1 12  ? -3.520  17.263  -0.060  1.00 21.29 ? 170  THR A CB  1 
ATOM   100  O OG1 . THR A 1 12  ? -2.792  16.738  -1.185  1.00 22.23 ? 170  THR A OG1 1 
ATOM   101  C CG2 . THR A 1 12  ? -2.544  18.284  0.707   1.00 22.95 ? 170  THR A CG2 1 
ATOM   102  N N   . ALA A 1 13  ? -4.667  14.274  -0.706  1.00 14.56 ? 171  ALA A N   1 
ATOM   103  C CA  . ALA A 1 13  ? -5.631  13.481  -1.484  1.00 12.69 ? 171  ALA A CA  1 
ATOM   104  C C   . ALA A 1 13  ? -6.589  12.703  -0.647  1.00 11.35 ? 171  ALA A C   1 
ATOM   105  O O   . ALA A 1 13  ? -6.178  12.162  0.403   1.00 11.83 ? 171  ALA A O   1 
ATOM   106  C CB  . ALA A 1 13  ? -4.892  12.459  -2.359  1.00 13.63 ? 171  ALA A CB  1 
ATOM   107  N N   . GLY A 1 14  ? -7.840  12.572  -1.059  1.00 10.89 ? 172  GLY A N   1 
ATOM   108  C CA  . GLY A 1 14  ? -8.747  11.597  -0.476  1.00 10.17 ? 172  GLY A CA  1 
ATOM   109  C C   . GLY A 1 14  ? -8.503  10.201  -0.997  1.00 9.50  ? 172  GLY A C   1 
ATOM   110  O O   . GLY A 1 14  ? -7.455  9.965   -1.645  1.00 10.93 ? 172  GLY A O   1 
ATOM   111  N N   . TYR A 1 15  ? -9.387  9.306   -0.693  1.00 9.43  ? 173  TYR A N   1 
ATOM   112  C CA  . TYR A 1 15  ? -9.273  7.922   -1.054  1.00 9.13  ? 173  TYR A CA  1 
ATOM   113  C C   . TYR A 1 15  ? -10.456 7.413   -1.809  1.00 9.28  ? 173  TYR A C   1 
ATOM   114  O O   . TYR A 1 15  ? -11.594 7.407   -1.273  1.00 10.71 ? 173  TYR A O   1 
ATOM   115  C CB  . TYR A 1 15  ? -9.011  7.008   0.185   1.00 10.40 ? 173  TYR A CB  1 
ATOM   116  C CG  . TYR A 1 15  ? -8.733  5.581   -0.144  1.00 8.93  ? 173  TYR A CG  1 
ATOM   117  C CD1 . TYR A 1 15  ? -7.519  5.217   -0.720  1.00 9.23  ? 173  TYR A CD1 1 
ATOM   118  C CD2 . TYR A 1 15  ? -9.639  4.596   0.051   1.00 10.20 ? 173  TYR A CD2 1 
ATOM   119  C CE1 . TYR A 1 15  ? -7.196  3.899   -1.027  1.00 8.68  ? 173  TYR A CE1 1 
ATOM   120  C CE2 . TYR A 1 15  ? -9.374  3.298   -0.257  1.00 10.27 ? 173  TYR A CE2 1 
ATOM   121  C CZ  . TYR A 1 15  ? -8.151  2.932   -0.800  1.00 9.07  ? 173  TYR A CZ  1 
ATOM   122  O OH  . TYR A 1 15  ? -7.941  1.584   -1.082  1.00 10.23 ? 173  TYR A OH  1 
ATOM   123  N N   . SER A 1 16  ? -10.252 6.940   -3.030  1.00 8.85  ? 174  SER A N   1 
ATOM   124  C CA  . SER A 1 16  ? -11.304 6.431   -3.869  1.00 9.34  ? 174  SER A CA  1 
ATOM   125  C C   . SER A 1 16  ? -10.932 5.098   -4.502  1.00 10.28 ? 174  SER A C   1 
ATOM   126  O O   . SER A 1 16  ? -11.683 4.556   -5.338  1.00 11.76 ? 174  SER A O   1 
ATOM   127  C CB  . SER A 1 16  ? -11.649 7.415   -4.997  1.00 10.32 ? 174  SER A CB  1 
ATOM   128  O OG  . SER A 1 16  ? -12.165 8.638   -4.504  1.00 10.85 ? 174  SER A OG  1 
ATOM   129  N N   . PHE A 1 17  ? -9.824  4.458   -4.143  1.00 9.01  ? 175  PHE A N   1 
ATOM   130  C CA  . PHE A 1 17  ? -9.346  3.278   -4.845  1.00 8.08  ? 175  PHE A CA  1 
ATOM   131  C C   . PHE A 1 17  ? -10.079 1.994   -4.435  1.00 9.29  ? 175  PHE A C   1 
ATOM   132  O O   . PHE A 1 17  ? -10.753 1.953   -3.373  1.00 10.00 ? 175  PHE A O   1 
ATOM   133  C CB  . PHE A 1 17  ? -7.852  3.107   -4.662  1.00 8.85  ? 175  PHE A CB  1 
ATOM   134  C CG  . PHE A 1 17  ? -6.975  4.206   -5.255  1.00 8.86  ? 175  PHE A CG  1 
ATOM   135  C CD1 . PHE A 1 17  ? -7.177  4.668   -6.547  1.00 9.18  ? 175  PHE A CD1 1 
ATOM   136  C CD2 . PHE A 1 17  ? -5.926  4.736   -4.526  1.00 9.26  ? 175  PHE A CD2 1 
ATOM   137  C CE1 . PHE A 1 17  ? -6.340  5.630   -7.065  1.00 9.41  ? 175  PHE A CE1 1 
ATOM   138  C CE2 . PHE A 1 17  ? -5.101  5.700   -5.081  1.00 9.60  ? 175  PHE A CE2 1 
ATOM   139  C CZ  . PHE A 1 17  ? -5.307  6.161   -6.350  1.00 9.54  ? 175  PHE A CZ  1 
ATOM   140  N N   . TRP A 1 18  ? -9.940  0.981   -5.236  1.00 9.35  ? 176  TRP A N   1 
ATOM   141  C CA  . TRP A 1 18  ? -10.528 -0.343  -4.965  1.00 9.50  ? 176  TRP A CA  1 
ATOM   142  C C   . TRP A 1 18  ? -10.002 -0.893  -3.653  1.00 10.27 ? 176  TRP A C   1 
ATOM   143  O O   . TRP A 1 18  ? -8.808  -0.813  -3.332  1.00 9.41  ? 176  TRP A O   1 
ATOM   144  C CB  . TRP A 1 18  ? -10.141 -1.271  -6.116  1.00 10.81 ? 176  TRP A CB  1 
ATOM   145  C CG  . TRP A 1 18  ? -10.715 -2.671  -5.997  1.00 12.01 ? 176  TRP A CG  1 
ATOM   146  C CD1 . TRP A 1 18  ? -11.864 -3.120  -6.560  1.00 14.01 ? 176  TRP A CD1 1 
ATOM   147  C CD2 . TRP A 1 18  ? -10.146 -3.784  -5.304  1.00 11.62 ? 176  TRP A CD2 1 
ATOM   148  N NE1 . TRP A 1 18  ? -12.030 -4.465  -6.218  1.00 14.88 ? 176  TRP A NE1 1 
ATOM   149  C CE2 . TRP A 1 18  ? -11.012 -4.890  -5.447  1.00 13.07 ? 176  TRP A CE2 1 
ATOM   150  C CE3 . TRP A 1 18  ? -9.026  -3.960  -4.538  1.00 11.87 ? 176  TRP A CE3 1 
ATOM   151  C CZ2 . TRP A 1 18  ? -10.730 -6.139  -4.860  1.00 13.45 ? 176  TRP A CZ2 1 
ATOM   152  C CZ3 . TRP A 1 18  ? -8.780  -5.210  -3.938  1.00 12.71 ? 176  TRP A CZ3 1 
ATOM   153  C CH2 . TRP A 1 18  ? -9.630  -6.266  -4.165  1.00 12.83 ? 176  TRP A CH2 1 
ATOM   154  N N   . ASN A 1 19  ? -10.916 -1.554  -2.925  1.00 10.62 ? 177  ASN A N   1 
ATOM   155  C CA  . ASN A 1 19  ? -10.550 -2.256  -1.732  1.00 11.81 ? 177  ASN A CA  1 
ATOM   156  C C   . ASN A 1 19  ? -11.568 -3.338  -1.440  1.00 13.15 ? 177  ASN A C   1 
ATOM   157  O O   . ASN A 1 19  ? -12.709 -3.316  -1.939  1.00 14.49 ? 177  ASN A O   1 
ATOM   158  C CB  . ASN A 1 19  ? -10.345 -1.362  -0.574  1.00 12.20 ? 177  ASN A CB  1 
ATOM   159  C CG  . ASN A 1 19  ? -11.552 -0.594  -0.222  1.00 13.93 ? 177  ASN A CG  1 
ATOM   160  O OD1 . ASN A 1 19  ? -12.359 -1.095  0.646   1.00 19.14 ? 177  ASN A OD1 1 
ATOM   161  N ND2 . ASN A 1 19  ? -11.883 0.517   -0.857  1.00 12.91 ? 177  ASN A ND2 1 
ATOM   162  N N   . GLU A 1 20  ? -11.160 -4.356  -0.668  1.00 11.73 ? 178  GLU A N   1 
ATOM   163  C CA  . GLU A 1 20  ? -12.056 -5.480  -0.362  1.00 11.50 ? 178  GLU A CA  1 
ATOM   164  C C   . GLU A 1 20  ? -11.698 -5.972  1.022   1.00 12.04 ? 178  GLU A C   1 
ATOM   165  O O   . GLU A 1 20  ? -10.650 -6.547  1.260   1.00 13.03 ? 178  GLU A O   1 
ATOM   166  C CB  . GLU A 1 20  ? -11.938 -6.571  -1.353  1.00 14.17 ? 178  GLU A CB  1 
ATOM   167  C CG  . GLU A 1 20  ? -12.931 -7.746  -1.151  1.00 16.63 ? 178  GLU A CG  1 
ATOM   168  C CD  . GLU A 1 20  ? -12.726 -8.722  -2.279  1.00 20.33 ? 178  GLU A CD  1 
ATOM   169  O OE1 . GLU A 1 20  ? -11.789 -9.441  -2.287  1.00 20.69 ? 178  GLU A OE1 1 
ATOM   170  O OE2 . GLU A 1 20  ? -13.295 -8.566  -3.388  1.00 24.33 ? 178  GLU A OE2 1 
ATOM   171  N N   . VAL A 1 21  ? -12.658 -5.805  1.927   1.00 12.16 ? 179  VAL A N   1 
ATOM   172  C CA  . VAL A 1 21  ? -12.580 -6.367  3.303   1.00 12.01 ? 179  VAL A CA  1 
ATOM   173  C C   . VAL A 1 21  ? -13.467 -7.630  3.283   1.00 12.13 ? 179  VAL A C   1 
ATOM   174  O O   . VAL A 1 21  ? -14.680 -7.513  3.030   1.00 13.15 ? 179  VAL A O   1 
ATOM   175  C CB  . VAL A 1 21  ? -13.060 -5.385  4.319   1.00 12.80 ? 179  VAL A CB  1 
ATOM   176  C CG1 . VAL A 1 21  ? -13.056 -5.988  5.725   1.00 13.79 ? 179  VAL A CG1 1 
ATOM   177  C CG2 . VAL A 1 21  ? -12.227 -4.132  4.337   1.00 14.11 ? 179  VAL A CG2 1 
ATOM   178  N N   . ASN A 1 22  ? -12.870 -8.767  3.410   1.00 11.56 ? 180  ASN A N   1 
ATOM   179  C CA  . ASN A 1 22  ? -13.670 -10.001 3.520   1.00 12.56 ? 180  ASN A CA  1 
ATOM   180  C C   . ASN A 1 22  ? -14.686 -9.869  4.644   1.00 11.17 ? 180  ASN A C   1 
ATOM   181  O O   . ASN A 1 22  ? -14.493 -9.305  5.663   1.00 12.18 ? 180  ASN A O   1 
ATOM   182  C CB  . ASN A 1 22  ? -12.711 -11.152 3.813   1.00 13.27 ? 180  ASN A CB  1 
ATOM   183  C CG  . ASN A 1 22  ? -13.349 -12.511 3.615   1.00 14.10 ? 180  ASN A CG  1 
ATOM   184  O OD1 . ASN A 1 22  ? -14.103 -12.955 4.535   1.00 14.18 ? 180  ASN A OD1 1 
ATOM   185  N ND2 . ASN A 1 22  ? -13.178 -13.106 2.526   1.00 14.38 ? 180  ASN A ND2 1 
ATOM   186  N N   . GLU A 1 23  ? -15.865 -10.454 4.351   1.00 13.16 ? 181  GLU A N   1 
ATOM   187  C CA  . GLU A 1 23  ? -16.987 -10.470 5.319   1.00 13.20 ? 181  GLU A CA  1 
ATOM   188  C C   . GLU A 1 23  ? -16.641 -10.988 6.694   1.00 11.87 ? 181  GLU A C   1 
ATOM   189  O O   . GLU A 1 23  ? -17.269 -10.531 7.653   1.00 13.27 ? 181  GLU A O   1 
ATOM   190  C CB  . GLU A 1 23  ? -18.192 -11.248 4.748   1.00 16.26 ? 181  GLU A CB  1 
ATOM   191  C CG  . GLU A 1 23  ? -18.797 -10.473 3.582   1.00 21.21 ? 181  GLU A CG  1 
ATOM   192  C CD  . GLU A 1 23  ? -20.048 -11.128 3.025   1.00 36.43 ? 181  GLU A CD  1 
ATOM   193  O OE1 . GLU A 1 23  ? -19.872 -11.941 2.091   1.00 47.26 ? 181  GLU A OE1 1 
ATOM   194  O OE2 . GLU A 1 23  ? -21.151 -10.855 3.577   1.00 47.06 ? 181  GLU A OE2 1 
ATOM   195  N N   . GLU A 1 24  ? -15.648 -11.832 6.771   1.00 11.39 ? 182  GLU A N   1 
ATOM   196  C CA  . GLU A 1 24  ? -15.197 -12.344 8.031   1.00 12.34 ? 182  GLU A CA  1 
ATOM   197  C C   . GLU A 1 24  ? -14.942 -11.281 9.049   1.00 12.63 ? 182  GLU A C   1 
ATOM   198  O O   . GLU A 1 24  ? -15.105 -11.466 10.263  1.00 13.17 ? 182  GLU A O   1 
ATOM   199  C CB  . GLU A 1 24  ? -13.933 -13.208 7.854   1.00 12.49 ? 182  GLU A CB  1 
ATOM   200  C CG  . GLU A 1 24  ? -13.463 -13.958 9.074   1.00 13.74 ? 182  GLU A CG  1 
ATOM   201  C CD  . GLU A 1 24  ? -12.111 -14.539 8.933   1.00 15.51 ? 182  GLU A CD  1 
ATOM   202  O OE1 . GLU A 1 24  ? -11.078 -13.769 8.947   1.00 17.15 ? 182  GLU A OE1 1 
ATOM   203  O OE2 . GLU A 1 24  ? -11.904 -15.710 8.490   1.00 20.38 ? 182  GLU A OE2 1 
ATOM   204  N N   . VAL A 1 25  ? -14.359 -10.104 8.618   1.00 11.47 ? 183  VAL A N   1 
ATOM   205  C CA  . VAL A 1 25  ? -13.846 -9.075  9.468   1.00 11.68 ? 183  VAL A CA  1 
ATOM   206  C C   . VAL A 1 25  ? -14.447 -7.733  9.149   1.00 11.13 ? 183  VAL A C   1 
ATOM   207  O O   . VAL A 1 25  ? -13.903 -6.659  9.493   1.00 12.48 ? 183  VAL A O   1 
ATOM   208  C CB  . VAL A 1 25  ? -12.295 -9.006  9.544   1.00 12.26 ? 183  VAL A CB  1 
ATOM   209  C CG1 . VAL A 1 25  ? -11.729 -10.223 10.257  1.00 13.66 ? 183  VAL A CG1 1 
ATOM   210  C CG2 . VAL A 1 25  ? -11.720 -8.831  8.163   1.00 12.92 ? 183  VAL A CG2 1 
ATOM   211  N N   . LYS A 1 26  ? -15.624 -7.720  8.538   1.00 12.24 ? 184  LYS A N   1 
ATOM   212  C CA  . LYS A 1 26  ? -16.250 -6.477  8.153   1.00 13.30 ? 184  LYS A CA  1 
ATOM   213  C C   . LYS A 1 26  ? -16.563 -5.568  9.268   1.00 13.06 ? 184  LYS A C   1 
ATOM   214  O O   . LYS A 1 26  ? -16.483 -4.331  9.111   1.00 15.92 ? 184  LYS A O   1 
ATOM   215  C CB  . LYS A 1 26  ? -17.605 -6.784  7.398   1.00 19.03 ? 184  LYS A CB  1 
ATOM   216  C CG  . LYS A 1 26  ? -18.545 -5.623  7.109   1.00 23.02 ? 184  LYS A CG  1 
ATOM   217  C CD  . LYS A 1 26  ? -19.948 -6.117  6.629   1.00 28.99 ? 184  LYS A CD  1 
ATOM   218  C CE  . LYS A 1 26  ? -20.834 -4.881  6.432   1.00 38.08 ? 184  LYS A CE  1 
ATOM   219  N NZ  . LYS A 1 26  ? -22.037 -5.308  5.647   1.00 48.89 ? 184  LYS A NZ  1 
ATOM   220  N N   . GLU A 1 27  ? -16.985 -6.068  10.433  1.00 13.16 ? 185  GLU A N   1 
ATOM   221  C CA  . GLU A 1 27  ? -17.366 -5.233  11.515  1.00 14.12 ? 185  GLU A CA  1 
ATOM   222  C C   . GLU A 1 27  ? -16.254 -4.520  12.235  1.00 13.98 ? 185  GLU A C   1 
ATOM   223  O O   . GLU A 1 27  ? -16.507 -3.514  12.866  1.00 16.82 ? 185  GLU A O   1 
ATOM   224  C CB  . GLU A 1 27  ? -18.240 -5.985  12.505  1.00 14.94 ? 185  GLU A CB  1 
ATOM   225  C CG  . GLU A 1 27  ? -19.547 -6.540  11.989  1.00 17.40 ? 185  GLU A CG  1 
ATOM   226  C CD  . GLU A 1 27  ? -20.417 -5.489  11.374  1.00 20.06 ? 185  GLU A CD  1 
ATOM   227  O OE1 . GLU A 1 27  ? -20.569 -4.445  12.136  1.00 27.68 ? 185  GLU A OE1 1 
ATOM   228  O OE2 . GLU A 1 27  ? -20.913 -5.650  10.218  1.00 22.25 ? 185  GLU A OE2 1 
ATOM   229  N N   . THR A 1 28  ? -15.076 -5.097  12.191  1.00 12.84 ? 186  THR A N   1 
ATOM   230  C CA  . THR A 1 28  ? -13.971 -4.710  13.014  1.00 13.17 ? 186  THR A CA  1 
ATOM   231  C C   . THR A 1 28  ? -12.813 -4.031  12.200  1.00 12.89 ? 186  THR A C   1 
ATOM   232  O O   . THR A 1 28  ? -11.744 -3.816  12.762  1.00 13.32 ? 186  THR A O   1 
ATOM   233  C CB  . THR A 1 28  ? -13.471 -5.908  13.820  1.00 13.19 ? 186  THR A CB  1 
ATOM   234  O OG1 . THR A 1 28  ? -13.303 -6.991  12.973  1.00 14.47 ? 186  THR A OG1 1 
ATOM   235  C CG2 . THR A 1 28  ? -14.492 -6.276  14.928  1.00 14.04 ? 186  THR A CG2 1 
ATOM   236  N N   . THR A 1 29  ? -13.089 -3.717  10.944  1.00 12.63 ? 187  THR A N   1 
ATOM   237  C CA  . THR A 1 29  ? -12.056 -3.170  9.992   1.00 11.59 ? 187  THR A CA  1 
ATOM   238  C C   . THR A 1 29  ? -12.615 -1.927  9.401   1.00 11.71 ? 187  THR A C   1 
ATOM   239  O O   . THR A 1 29  ? -13.779 -1.862  8.959   1.00 13.01 ? 187  THR A O   1 
ATOM   240  C CB  . THR A 1 29  ? -11.798 -4.191  8.948   1.00 11.32 ? 187  THR A CB  1 
ATOM   241  O OG1 . THR A 1 29  ? -11.401 -5.455  9.510   1.00 12.18 ? 187  THR A OG1 1 
ATOM   242  C CG2 . THR A 1 29  ? -10.690 -3.697  7.985   1.00 12.41 ? 187  THR A CG2 1 
ATOM   243  N N   . THR A 1 30  ? -11.741 -0.898  9.236   1.00 11.79 ? 188  THR A N   1 
ATOM   244  C CA  . THR A 1 30  ? -12.064 0.285   8.477   1.00 11.95 ? 188  THR A CA  1 
ATOM   245  C C   . THR A 1 30  ? -10.886 0.671   7.595   1.00 11.17 ? 188  THR A C   1 
ATOM   246  O O   . THR A 1 30  ? -9.726  0.542   7.986   1.00 11.99 ? 188  THR A O   1 
ATOM   247  C CB  . THR A 1 30  ? -12.459 1.480   9.316   1.00 14.83 ? 188  THR A CB  1 
ATOM   248  O OG1 . THR A 1 30  ? -11.532 1.817   10.164  1.00 19.12 ? 188  THR A OG1 1 
ATOM   249  C CG2 . THR A 1 30  ? -13.607 1.139   10.215  1.00 17.62 ? 188  THR A CG2 1 
ATOM   250  N N   . ILE A 1 31  ? -11.175 1.104   6.387   1.00 11.09 ? 189  ILE A N   1 
ATOM   251  C CA  . ILE A 1 31  ? -10.191 1.657   5.412   1.00 10.48 ? 189  ILE A CA  1 
ATOM   252  C C   . ILE A 1 31  ? -10.662 3.009   4.919   1.00 11.04 ? 189  ILE A C   1 
ATOM   253  O O   . ILE A 1 31  ? -11.803 3.120   4.392   1.00 13.47 ? 189  ILE A O   1 
ATOM   254  C CB  . ILE A 1 31  ? -10.007 0.710   4.218   1.00 11.08 ? 189  ILE A CB  1 
ATOM   255  C CG1 . ILE A 1 31  ? -9.547  -0.662  4.629   1.00 11.50 ? 189  ILE A CG1 1 
ATOM   256  C CG2 . ILE A 1 31  ? -9.081  1.326   3.183   1.00 11.98 ? 189  ILE A CG2 1 
ATOM   257  C CD1 . ILE A 1 31  ? -9.531  -1.664  3.520   1.00 11.98 ? 189  ILE A CD1 1 
ATOM   258  N N   . GLY A 1 32  ? -9.895  4.075   5.136   1.00 10.91 ? 190  GLY A N   1 
ATOM   259  C CA  . GLY A 1 32  ? -10.254 5.387   4.615   1.00 11.36 ? 190  GLY A CA  1 
ATOM   260  C C   . GLY A 1 32  ? -9.292  6.448   5.091   1.00 10.32 ? 190  GLY A C   1 
ATOM   261  O O   . GLY A 1 32  ? -8.263  6.127   5.708   1.00 11.06 ? 190  GLY A O   1 
ATOM   262  N N   . LYS A 1 33  ? -9.621  7.677   4.828   1.00 10.36 ? 191  LYS A N   1 
ATOM   263  C CA  . LYS A 1 33  ? -8.728  8.760   5.185   1.00 11.76 ? 191  LYS A CA  1 
ATOM   264  C C   . LYS A 1 33  ? -8.810  9.191   6.572   1.00 13.74 ? 191  LYS A C   1 
ATOM   265  O O   . LYS A 1 33  ? -9.976  9.318   7.134   1.00 17.64 ? 191  LYS A O   1 
ATOM   266  C CB  . LYS A 1 33  ? -9.063  9.979   4.347   1.00 13.28 ? 191  LYS A CB  1 
ATOM   267  C CG  . LYS A 1 33  ? -8.409  9.982   3.081   1.00 14.45 ? 191  LYS A CG  1 
ATOM   268  C CD  . LYS A 1 33  ? -6.877  10.183  3.097   1.00 14.62 ? 191  LYS A CD  1 
ATOM   269  C CE  . LYS A 1 33  ? -6.338  11.351  3.836   1.00 14.96 ? 191  LYS A CE  1 
ATOM   270  N NZ  . LYS A 1 33  ? -6.587  12.689  3.180   1.00 16.24 ? 191  LYS A NZ  1 
ATOM   271  N N   . ASN A 1 34  ? -7.710  9.464   7.223   1.00 12.59 ? 192  ASN A N   1 
ATOM   272  C CA  . ASN A 1 34  ? -7.623  10.165  8.518   1.00 13.08 ? 192  ASN A CA  1 
ATOM   273  C C   . ASN A 1 34  ? -7.209  11.573  8.147   1.00 14.46 ? 192  ASN A C   1 
ATOM   274  O O   . ASN A 1 34  ? -6.067  11.883  7.754   1.00 13.23 ? 192  ASN A O   1 
ATOM   275  C CB  . ASN A 1 34  ? -6.625  9.510   9.431   1.00 13.74 ? 192  ASN A CB  1 
ATOM   276  C CG  . ASN A 1 34  ? -6.366  10.253  10.753  1.00 14.74 ? 192  ASN A CG  1 
ATOM   277  O OD1 . ASN A 1 34  ? -6.557  11.438  10.831  1.00 14.59 ? 192  ASN A OD1 1 
ATOM   278  N ND2 . ASN A 1 34  ? -5.989  9.511   11.739  1.00 16.27 ? 192  ASN A ND2 1 
ATOM   279  N N   . ASP A 1 35  ? -8.143  12.498  8.239   1.00 15.62 ? 193  ASP A N   1 
ATOM   280  C CA  . ASP A 1 35  ? -7.930  13.875  7.779   1.00 18.23 ? 193  ASP A CA  1 
ATOM   281  C C   . ASP A 1 35  ? -7.190  14.718  8.848   1.00 18.50 ? 193  ASP A C   1 
ATOM   282  O O   . ASP A 1 35  ? -6.763  15.818  8.539   1.00 24.63 ? 193  ASP A O   1 
ATOM   283  C CB  . ASP A 1 35  ? -9.210  14.617  7.318   1.00 22.00 ? 193  ASP A CB  1 
ATOM   284  C CG  . ASP A 1 35  ? -9.732  14.136  5.937   1.00 32.32 ? 193  ASP A CG  1 
ATOM   285  O OD1 . ASP A 1 35  ? -9.021  13.467  5.150   1.00 31.12 ? 193  ASP A OD1 1 
ATOM   286  O OD2 . ASP A 1 35  ? -10.935 14.406  5.644   1.00 41.11 ? 193  ASP A OD2 1 
ATOM   287  N N   . THR A 1 36  ? -7.075  14.259  10.035  1.00 16.79 ? 194  THR A N   1 
ATOM   288  C CA  . THR A 1 36  ? -6.266  14.975  11.100  1.00 20.60 ? 194  THR A CA  1 
ATOM   289  C C   . THR A 1 36  ? -4.791  14.663  10.876  1.00 18.41 ? 194  THR A C   1 
ATOM   290  O O   . THR A 1 36  ? -3.925  15.593  10.741  1.00 20.81 ? 194  THR A O   1 
ATOM   291  C CB  . THR A 1 36  ? -6.662  14.479  12.479  1.00 19.57 ? 194  THR A CB  1 
ATOM   292  O OG1 . THR A 1 36  ? -8.061  14.765  12.687  1.00 25.59 ? 194  THR A OG1 1 
ATOM   293  C CG2 . THR A 1 36  ? -5.827  15.180  13.600  1.00 22.22 ? 194  THR A CG2 1 
ATOM   294  N N   . GLU A 1 37  ? -4.401  13.388  10.895  1.00 16.58 ? 195  GLU A N   1 
ATOM   295  C CA  . GLU A 1 37  ? -2.994  12.979  10.574  1.00 15.37 ? 195  GLU A CA  1 
ATOM   296  C C   . GLU A 1 37  ? -2.682  13.298  9.121   1.00 14.55 ? 195  GLU A C   1 
ATOM   297  O O   . GLU A 1 37  ? -1.521  13.634  8.809   1.00 16.47 ? 195  GLU A O   1 
ATOM   298  C CB  . GLU A 1 37  ? -2.813  11.562  10.898  1.00 16.04 ? 195  GLU A CB  1 
ATOM   299  C CG  . GLU A 1 37  ? -1.377  10.965  10.808  1.00 16.61 ? 195  GLU A CG  1 
ATOM   300  C CD  . GLU A 1 37  ? -0.430  11.467  11.880  1.00 19.74 ? 195  GLU A CD  1 
ATOM   301  O OE1 . GLU A 1 37  ? -0.956  11.744  13.042  1.00 22.45 ? 195  GLU A OE1 1 
ATOM   302  O OE2 . GLU A 1 37  ? 0.825   11.658  11.659  1.00 15.51 ? 195  GLU A OE2 1 
ATOM   303  N N   . GLY A 1 38  ? -3.632  13.253  8.193   1.00 14.20 ? 196  GLY A N   1 
ATOM   304  C CA  . GLY A 1 38  ? -3.399  13.436  6.815   1.00 13.12 ? 196  GLY A CA  1 
ATOM   305  C C   . GLY A 1 38  ? -2.792  12.165  6.148   1.00 11.32 ? 196  GLY A C   1 
ATOM   306  O O   . GLY A 1 38  ? -1.648  12.203  5.642   1.00 13.35 ? 196  GLY A O   1 
ATOM   307  N N   . CYS A 1 39  ? -3.485  11.035  6.181   1.00 10.11 ? 197  CYS A N   1 
ATOM   308  C CA  . CYS A 1 39  ? -2.989  9.756   5.718   1.00 9.31  ? 197  CYS A CA  1 
ATOM   309  C C   . CYS A 1 39  ? -4.109  8.826   5.395   1.00 8.87  ? 197  CYS A C   1 
ATOM   310  O O   . CYS A 1 39  ? -5.234  8.978   5.934   1.00 10.57 ? 197  CYS A O   1 
ATOM   311  C CB  . CYS A 1 39  ? -2.055  9.138   6.751   1.00 10.36 ? 197  CYS A CB  1 
ATOM   312  S SG  . CYS A 1 39  ? -2.762  8.782   8.333   1.00 12.62 ? 197  CYS A SG  1 
ATOM   313  N N   . LEU A 1 40  ? -3.847  7.830   4.568   1.00 9.07  ? 198  LEU A N   1 
ATOM   314  C CA  . LEU A 1 40  ? -4.712  6.662   4.463   1.00 9.55  ? 198  LEU A CA  1 
ATOM   315  C C   . LEU A 1 40  ? -4.573  5.852   5.738   1.00 9.35  ? 198  LEU A C   1 
ATOM   316  O O   . LEU A 1 40  ? -3.442  5.673   6.228   1.00 11.10 ? 198  LEU A O   1 
ATOM   317  C CB  . LEU A 1 40  ? -4.331  5.866   3.221   1.00 9.86  ? 198  LEU A CB  1 
ATOM   318  C CG  . LEU A 1 40  ? -5.065  4.601   2.950   1.00 9.69  ? 198  LEU A CG  1 
ATOM   319  C CD1 . LEU A 1 40  ? -6.569  4.789   2.774   1.00 11.21 ? 198  LEU A CD1 1 
ATOM   320  C CD2 . LEU A 1 40  ? -4.507  3.902   1.749   1.00 11.10 ? 198  LEU A CD2 1 
ATOM   321  N N   . GLU A 1 41  ? -5.643  5.307   6.289   1.00 9.30  ? 199  GLU A N   1 
ATOM   322  C CA  . GLU A 1 41  ? -5.606  4.559   7.528   1.00 9.65  ? 199  GLU A CA  1 
ATOM   323  C C   . GLU A 1 41  ? -6.393  3.263   7.391   1.00 9.51  ? 199  GLU A C   1 
ATOM   324  O O   . GLU A 1 41  ? -7.530  3.253   6.920   1.00 10.37 ? 199  GLU A O   1 
ATOM   325  C CB  . GLU A 1 41  ? -6.169  5.438   8.643   1.00 11.62 ? 199  GLU A CB  1 
ATOM   326  C CG  . GLU A 1 41  ? -6.161  4.826   10.025  1.00 14.18 ? 199  GLU A CG  1 
ATOM   327  C CD  . GLU A 1 41  ? -6.349  5.848   11.167  1.00 17.79 ? 199  GLU A CD  1 
ATOM   328  O OE1 . GLU A 1 41  ? -7.393  5.642   11.868  1.00 28.13 ? 199  GLU A OE1 1 
ATOM   329  O OE2 . GLU A 1 41  ? -5.549  6.690   11.423  1.00 18.37 ? 199  GLU A OE2 1 
ATOM   330  N N   . ILE A 1 42  ? -5.790  2.192   7.841   1.00 9.78  ? 200  ILE A N   1 
ATOM   331  C CA  . ILE A 1 42  ? -6.394  0.834   7.842   1.00 10.31 ? 200  ILE A CA  1 
ATOM   332  C C   . ILE A 1 42  ? -6.397  0.404   9.325   1.00 10.32 ? 200  ILE A C   1 
ATOM   333  O O   . ILE A 1 42  ? -5.306  0.192   9.924   1.00 11.50 ? 200  ILE A O   1 
ATOM   334  C CB  . ILE A 1 42  ? -5.675  -0.143  6.980   1.00 10.00 ? 200  ILE A CB  1 
ATOM   335  C CG1 . ILE A 1 42  ? -5.590  0.416   5.522   1.00 10.20 ? 200  ILE A CG1 1 
ATOM   336  C CG2 . ILE A 1 42  ? -6.333  -1.521  7.054   1.00 11.50 ? 200  ILE A CG2 1 
ATOM   337  C CD1 . ILE A 1 42  ? -4.260  1.089   5.183   1.00 11.10 ? 200  ILE A CD1 1 
ATOM   338  N N   . LYS A 1 43  ? -7.583  0.314   9.930   1.00 11.05 ? 201  LYS A N   1 
ATOM   339  C CA  . LYS A 1 43  ? -7.703  -0.028  11.348  1.00 12.26 ? 201  LYS A CA  1 
ATOM   340  C C   . LYS A 1 43  ? -8.413  -1.330  11.530  1.00 11.90 ? 201  LYS A C   1 
ATOM   341  O O   . LYS A 1 43  ? -9.488  -1.538  10.963  1.00 12.97 ? 201  LYS A O   1 
ATOM   342  C CB  . LYS A 1 43  ? -8.458  1.027   12.064  1.00 14.96 ? 201  LYS A CB  1 
ATOM   343  C CG  . LYS A 1 43  ? -7.775  2.260   12.319  1.00 25.80 ? 201  LYS A CG  1 
ATOM   344  C CD  . LYS A 1 43  ? -8.531  3.019   13.435  1.00 36.51 ? 201  LYS A CD  1 
ATOM   345  C CE  . LYS A 1 43  ? -8.755  2.084   14.604  1.00 39.99 ? 201  LYS A CE  1 
ATOM   346  N NZ  . LYS A 1 43  ? -8.539  2.746   15.917  1.00 51.17 ? 201  LYS A NZ  1 
ATOM   347  N N   . THR A 1 44  ? -7.840  -2.187  12.349  1.00 12.03 ? 202  THR A N   1 
ATOM   348  C CA  . THR A 1 44  ? -8.350  -3.554  12.597  1.00 12.20 ? 202  THR A CA  1 
ATOM   349  C C   . THR A 1 44  ? -8.312  -3.819  14.067  1.00 12.95 ? 202  THR A C   1 
ATOM   350  O O   . THR A 1 44  ? -7.379  -3.447  14.800  1.00 14.24 ? 202  THR A O   1 
ATOM   351  C CB  . THR A 1 44  ? -7.578  -4.598  11.959  1.00 13.29 ? 202  THR A CB  1 
ATOM   352  O OG1 . THR A 1 44  ? -6.190  -4.399  12.305  1.00 13.93 ? 202  THR A OG1 1 
ATOM   353  C CG2 . THR A 1 44  ? -7.721  -4.590  10.464  1.00 13.89 ? 202  THR A CG2 1 
ATOM   354  N N   . SER A 1 45  ? -9.386  -4.480  14.595  1.00 13.99 ? 203  SER A N   1 
ATOM   355  C CA  . SER A 1 45  ? -9.343  -4.994  16.016  1.00 14.75 ? 203  SER A CA  1 
ATOM   356  C C   . SER A 1 45  ? -9.327  -6.451  16.048  1.00 14.91 ? 203  SER A C   1 
ATOM   357  O O   . SER A 1 45  ? -9.076  -7.028  17.176  1.00 17.37 ? 203  SER A O   1 
ATOM   358  C CB  . SER A 1 45  ? -10.447 -4.375  16.856  1.00 15.81 ? 203  SER A CB  1 
ATOM   359  O OG  . SER A 1 45  ? -11.685 -4.794  16.389  1.00 17.15 ? 203  SER A OG  1 
ATOM   360  N N   . VAL A 1 46  ? -9.512  -7.182  14.989  1.00 14.65 ? 204  VAL A N   1 
ATOM   361  C CA  . VAL A 1 46  ? -9.530  -8.657  14.916  1.00 15.11 ? 204  VAL A CA  1 
ATOM   362  C C   . VAL A 1 46  ? -8.716  -9.082  13.714  1.00 14.44 ? 204  VAL A C   1 
ATOM   363  O O   . VAL A 1 46  ? -9.030  -8.649  12.549  1.00 15.48 ? 204  VAL A O   1 
ATOM   364  C CB  . VAL A 1 46  ? -10.987 -9.255  14.827  1.00 15.54 ? 204  VAL A CB  1 
ATOM   365  C CG1 . VAL A 1 46  ? -10.916 -10.751 14.716  1.00 15.62 ? 204  VAL A CG1 1 
ATOM   366  C CG2 . VAL A 1 46  ? -11.824 -8.809  16.004  1.00 17.32 ? 204  VAL A CG2 1 
ATOM   367  N N   . ALA A 1 47  ? -7.742  -9.939  13.850  1.00 15.10 ? 205  ALA A N   1 
ATOM   368  C CA  . ALA A 1 47  ? -6.993  -10.453 12.693  1.00 15.49 ? 205  ALA A CA  1 
ATOM   369  C C   . ALA A 1 47  ? -7.864  -11.256 11.821  1.00 14.73 ? 205  ALA A C   1 
ATOM   370  O O   . ALA A 1 47  ? -8.719  -12.110 12.339  1.00 15.86 ? 205  ALA A O   1 
ATOM   371  C CB  . ALA A 1 47  ? -5.827  -11.295 13.168  1.00 17.21 ? 205  ALA A CB  1 
ATOM   372  N N   . ALA A 1 48  ? -7.784  -11.162 10.527  1.00 14.24 ? 206  ALA A N   1 
ATOM   373  C CA  . ALA A 1 48  ? -8.462  -12.042 9.633   1.00 14.04 ? 206  ALA A CA  1 
ATOM   374  C C   . ALA A 1 48  ? -7.746  -13.402 9.623   1.00 14.76 ? 206  ALA A C   1 
ATOM   375  O O   . ALA A 1 48  ? -6.583  -13.502 9.989   1.00 16.41 ? 206  ALA A O   1 
ATOM   376  C CB  . ALA A 1 48  ? -8.458  -11.448 8.198   1.00 13.69 ? 206  ALA A CB  1 
ATOM   377  N N   . SER A 1 49  ? -8.381  -14.403 9.036   1.00 15.52 ? 207  SER A N   1 
ATOM   378  C CA  . SER A 1 49  ? -7.738  -15.740 8.934   1.00 15.56 ? 207  SER A CA  1 
ATOM   379  C C   . SER A 1 49  ? -6.740  -15.824 7.854   1.00 16.31 ? 207  SER A C   1 
ATOM   380  O O   . SER A 1 49  ? -5.905  -16.771 7.822   1.00 17.94 ? 207  SER A O   1 
ATOM   381  C CB  . SER A 1 49  ? -8.864  -16.832 8.750   1.00 17.34 ? 207  SER A CB  1 
ATOM   382  O OG  . SER A 1 49  ? -9.610  -16.567 7.645   1.00 19.21 ? 207  SER A OG  1 
ATOM   383  N N   . GLN A 1 50  ? -6.811  -14.932 6.838   1.00 14.90 ? 208  GLN A N   1 
ATOM   384  C CA  . GLN A 1 50  ? -5.849  -14.872 5.746   1.00 15.20 ? 208  GLN A CA  1 
ATOM   385  C C   . GLN A 1 50  ? -5.401  -13.412 5.564   1.00 14.00 ? 208  GLN A C   1 
ATOM   386  O O   . GLN A 1 50  ? -6.209  -12.492 5.624   1.00 13.67 ? 208  GLN A O   1 
ATOM   387  C CB  . GLN A 1 50  ? -6.414  -15.410 4.430   1.00 16.75 ? 208  GLN A CB  1 
ATOM   388  C CG  . GLN A 1 50  ? -7.105  -16.804 4.564   1.00 20.75 ? 208  GLN A CG  1 
ATOM   389  C CD  . GLN A 1 50  ? -7.018  -17.675 3.327   1.00 34.55 ? 208  GLN A CD  1 
ATOM   390  O OE1 . GLN A 1 50  ? -6.008  -17.681 2.590   1.00 42.77 ? 208  GLN A OE1 1 
ATOM   391  N NE2 . GLN A 1 50  ? -8.128  -18.395 3.041   1.00 43.80 ? 208  GLN A NE2 1 
ATOM   392  N N   . ASN A 1 51  ? -4.165  -13.243 5.144   1.00 13.83 ? 209  ASN A N   1 
ATOM   393  C CA  . ASN A 1 51  ? -3.689  -11.850 4.917   1.00 13.22 ? 209  ASN A CA  1 
ATOM   394  C C   . ASN A 1 51  ? -4.445  -11.181 3.791   1.00 12.91 ? 209  ASN A C   1 
ATOM   395  O O   . ASN A 1 51  ? -4.656  -9.943  3.917   1.00 13.02 ? 209  ASN A O   1 
ATOM   396  C CB  . ASN A 1 51  ? -2.195  -11.858 4.752   1.00 15.79 ? 209  ASN A CB  1 
ATOM   397  C CG  . ASN A 1 51  ? -1.555  -10.508 5.143   1.00 13.84 ? 209  ASN A CG  1 
ATOM   398  O OD1 . ASN A 1 51  ? -1.650  -9.952  6.226   1.00 15.52 ? 209  ASN A OD1 1 
ATOM   399  N ND2 . ASN A 1 51  ? -0.903  -9.934  4.113   1.00 15.21 ? 209  ASN A ND2 1 
ATOM   400  N N   . HIS A 1 52  ? -4.856  -11.830 2.749   1.00 12.23 ? 210  HIS A N   1 
ATOM   401  C CA  . HIS A 1 52  ? -5.551  -11.132 1.682   1.00 12.99 ? 210  HIS A CA  1 
ATOM   402  C C   . HIS A 1 52  ? -6.966  -10.791 2.021   1.00 12.38 ? 210  HIS A C   1 
ATOM   403  O O   . HIS A 1 52  ? -7.589  -10.111 1.198   1.00 13.18 ? 210  HIS A O   1 
ATOM   404  C CB  . HIS A 1 52  ? -5.500  -11.910 0.379   1.00 14.17 ? 210  HIS A CB  1 
ATOM   405  C CG  . HIS A 1 52  ? -6.385  -13.144 0.300   1.00 16.65 ? 210  HIS A CG  1 
ATOM   406  N ND1 . HIS A 1 52  ? -7.647  -13.188 -0.250  1.00 20.10 ? 210  HIS A ND1 1 
ATOM   407  C CD2 . HIS A 1 52  ? -6.120  -14.367 0.764   1.00 16.42 ? 210  HIS A CD2 1 
ATOM   408  C CE1 . HIS A 1 52  ? -8.137  -14.445 -0.118  1.00 17.97 ? 210  HIS A CE1 1 
ATOM   409  N NE2 . HIS A 1 52  ? -7.205  -15.159 0.459   1.00 21.02 ? 210  HIS A NE2 1 
ATOM   410  N N   . PHE A 1 53  ? -7.482  -11.221 3.181   1.00 12.51 ? 211  PHE A N   1 
ATOM   411  C CA  . PHE A 1 53  ? -8.827  -10.837 3.513   1.00 11.50 ? 211  PHE A CA  1 
ATOM   412  C C   . PHE A 1 53  ? -8.986  -9.386  3.882   1.00 10.92 ? 211  PHE A C   1 
ATOM   413  O O   . PHE A 1 53  ? -10.097 -8.901  4.037   1.00 11.75 ? 211  PHE A O   1 
ATOM   414  C CB  . PHE A 1 53  ? -9.269  -11.709 4.722   1.00 12.63 ? 211  PHE A CB  1 
ATOM   415  C CG  . PHE A 1 53  ? -9.795  -13.084 4.339   1.00 13.49 ? 211  PHE A CG  1 
ATOM   416  C CD1 . PHE A 1 53  ? -9.620  -13.636 3.194   1.00 13.94 ? 211  PHE A CD1 1 
ATOM   417  C CD2 . PHE A 1 53  ? -10.540 -13.788 5.314   1.00 13.91 ? 211  PHE A CD2 1 
ATOM   418  C CE1 . PHE A 1 53  ? -10.151 -14.956 2.882   1.00 16.35 ? 211  PHE A CE1 1 
ATOM   419  C CE2 . PHE A 1 53  ? -11.022 -15.102 5.023   1.00 15.36 ? 211  PHE A CE2 1 
ATOM   420  C CZ  . PHE A 1 53  ? -10.866 -15.657 3.860   1.00 16.35 ? 211  PHE A CZ  1 
ATOM   421  N N   . ILE A 1 54  ? -7.864  -8.606  4.058   1.00 11.11 ? 212  ILE A N   1 
ATOM   422  C CA  . ILE A 1 54  ? -7.941  -7.133  4.113   1.00 10.80 ? 212  ILE A CA  1 
ATOM   423  C C   . ILE A 1 54  ? -6.985  -6.646  3.031   1.00 10.72 ? 212  ILE A C   1 
ATOM   424  O O   . ILE A 1 54  ? -5.740  -6.738  3.229   1.00 10.84 ? 212  ILE A O   1 
ATOM   425  C CB  . ILE A 1 54  ? -7.638  -6.588  5.438   1.00 10.46 ? 212  ILE A CB  1 
ATOM   426  C CG1 . ILE A 1 54  ? -8.571  -7.178  6.526   1.00 11.46 ? 212  ILE A CG1 1 
ATOM   427  C CG2 . ILE A 1 54  ? -7.761  -5.064  5.402   1.00 11.70 ? 212  ILE A CG2 1 
ATOM   428  C CD1 . ILE A 1 54  ? -8.264  -6.724  7.917   1.00 12.77 ? 212  ILE A CD1 1 
ATOM   429  N N   . GLN A 1 55  ? -7.528  -6.292  1.879   1.00 10.13 ? 213  GLN A N   1 
ATOM   430  C CA  . GLN A 1 55  ? -6.684  -5.919  0.694   1.00 10.03 ? 213  GLN A CA  1 
ATOM   431  C C   . GLN A 1 55  ? -7.211  -4.682  0.064   1.00 10.01 ? 213  GLN A C   1 
ATOM   432  O O   . GLN A 1 55  ? -8.431  -4.398  0.083   1.00 10.87 ? 213  GLN A O   1 
ATOM   433  C CB  . GLN A 1 55  ? -6.581  -7.085  -0.283  1.00 11.37 ? 213  GLN A CB  1 
ATOM   434  C CG  . GLN A 1 55  ? -7.914  -7.487  -0.914  1.00 12.95 ? 213  GLN A CG  1 
ATOM   435  C CD  . GLN A 1 55  ? -7.776  -8.595  -1.920  1.00 13.92 ? 213  GLN A CD  1 
ATOM   436  O OE1 . GLN A 1 55  ? -6.744  -8.765  -2.573  1.00 15.73 ? 213  GLN A OE1 1 
ATOM   437  N NE2 . GLN A 1 55  ? -8.826  -9.425  -2.035  1.00 13.57 ? 213  GLN A NE2 1 
ATOM   438  N N   . TYR A 1 56  ? -6.289  -3.854  -0.471  1.00 9.59  ? 214  TYR A N   1 
ATOM   439  C CA  . TYR A 1 56  ? -6.663  -2.522  -0.894  1.00 9.33  ? 214  TYR A CA  1 
ATOM   440  C C   . TYR A 1 56  ? -5.603  -2.011  -1.846  1.00 8.93  ? 214  TYR A C   1 
ATOM   441  O O   . TYR A 1 56  ? -4.404  -2.227  -1.633  1.00 9.49  ? 214  TYR A O   1 
ATOM   442  C CB  . TYR A 1 56  ? -6.849  -1.599  0.337   1.00 9.77  ? 214  TYR A CB  1 
ATOM   443  C CG  . TYR A 1 56  ? -5.831  -1.719  1.427   1.00 9.35  ? 214  TYR A CG  1 
ATOM   444  C CD1 . TYR A 1 56  ? -5.947  -2.732  2.417   1.00 9.80  ? 214  TYR A CD1 1 
ATOM   445  C CD2 . TYR A 1 56  ? -4.716  -0.911  1.523   1.00 9.57  ? 214  TYR A CD2 1 
ATOM   446  C CE1 . TYR A 1 56  ? -4.993  -2.963  3.352   1.00 10.04 ? 214  TYR A CE1 1 
ATOM   447  C CE2 . TYR A 1 56  ? -3.787  -1.078  2.473   1.00 9.80  ? 214  TYR A CE2 1 
ATOM   448  C CZ  . TYR A 1 56  ? -3.882  -2.115  3.405   1.00 10.04 ? 214  TYR A CZ  1 
ATOM   449  O OH  . TYR A 1 56  ? -2.927  -2.249  4.391   1.00 10.63 ? 214  TYR A OH  1 
ATOM   450  N N   . HIS A 1 57  ? -6.041  -1.263  -2.835  1.00 8.44  ? 215  HIS A N   1 
ATOM   451  C CA  . HIS A 1 57  ? -5.055  -0.558  -3.687  1.00 8.40  ? 215  HIS A CA  1 
ATOM   452  C C   . HIS A 1 57  ? -4.660  0.694   -2.976  1.00 8.50  ? 215  HIS A C   1 
ATOM   453  O O   . HIS A 1 57  ? -5.494  1.483   -2.470  1.00 9.35  ? 215  HIS A O   1 
ATOM   454  C CB  . HIS A 1 57  ? -5.669  -0.171  -5.027  1.00 8.72  ? 215  HIS A CB  1 
ATOM   455  C CG  . HIS A 1 57  ? -6.008  -1.342  -5.908  1.00 9.44  ? 215  HIS A CG  1 
ATOM   456  N ND1 . HIS A 1 57  ? -6.608  -1.128  -7.140  1.00 10.39 ? 215  HIS A ND1 1 
ATOM   457  C CD2 . HIS A 1 57  ? -5.843  -2.686  -5.746  1.00 10.71 ? 215  HIS A CD2 1 
ATOM   458  C CE1 . HIS A 1 57  ? -6.821  -2.317  -7.695  1.00 10.98 ? 215  HIS A CE1 1 
ATOM   459  N NE2 . HIS A 1 57  ? -6.389  -3.268  -6.888  1.00 10.67 ? 215  HIS A NE2 1 
ATOM   460  N N   . THR A 1 58  ? -3.357  0.971   -2.938  1.00 8.42  ? 216  THR A N   1 
ATOM   461  C CA  . THR A 1 58  ? -2.834  2.240   -2.391  1.00 8.72  ? 216  THR A CA  1 
ATOM   462  C C   . THR A 1 58  ? -2.384  3.191   -3.458  1.00 7.89  ? 216  THR A C   1 
ATOM   463  O O   . THR A 1 58  ? -2.084  4.389   -3.156  1.00 9.27  ? 216  THR A O   1 
ATOM   464  C CB  . THR A 1 58  ? -1.715  1.947   -1.377  1.00 8.67  ? 216  THR A CB  1 
ATOM   465  O OG1 . THR A 1 58  ? -0.693  1.180   -2.001  1.00 9.66  ? 216  THR A OG1 1 
ATOM   466  C CG2 . THR A 1 58  ? -2.205  1.270   -0.155  1.00 9.59  ? 216  THR A CG2 1 
ATOM   467  N N   . ALA A 1 59  ? -2.390  2.766   -4.710  1.00 8.63  ? 217  ALA A N   1 
ATOM   468  C CA  . ALA A 1 59  ? -2.094  3.552   -5.913  1.00 7.77  ? 217  ALA A CA  1 
ATOM   469  C C   . ALA A 1 59  ? -2.661  2.735   -7.087  1.00 8.28  ? 217  ALA A C   1 
ATOM   470  O O   . ALA A 1 59  ? -2.868  1.521   -6.965  1.00 8.59  ? 217  ALA A O   1 
ATOM   471  C CB  . ALA A 1 59  ? -0.592  3.770   -6.103  1.00 8.83  ? 217  ALA A CB  1 
ATOM   472  N N   . ASP A 1 60  ? -2.876  3.401   -8.212  1.00 8.47  ? 218  ASP A N   1 
ATOM   473  C CA  . ASP A 1 60  ? -3.517  2.749   -9.378  1.00 8.71  ? 218  ASP A CA  1 
ATOM   474  C C   . ASP A 1 60  ? -3.133  3.517   -10.607 1.00 8.81  ? 218  ASP A C   1 
ATOM   475  O O   . ASP A 1 60  ? -2.455  4.566   -10.543 1.00 9.45  ? 218  ASP A O   1 
ATOM   476  C CB  . ASP A 1 60  ? -5.069  2.822   -9.130  1.00 10.71 ? 218  ASP A CB  1 
ATOM   477  C CG  . ASP A 1 60  ? -5.900  1.936   -9.995  1.00 11.60 ? 218  ASP A CG  1 
ATOM   478  O OD1 . ASP A 1 60  ? -5.390  1.170   -10.758 1.00 11.58 ? 218  ASP A OD1 1 
ATOM   479  O OD2 . ASP A 1 60  ? -7.169  2.180   -9.877  1.00 12.33 ? 218  ASP A OD2 1 
ATOM   480  N N   . ASN A 1 61  ? -3.502  2.995   -11.783 1.00 9.10  ? 219  ASN A N   1 
ATOM   481  C CA  . ASN A 1 61  ? -3.265  3.718   -13.036 1.00 10.22 ? 219  ASN A CA  1 
ATOM   482  C C   . ASN A 1 61  ? -1.767  3.972   -13.228 1.00 9.59  ? 219  ASN A C   1 
ATOM   483  O O   . ASN A 1 61  ? -1.364  5.051   -13.706 1.00 9.96  ? 219  ASN A O   1 
ATOM   484  C CB  . ASN A 1 61  ? -4.045  5.071   -13.071 1.00 12.06 ? 219  ASN A CB  1 
ATOM   485  C CG  . ASN A 1 61  ? -5.457  4.985   -12.476 1.00 11.38 ? 219  ASN A CG  1 
ATOM   486  O OD1 . ASN A 1 61  ? -5.670  5.284   -11.366 1.00 11.51 ? 219  ASN A OD1 1 
ATOM   487  N ND2 . ASN A 1 61  ? -6.380  4.441   -13.301 1.00 13.37 ? 219  ASN A ND2 1 
ATOM   488  N N   . LEU A 1 62  ? -0.937  3.007   -12.902 1.00 9.26  ? 220  LEU A N   1 
ATOM   489  C CA  . LEU A 1 62  ? 0.505   3.265   -12.870 1.00 9.65  ? 220  LEU A CA  1 
ATOM   490  C C   . LEU A 1 62  ? 1.104   3.413   -14.236 1.00 9.60  ? 220  LEU A C   1 
ATOM   491  O O   . LEU A 1 62  ? 0.753   2.610   -15.156 1.00 11.60 ? 220  LEU A O   1 
ATOM   492  C CB  . LEU A 1 62  ? 1.197   2.186   -12.067 1.00 9.91  ? 220  LEU A CB  1 
ATOM   493  C CG  . LEU A 1 62  ? 0.797   2.014   -10.613 1.00 9.35  ? 220  LEU A CG  1 
ATOM   494  C CD1 . LEU A 1 62  ? 1.541   0.831   -10.010 1.00 10.89 ? 220  LEU A CD1 1 
ATOM   495  C CD2 . LEU A 1 62  ? 0.993   3.288   -9.808  1.00 9.59  ? 220  LEU A CD2 1 
ATOM   496  N N   . PRO A 1 63  ? 2.107   4.238   -14.409 1.00 9.56  ? 221  PRO A N   1 
ATOM   497  C CA  . PRO A 1 63  ? 2.721   4.491   -15.753 1.00 10.66 ? 221  PRO A CA  1 
ATOM   498  C C   . PRO A 1 63  ? 3.917   3.596   -15.906 1.00 14.15 ? 221  PRO A C   1 
ATOM   499  O O   . PRO A 1 63  ? 5.137   4.197   -15.932 1.00 19.90 ? 221  PRO A O   1 
ATOM   500  C CB  . PRO A 1 63  ? 3.168   5.921   -15.655 1.00 10.21 ? 221  PRO A CB  1 
ATOM   501  C CG  . PRO A 1 63  ? 3.615   6.045   -14.178 1.00 10.91 ? 221  PRO A CG  1 
ATOM   502  C CD  . PRO A 1 63  ? 2.527   5.267   -13.444 1.00 9.75  ? 221  PRO A CD  1 
ATOM   503  N N   . ILE A 1 64  ? 3.909   2.361   -15.609 1.00 11.30 ? 222  ILE A N   1 
ATOM   504  C CA  . ILE A 1 64  ? 5.024   1.445   -15.671 1.00 10.49 ? 222  ILE A CA  1 
ATOM   505  C C   . ILE A 1 64  ? 4.918   0.558   -16.916 1.00 10.94 ? 222  ILE A C   1 
ATOM   506  O O   . ILE A 1 64  ? 3.843   0.195   -17.356 1.00 11.77 ? 222  ILE A O   1 
ATOM   507  C CB  . ILE A 1 64  ? 5.243   0.673   -14.371 1.00 12.39 ? 222  ILE A CB  1 
ATOM   508  C CG1 . ILE A 1 64  ? 4.081   -0.205  -14.016 1.00 12.59 ? 222  ILE A CG1 1 
ATOM   509  C CG2 . ILE A 1 64  ? 5.643   1.574   -13.186 1.00 12.95 ? 222  ILE A CG2 1 
ATOM   510  C CD1 . ILE A 1 64  ? 4.193   -0.940  -12.646 1.00 14.60 ? 222  ILE A CD1 1 
ATOM   511  N N   . GLU A 1 65  ? 6.105   0.236   -17.433 1.00 11.41 ? 223  GLU A N   1 
ATOM   512  C CA  . GLU A 1 65  ? 6.239   -0.543  -18.719 1.00 12.28 ? 223  GLU A CA  1 
ATOM   513  C C   . GLU A 1 65  ? 7.017   -1.771  -18.428 1.00 11.82 ? 223  GLU A C   1 
ATOM   514  O O   . GLU A 1 65  ? 8.018   -1.805  -17.737 1.00 11.73 ? 223  GLU A O   1 
ATOM   515  C CB  . GLU A 1 65  ? 7.003   0.315   -19.706 1.00 14.57 ? 223  GLU A CB  1 
ATOM   516  C CG  . GLU A 1 65  ? 6.279   1.607   -20.057 1.00 19.64 ? 223  GLU A CG  1 
ATOM   517  C CD  . GLU A 1 65  ? 7.210   2.549   -20.840 1.00 24.43 ? 223  GLU A CD  1 
ATOM   518  O OE1 . GLU A 1 65  ? 7.285   2.288   -22.021 1.00 29.06 ? 223  GLU A OE1 1 
ATOM   519  O OE2 . GLU A 1 65  ? 7.937   3.396   -20.301 1.00 25.76 ? 223  GLU A OE2 1 
ATOM   520  N N   . ILE A 1 66  ? 6.549   -2.918  -19.027 1.00 12.02 ? 224  ILE A N   1 
ATOM   521  C CA  . ILE A 1 66  ? 7.157   -4.203  -18.758 1.00 11.98 ? 224  ILE A CA  1 
ATOM   522  C C   . ILE A 1 66  ? 8.680   -4.203  -18.993 1.00 11.83 ? 224  ILE A C   1 
ATOM   523  O O   . ILE A 1 66  ? 9.127   -3.685  -20.007 1.00 13.31 ? 224  ILE A O   1 
ATOM   524  C CB  . ILE A 1 66  ? 6.451   -5.328  -19.631 1.00 13.88 ? 224  ILE A CB  1 
ATOM   525  C CG1 . ILE A 1 66  ? 6.954   -6.719  -19.205 1.00 13.69 ? 224  ILE A CG1 1 
ATOM   526  C CG2 . ILE A 1 66  ? 6.604   -5.093  -21.151 1.00 14.99 ? 224  ILE A CG2 1 
ATOM   527  C CD1 . ILE A 1 66  ? 6.229   -7.852  -19.904 1.00 15.79 ? 224  ILE A CD1 1 
ATOM   528  N N   . GLY A 1 67  ? 9.382   -4.755  -18.089 1.00 12.84 ? 225  GLY A N   1 
ATOM   529  C CA  . GLY A 1 67  ? 10.814  -4.920  -18.227 1.00 13.90 ? 225  GLY A CA  1 
ATOM   530  C C   . GLY A 1 67  ? 11.633  -3.725  -17.822 1.00 15.20 ? 225  GLY A C   1 
ATOM   531  O O   . GLY A 1 67  ? 12.863  -3.839  -17.682 1.00 18.25 ? 225  GLY A O   1 
ATOM   532  N N   . LYS A 1 68  ? 11.061  -2.559  -17.521 1.00 13.49 ? 226  LYS A N   1 
ATOM   533  C CA  . LYS A 1 68  ? 11.811  -1.403  -17.001 1.00 13.65 ? 226  LYS A CA  1 
ATOM   534  C C   . LYS A 1 68  ? 11.963  -1.451  -15.519 1.00 12.16 ? 226  LYS A C   1 
ATOM   535  O O   . LYS A 1 68  ? 11.167  -2.075  -14.808 1.00 12.65 ? 226  LYS A O   1 
ATOM   536  C CB  . LYS A 1 68  ? 11.165  -0.145  -17.481 1.00 14.06 ? 226  LYS A CB  1 
ATOM   537  C CG  . LYS A 1 68  ? 11.189  0.004   -18.996 1.00 17.60 ? 226  LYS A CG  1 
ATOM   538  C CD  . LYS A 1 68  ? 10.834  1.391   -19.450 1.00 21.50 ? 226  LYS A CD  1 
ATOM   539  C CE  . LYS A 1 68  ? 10.900  1.534   -20.978 1.00 28.88 ? 226  LYS A CE  1 
ATOM   540  N NZ  . LYS A 1 68  ? 10.199  0.451   -21.784 1.00 39.14 ? 226  LYS A NZ  1 
ATOM   541  N N   . GLU A 1 69  ? 13.016  -0.820  -15.014 1.00 12.14 ? 227  GLU A N   1 
ATOM   542  C CA  . GLU A 1 69  ? 13.328  -0.775  -13.585 1.00 13.11 ? 227  GLU A CA  1 
ATOM   543  C C   . GLU A 1 69  ? 12.783  0.498   -12.909 1.00 11.53 ? 227  GLU A C   1 
ATOM   544  O O   . GLU A 1 69  ? 12.979  1.614   -13.398 1.00 12.03 ? 227  GLU A O   1 
ATOM   545  C CB  . GLU A 1 69  ? 14.846  -0.764  -13.440 1.00 15.39 ? 227  GLU A CB  1 
ATOM   546  C CG  . GLU A 1 69  ? 15.650  -1.987  -13.911 1.00 28.74 ? 227  GLU A CG  1 
ATOM   547  C CD  . GLU A 1 69  ? 15.320  -3.272  -13.191 1.00 44.14 ? 227  GLU A CD  1 
ATOM   548  O OE1 . GLU A 1 69  ? 15.267  -3.228  -11.912 1.00 57.91 ? 227  GLU A OE1 1 
ATOM   549  O OE2 . GLU A 1 69  ? 15.140  -4.329  -13.905 1.00 57.69 ? 227  GLU A OE2 1 
ATOM   550  N N   . TYR A 1 70  ? 12.183  0.263   -11.742 1.00 11.15 ? 228  TYR A N   1 
ATOM   551  C CA  . TYR A 1 70  ? 11.571  1.346   -10.934 1.00 10.21 ? 228  TYR A CA  1 
ATOM   552  C C   . TYR A 1 70  ? 11.812  1.092   -9.520  1.00 9.97  ? 228  TYR A C   1 
ATOM   553  O O   . TYR A 1 70  ? 12.269  0.028   -9.087  1.00 11.24 ? 228  TYR A O   1 
ATOM   554  C CB  . TYR A 1 70  ? 10.011  1.370   -11.175 1.00 10.74 ? 228  TYR A CB  1 
ATOM   555  C CG  . TYR A 1 70  ? 9.598   1.523   -12.606 1.00 10.29 ? 228  TYR A CG  1 
ATOM   556  C CD1 . TYR A 1 70  ? 9.447   2.741   -13.198 1.00 10.85 ? 228  TYR A CD1 1 
ATOM   557  C CD2 . TYR A 1 70  ? 9.322   0.371   -13.418 1.00 10.39 ? 228  TYR A CD2 1 
ATOM   558  C CE1 . TYR A 1 70  ? 9.033   2.898   -14.493 1.00 11.19 ? 228  TYR A CE1 1 
ATOM   559  C CE2 . TYR A 1 70  ? 8.952   0.516   -14.694 1.00 10.74 ? 228  TYR A CE2 1 
ATOM   560  C CZ  . TYR A 1 70  ? 8.796   1.765   -15.252 1.00 11.12 ? 228  TYR A CZ  1 
ATOM   561  O OH  . TYR A 1 70  ? 8.369   1.856   -16.566 1.00 12.42 ? 228  TYR A OH  1 
ATOM   562  N N   . LYS A 1 71  ? 11.458  2.096   -8.667  1.00 9.81  ? 229  LYS A N   1 
ATOM   563  C CA  . LYS A 1 71  ? 11.246  1.878   -7.251  1.00 9.99  ? 229  LYS A CA  1 
ATOM   564  C C   . LYS A 1 71  ? 9.815   2.177   -6.868  1.00 9.21  ? 229  LYS A C   1 
ATOM   565  O O   . LYS A 1 71  ? 9.207   3.136   -7.413  1.00 10.30 ? 229  LYS A O   1 
ATOM   566  C CB  . LYS A 1 71  ? 12.096  2.829   -6.373  1.00 9.86  ? 229  LYS A CB  1 
ATOM   567  C CG  . LYS A 1 71  ? 13.580  2.599   -6.497  1.00 11.24 ? 229  LYS A CG  1 
ATOM   568  C CD  . LYS A 1 71  ? 14.352  3.619   -5.663  1.00 11.47 ? 229  LYS A CD  1 
ATOM   569  C CE  . LYS A 1 71  ? 15.867  3.474   -5.839  1.00 12.90 ? 229  LYS A CE  1 
ATOM   570  N NZ  . LYS A 1 71  ? 16.614  4.465   -4.966  1.00 12.94 ? 229  LYS A NZ  1 
ATOM   571  N N   . LEU A 1 72  ? 9.261   1.398   -5.986  1.00 8.67  ? 230  LEU A N   1 
ATOM   572  C CA  . LEU A 1 72  ? 8.085   1.769   -5.222  1.00 9.11  ? 230  LEU A CA  1 
ATOM   573  C C   . LEU A 1 72  ? 8.564   2.448   -3.920  1.00 9.04  ? 230  LEU A C   1 
ATOM   574  O O   . LEU A 1 72  ? 9.443   1.856   -3.219  1.00 9.95  ? 230  LEU A O   1 
ATOM   575  C CB  . LEU A 1 72  ? 7.290   0.516   -4.855  1.00 9.77  ? 230  LEU A CB  1 
ATOM   576  C CG  . LEU A 1 72  ? 6.193   0.644   -3.844  1.00 9.52  ? 230  LEU A CG  1 
ATOM   577  C CD1 . LEU A 1 72  ? 5.030   1.489   -4.339  1.00 10.38 ? 230  LEU A CD1 1 
ATOM   578  C CD2 . LEU A 1 72  ? 5.699   -0.750  -3.381  1.00 9.73  ? 230  LEU A CD2 1 
ATOM   579  N N   . LYS A 1 73  ? 8.061   3.598   -3.600  1.00 8.65  ? 231  LYS A N   1 
ATOM   580  C CA  . LYS A 1 73  ? 8.328   4.286   -2.324  1.00 8.24  ? 231  LYS A CA  1 
ATOM   581  C C   . LYS A 1 73  ? 7.057   4.433   -1.591  1.00 8.87  ? 231  LYS A C   1 
ATOM   582  O O   . LYS A 1 73  ? 6.029   4.899   -2.171  1.00 9.51  ? 231  LYS A O   1 
ATOM   583  C CB  . LYS A 1 73  ? 9.000   5.621   -2.494  1.00 8.51  ? 231  LYS A CB  1 
ATOM   584  C CG  . LYS A 1 73  ? 10.317  5.560   -3.219  1.00 9.15  ? 231  LYS A CG  1 
ATOM   585  C CD  . LYS A 1 73  ? 11.089  6.876   -3.235  1.00 9.94  ? 231  LYS A CD  1 
ATOM   586  C CE  . LYS A 1 73  ? 12.462  6.710   -3.902  1.00 9.45  ? 231  LYS A CE  1 
ATOM   587  N NZ  . LYS A 1 73  ? 13.262  7.938   -3.843  1.00 9.58  ? 231  LYS A NZ  1 
ATOM   588  N N   . MET A 1 74  ? 6.996   4.072   -0.306  1.00 8.53  ? 232  MET A N   1 
ATOM   589  C CA  A MET A 1 74  ? 5.813   4.268   0.519   0.50 8.57  ? 232  MET A CA  1 
ATOM   590  C CA  B MET A 1 74  ? 5.772   4.230   0.528   0.50 9.65  ? 232  MET A CA  1 
ATOM   591  C C   . MET A 1 74  ? 6.196   4.739   1.874   1.00 8.69  ? 232  MET A C   1 
ATOM   592  O O   . MET A 1 74  ? 7.132   4.118   2.467   1.00 10.68 ? 232  MET A O   1 
ATOM   593  C CB  A MET A 1 74  ? 5.096   2.951   0.611   0.50 8.34  ? 232  MET A CB  1 
ATOM   594  C CB  B MET A 1 74  ? 4.944   2.941   0.730   0.50 11.74 ? 232  MET A CB  1 
ATOM   595  C CG  A MET A 1 74  ? 3.716   2.981   1.203   0.50 9.66  ? 232  MET A CG  1 
ATOM   596  C CG  B MET A 1 74  ? 4.322   2.312   -0.521  0.50 12.80 ? 232  MET A CG  1 
ATOM   597  S SD  A MET A 1 74  ? 2.941   1.370   1.490   0.50 12.30 ? 232  MET A SD  1 
ATOM   598  S SD  B MET A 1 74  ? 2.924   1.035   -0.210  0.50 29.97 ? 232  MET A SD  1 
ATOM   599  C CE  A MET A 1 74  ? 3.603   0.716   -0.318  0.50 4.52  ? 232  MET A CE  1 
ATOM   600  C CE  B MET A 1 74  ? 1.663   1.991   0.454   0.50 24.62 ? 232  MET A CE  1 
ATOM   601  N N   . MET A 1 75  ? 5.558   5.739   2.386   1.00 8.10  ? 233  MET A N   1 
ATOM   602  C CA  . MET A 1 75  ? 5.776   6.164   3.787   1.00 9.06  ? 233  MET A CA  1 
ATOM   603  C C   . MET A 1 75  ? 4.675   5.566   4.645   1.00 8.67  ? 233  MET A C   1 
ATOM   604  O O   . MET A 1 75  ? 3.471   5.789   4.378   1.00 9.07  ? 233  MET A O   1 
ATOM   605  C CB  . MET A 1 75  ? 5.875   7.651   3.893   1.00 9.59  ? 233  MET A CB  1 
ATOM   606  C CG  . MET A 1 75  ? 5.909   8.106   5.351   1.00 11.16 ? 233  MET A CG  1 
ATOM   607  S SD  . MET A 1 75  ? 6.622   9.730   5.698   1.00 11.23 ? 233  MET A SD  1 
ATOM   608  C CE  . MET A 1 75  ? 5.281   10.592  6.428   1.00 28.23 ? 233  MET A CE  1 
ATOM   609  N N   . VAL A 1 76  ? 5.081   4.786   5.639   1.00 8.90  ? 234  VAL A N   1 
ATOM   610  C CA  . VAL A 1 76  ? 4.179   3.909   6.429   1.00 10.04 ? 234  VAL A CA  1 
ATOM   611  C C   . VAL A 1 76  ? 4.576   3.964   7.879   1.00 9.50  ? 234  VAL A C   1 
ATOM   612  O O   . VAL A 1 76  ? 5.791   4.021   8.213   1.00 10.60 ? 234  VAL A O   1 
ATOM   613  C CB  . VAL A 1 76  ? 4.263   2.470   5.962   1.00 11.87 ? 234  VAL A CB  1 
ATOM   614  C CG1 . VAL A 1 76  ? 3.298   1.538   6.697   1.00 11.87 ? 234  VAL A CG1 1 
ATOM   615  C CG2 . VAL A 1 76  ? 4.152   2.358   4.487   1.00 13.80 ? 234  VAL A CG2 1 
ATOM   616  N N   . ARG A 1 77  ? 3.598   3.911   8.764   1.00 9.94  ? 235  ARG A N   1 
ATOM   617  C CA  . ARG A 1 77  ? 3.851   3.587   10.204  1.00 10.30 ? 235  ARG A CA  1 
ATOM   618  C C   . ARG A 1 77  ? 2.658   2.747   10.657  1.00 11.13 ? 235  ARG A C   1 
ATOM   619  O O   . ARG A 1 77  ? 1.556   2.694   10.041  1.00 11.55 ? 235  ARG A O   1 
ATOM   620  C CB  . ARG A 1 77  ? 4.035   4.809   11.022  1.00 11.77 ? 235  ARG A CB  1 
ATOM   621  C CG  . ARG A 1 77  ? 2.880   5.603   11.233  1.00 11.73 ? 235  ARG A CG  1 
ATOM   622  C CD  . ARG A 1 77  ? 3.044   6.769   12.252  1.00 13.07 ? 235  ARG A CD  1 
ATOM   623  N NE  . ARG A 1 77  ? 1.874   7.436   12.664  1.00 17.35 ? 235  ARG A NE  1 
ATOM   624  C CZ  . ARG A 1 77  ? 1.713   8.474   13.552  1.00 18.30 ? 235  ARG A CZ  1 
ATOM   625  N NH1 . ARG A 1 77  ? 2.764   9.030   14.234  1.00 21.08 ? 235  ARG A NH1 1 
ATOM   626  N NH2 . ARG A 1 77  ? 0.469   8.958   13.713  1.00 18.32 ? 235  ARG A NH2 1 
ATOM   627  N N   . GLY A 1 78  ? 2.816   2.149   11.842  1.00 10.67 ? 236  GLY A N   1 
ATOM   628  C CA  . GLY A 1 78  ? 1.732   1.447   12.505  1.00 11.68 ? 236  GLY A CA  1 
ATOM   629  C C   . GLY A 1 78  ? 1.734   1.675   13.967  1.00 12.10 ? 236  GLY A C   1 
ATOM   630  O O   . GLY A 1 78  ? 2.699   2.204   14.569  1.00 13.49 ? 236  GLY A O   1 
ATOM   631  N N   . SER A 1 79  ? 0.654   1.249   14.592  1.00 12.01 ? 237  SER A N   1 
ATOM   632  C CA  . SER A 1 79  ? 0.532   1.354   16.067  1.00 14.01 ? 237  SER A CA  1 
ATOM   633  C C   . SER A 1 79  ? 1.408   0.356   16.736  1.00 14.03 ? 237  SER A C   1 
ATOM   634  O O   . SER A 1 79  ? 1.571   0.484   17.996  1.00 17.57 ? 237  SER A O   1 
ATOM   635  C CB  . SER A 1 79  ? -0.931  1.102   16.488  1.00 15.92 ? 237  SER A CB  1 
ATOM   636  O OG  . SER A 1 79  ? -1.436  -0.066  15.968  1.00 15.56 ? 237  SER A OG  1 
ATOM   637  N N   . ALA A 1 80  ? 1.913   -0.611  16.111  1.00 13.62 ? 238  ALA A N   1 
ATOM   638  C CA  . ALA A 1 80  ? 2.859   -1.585  16.578  1.00 16.66 ? 238  ALA A CA  1 
ATOM   639  C C   . ALA A 1 80  ? 3.655   -2.087  15.407  1.00 16.68 ? 238  ALA A C   1 
ATOM   640  O O   . ALA A 1 80  ? 3.293   -1.797  14.213  1.00 16.52 ? 238  ALA A O   1 
ATOM   641  C CB  . ALA A 1 80  ? 2.164   -2.786  17.218  1.00 19.41 ? 238  ALA A CB  1 
ATOM   642  N N   . GLU A 1 81  ? 4.764   -2.755  15.595  1.00 17.55 ? 239  GLU A N   1 
ATOM   643  C CA  . GLU A 1 81  ? 5.494   -3.377  14.568  1.00 16.93 ? 239  GLU A CA  1 
ATOM   644  C C   . GLU A 1 81  ? 4.644   -4.383  13.790  1.00 17.00 ? 239  GLU A C   1 
ATOM   645  O O   . GLU A 1 81  ? 3.877   -5.177  14.396  1.00 18.73 ? 239  GLU A O   1 
ATOM   646  C CB  . GLU A 1 81  ? 6.766   -4.070  15.087  1.00 19.96 ? 239  GLU A CB  1 
ATOM   647  C CG  . GLU A 1 81  ? 7.811   -3.060  15.497  1.00 24.67 ? 239  GLU A CG  1 
ATOM   648  C CD  . GLU A 1 81  ? 9.044   -3.627  16.207  1.00 31.95 ? 239  GLU A CD  1 
ATOM   649  O OE1 . GLU A 1 81  ? 9.397   -4.769  16.000  1.00 33.08 ? 239  GLU A OE1 1 
ATOM   650  O OE2 . GLU A 1 81  ? 9.669   -2.863  16.956  1.00 37.34 ? 239  GLU A OE2 1 
ATOM   651  N N   . GLY A 1 82  ? 4.687   -4.423  12.466  1.00 15.38 ? 240  GLY A N   1 
ATOM   652  C CA  . GLY A 1 82  ? 3.986   -5.376  11.661  1.00 16.15 ? 240  GLY A CA  1 
ATOM   653  C C   . GLY A 1 82  ? 4.460   -5.364  10.254  1.00 14.08 ? 240  GLY A C   1 
ATOM   654  O O   . GLY A 1 82  ? 5.461   -4.666  9.923   1.00 15.42 ? 240  GLY A O   1 
ATOM   655  N N   . LYS A 1 83  ? 3.831   -6.192  9.407   1.00 14.76 ? 241  LYS A N   1 
ATOM   656  C CA  . LYS A 1 83  ? 4.211   -6.356  8.038   1.00 16.45 ? 241  LYS A CA  1 
ATOM   657  C C   . LYS A 1 83  ? 3.084   -6.045  7.052   1.00 15.40 ? 241  LYS A C   1 
ATOM   658  O O   . LYS A 1 83  ? 1.926   -6.432  7.262   1.00 19.12 ? 241  LYS A O   1 
ATOM   659  C CB  . LYS A 1 83  ? 4.681   -7.803  7.805   1.00 20.87 ? 241  LYS A CB  1 
ATOM   660  C CG  . LYS A 1 83  ? 5.095   -8.164  6.408   1.00 24.87 ? 241  LYS A CG  1 
ATOM   661  C CD  . LYS A 1 83  ? 5.401   -9.632  6.153   1.00 34.36 ? 241  LYS A CD  1 
ATOM   662  C CE  . LYS A 1 83  ? 6.813   -9.820  6.576   1.00 38.92 ? 241  LYS A CE  1 
ATOM   663  N NZ  . LYS A 1 83  ? 7.031   -11.229 7.040   1.00 46.33 ? 241  LYS A NZ  1 
ATOM   664  N N   . LEU A 1 84  ? 3.457   -5.291  6.011   1.00 16.04 ? 242  LEU A N   1 
ATOM   665  C CA  . LEU A 1 84  ? 2.586   -4.846  4.872   1.00 18.03 ? 242  LEU A CA  1 
ATOM   666  C C   . LEU A 1 84  ? 2.996   -5.745  3.660   1.00 16.45 ? 242  LEU A C   1 
ATOM   667  O O   . LEU A 1 84  ? 4.184   -5.621  3.329   1.00 21.55 ? 242  LEU A O   1 
ATOM   668  C CB  . LEU A 1 84  ? 2.774   -3.239  4.666   1.00 16.62 ? 242  LEU A CB  1 
ATOM   669  C CG  . LEU A 1 84  ? 1.775   -2.589  3.936   1.00 18.55 ? 242  LEU A CG  1 
ATOM   670  C CD1 . LEU A 1 84  ? 0.417   -2.600  4.636   1.00 21.02 ? 242  LEU A CD1 1 
ATOM   671  C CD2 . LEU A 1 84  ? 2.167   -1.142  3.666   1.00 19.20 ? 242  LEU A CD2 1 
ATOM   672  N N   . ASN A 1 85  ? 2.226   -6.569  3.062   1.00 13.09 ? 243  ASN A N   1 
ATOM   673  C CA  . ASN A 1 85  ? 2.556   -7.224  1.824   1.00 12.73 ? 243  ASN A CA  1 
ATOM   674  C C   . ASN A 1 85  ? 2.057   -6.431  0.643   1.00 11.86 ? 243  ASN A C   1 
ATOM   675  O O   . ASN A 1 85  ? 0.975   -5.772  0.758   1.00 13.40 ? 243  ASN A O   1 
ATOM   676  C CB  . ASN A 1 85  ? 1.951   -8.624  1.775   1.00 14.15 ? 243  ASN A CB  1 
ATOM   677  C CG  . ASN A 1 85  ? 2.576   -9.494  2.846   1.00 18.09 ? 243  ASN A CG  1 
ATOM   678  O OD1 . ASN A 1 85  ? 2.081   -9.507  3.976   1.00 22.81 ? 243  ASN A OD1 1 
ATOM   679  N ND2 . ASN A 1 85  ? 3.711   -9.957  2.606   1.00 24.51 ? 243  ASN A ND2 1 
ATOM   680  N N   . PHE A 1 86  ? 2.745   -6.409  -0.471  1.00 10.55 ? 244  PHE A N   1 
ATOM   681  C CA  . PHE A 1 86  ? 2.330   -5.671  -1.649  1.00 10.23 ? 244  PHE A CA  1 
ATOM   682  C C   . PHE A 1 86  ? 2.667   -6.344  -2.881  1.00 10.79 ? 244  PHE A C   1 
ATOM   683  O O   . PHE A 1 86  ? 3.615   -7.224  -2.911  1.00 11.35 ? 244  PHE A O   1 
ATOM   684  C CB  . PHE A 1 86  ? 2.845   -4.209  -1.585  1.00 11.47 ? 244  PHE A CB  1 
ATOM   685  C CG  . PHE A 1 86  ? 4.321   -4.120  -1.599  1.00 10.81 ? 244  PHE A CG  1 
ATOM   686  C CD1 . PHE A 1 86  ? 5.032   -4.346  -2.712  1.00 11.57 ? 244  PHE A CD1 1 
ATOM   687  C CD2 . PHE A 1 86  ? 4.990   -3.888  -0.416  1.00 11.96 ? 244  PHE A CD2 1 
ATOM   688  C CE1 . PHE A 1 86  ? 6.409   -4.342  -2.704  1.00 12.05 ? 244  PHE A CE1 1 
ATOM   689  C CE2 . PHE A 1 86  ? 6.383   -3.895  -0.405  1.00 12.90 ? 244  PHE A CE2 1 
ATOM   690  C CZ  . PHE A 1 86  ? 7.043   -4.112  -1.535  1.00 12.43 ? 244  PHE A CZ  1 
ATOM   691  N N   . GLY A 1 87  ? 2.040   -5.961  -3.979  1.00 10.57 ? 245  GLY A N   1 
ATOM   692  C CA  . GLY A 1 87  ? 2.479   -6.289  -5.321  1.00 10.54 ? 245  GLY A CA  1 
ATOM   693  C C   . GLY A 1 87  ? 2.265   -5.114  -6.217  1.00 9.39  ? 245  GLY A C   1 
ATOM   694  O O   . GLY A 1 87  ? 1.223   -4.411  -6.067  1.00 10.40 ? 245  GLY A O   1 
ATOM   695  N N   . VAL A 1 88  ? 3.159   -4.856  -7.128  1.00 9.11  ? 246  VAL A N   1 
ATOM   696  C CA  . VAL A 1 88  ? 3.034   -3.757  -8.072  1.00 9.29  ? 246  VAL A CA  1 
ATOM   697  C C   . VAL A 1 88  ? 2.768   -4.306  -9.467  1.00 9.80  ? 246  VAL A C   1 
ATOM   698  O O   . VAL A 1 88  ? 3.670   -5.052  -10.034 1.00 10.71 ? 246  VAL A O   1 
ATOM   699  C CB  . VAL A 1 88  ? 4.305   -2.873  -8.124  1.00 9.84  ? 246  VAL A CB  1 
ATOM   700  C CG1 . VAL A 1 88  ? 4.072   -1.687  -8.998  1.00 10.03 ? 246  VAL A CG1 1 
ATOM   701  C CG2 . VAL A 1 88  ? 4.715   -2.436  -6.720  1.00 10.17 ? 246  VAL A CG2 1 
ATOM   702  N N   . GLY A 1 89  ? 1.624   -4.099  -10.024 1.00 9.64  ? 247  GLY A N   1 
ATOM   703  C CA  . GLY A 1 89  ? 1.249   -4.642  -11.341 1.00 10.52 ? 247  GLY A CA  1 
ATOM   704  C C   . GLY A 1 89  ? -0.240  -4.783  -11.447 1.00 10.91 ? 247  GLY A C   1 
ATOM   705  O O   . GLY A 1 89  ? -0.997  -4.496  -10.546 1.00 10.10 ? 247  GLY A O   1 
ATOM   706  N N   . PRO A 1 90  ? -0.695  -5.242  -12.641 1.00 11.14 ? 248  PRO A N   1 
ATOM   707  C CA  . PRO A 1 90  ? -2.076  -5.478  -12.906 1.00 11.09 ? 248  PRO A CA  1 
ATOM   708  C C   . PRO A 1 90  ? -2.576  -6.771  -12.196 1.00 10.13 ? 248  PRO A C   1 
ATOM   709  O O   . PRO A 1 90  ? -1.851  -7.478  -11.601 1.00 10.57 ? 248  PRO A O   1 
ATOM   710  C CB  . PRO A 1 90  ? -2.122  -5.555  -14.437 1.00 13.41 ? 248  PRO A CB  1 
ATOM   711  C CG  . PRO A 1 90  ? -0.788  -6.207  -14.766 1.00 13.20 ? 248  PRO A CG  1 
ATOM   712  C CD  . PRO A 1 90  ? 0.182   -5.597  -13.784 1.00 11.32 ? 248  PRO A CD  1 
ATOM   713  N N   . TRP A 1 91  ? -3.892  -6.994  -12.378 1.00 11.36 ? 249  TRP A N   1 
ATOM   714  C CA  . TRP A 1 91  ? -4.507  -8.159  -11.757 1.00 13.22 ? 249  TRP A CA  1 
ATOM   715  C C   . TRP A 1 91  ? -3.869  -9.520  -12.243 1.00 11.53 ? 249  TRP A C   1 
ATOM   716  O O   . TRP A 1 91  ? -3.825  -10.449 -11.473 1.00 14.31 ? 249  TRP A O   1 
ATOM   717  C CB  . TRP A 1 91  ? -6.025  -8.202  -12.067 1.00 12.61 ? 249  TRP A CB  1 
ATOM   718  C CG  . TRP A 1 91  ? -6.791  -7.081  -11.435 1.00 12.75 ? 249  TRP A CG  1 
ATOM   719  C CD1 . TRP A 1 91  ? -7.329  -6.015  -12.034 1.00 13.70 ? 249  TRP A CD1 1 
ATOM   720  C CD2 . TRP A 1 91  ? -7.134  -6.998  -10.061 1.00 12.15 ? 249  TRP A CD2 1 
ATOM   721  N NE1 . TRP A 1 91  ? -7.929  -5.212  -11.067 1.00 14.83 ? 249  TRP A NE1 1 
ATOM   722  C CE2 . TRP A 1 91  ? -7.842  -5.789  -9.882  1.00 12.66 ? 249  TRP A CE2 1 
ATOM   723  C CE3 . TRP A 1 91  ? -6.927  -7.804  -8.994  1.00 13.70 ? 249  TRP A CE3 1 
ATOM   724  C CZ2 . TRP A 1 91  ? -8.390  -5.388  -8.634  1.00 14.38 ? 249  TRP A CZ2 1 
ATOM   725  C CZ3 . TRP A 1 91  ? -7.393  -7.323  -7.728  1.00 15.42 ? 249  TRP A CZ3 1 
ATOM   726  C CH2 . TRP A 1 91  ? -8.116  -6.115  -7.626  1.00 14.38 ? 249  TRP A CH2 1 
ATOM   727  N N   . SER A 1 92  ? -3.302  -9.512  -13.419 1.00 12.25 ? 250  SER A N   1 
ATOM   728  C CA  . SER A 1 92  ? -2.699  -10.778 -13.909 1.00 12.55 ? 250  SER A CA  1 
ATOM   729  C C   . SER A 1 92  ? -1.469  -11.162 -13.235 1.00 12.08 ? 250  SER A C   1 
ATOM   730  O O   . SER A 1 92  ? -1.091  -12.387 -13.254 1.00 13.26 ? 250  SER A O   1 
ATOM   731  C CB  . SER A 1 92  ? -2.452  -10.623 -15.418 1.00 14.84 ? 250  SER A CB  1 
ATOM   732  O OG  . SER A 1 92  ? -1.537  -9.705  -15.770 1.00 14.40 ? 250  SER A OG  1 
ATOM   733  N N   . GLY A 1 93  ? -0.661  -10.242 -12.682 1.00 11.41 ? 251  GLY A N   1 
ATOM   734  C CA  . GLY A 1 93  ? 0.605   -10.601 -12.163 1.00 11.80 ? 251  GLY A CA  1 
ATOM   735  C C   . GLY A 1 93  ? 1.387   -9.343  -11.723 1.00 10.77 ? 251  GLY A C   1 
ATOM   736  O O   . GLY A 1 93  ? 1.308   -8.328  -12.411 1.00 11.84 ? 251  GLY A O   1 
ATOM   737  N N   . ARG A 1 94  ? 2.157   -9.491  -10.695 1.00 10.98 ? 252  ARG A N   1 
ATOM   738  C CA  . ARG A 1 94  ? 2.841   -8.293  -10.035 1.00 10.37 ? 252  ARG A CA  1 
ATOM   739  C C   . ARG A 1 94  ? 4.211   -8.607  -9.615  1.00 12.10 ? 252  ARG A C   1 
ATOM   740  O O   . ARG A 1 94  ? 4.563   -9.782  -9.311  1.00 12.97 ? 252  ARG A O   1 
ATOM   741  C CB  . ARG A 1 94  ? 1.955   -7.802  -8.853  1.00 11.91 ? 252  ARG A CB  1 
ATOM   742  C CG  . ARG A 1 94  ? 0.503   -7.630  -9.162  1.00 11.51 ? 252  ARG A CG  1 
ATOM   743  C CD  . ARG A 1 94  ? -0.199  -6.779  -8.105  1.00 11.69 ? 252  ARG A CD  1 
ATOM   744  N NE  . ARG A 1 94  ? -1.656  -6.683  -8.271  1.00 11.31 ? 252  ARG A NE  1 
ATOM   745  C CZ  . ARG A 1 94  ? -2.516  -7.647  -7.863  1.00 11.46 ? 252  ARG A CZ  1 
ATOM   746  N NH1 . ARG A 1 94  ? -2.078  -8.707  -7.247  1.00 12.73 ? 252  ARG A NH1 1 
ATOM   747  N NH2 . ARG A 1 94  ? -3.777  -7.501  -8.096  1.00 11.66 ? 252  ARG A NH2 1 
ATOM   748  N N   . ALA A 1 95  ? 5.021   -7.545  -9.356  1.00 11.42 ? 253  ALA A N   1 
ATOM   749  C CA  . ALA A 1 95  ? 6.272   -7.644  -8.647  1.00 12.06 ? 253  ALA A CA  1 
ATOM   750  C C   . ALA A 1 95  ? 5.967   -7.570  -7.163  1.00 11.10 ? 253  ALA A C   1 
ATOM   751  O O   . ALA A 1 95  ? 5.439   -6.530  -6.671  1.00 11.51 ? 253  ALA A O   1 
ATOM   752  C CB  . ALA A 1 95  ? 7.181   -6.526  -9.088  1.00 12.29 ? 253  ALA A CB  1 
ATOM   753  N N   . GLU A 1 96  ? 6.284   -8.557  -6.370  1.00 11.84 ? 254  GLU A N   1 
ATOM   754  C CA  . GLU A 1 96  ? 5.876   -8.723  -4.992  1.00 12.29 ? 254  GLU A CA  1 
ATOM   755  C C   . GLU A 1 96  ? 6.903   -8.465  -3.970  1.00 12.37 ? 254  GLU A C   1 
ATOM   756  O O   . GLU A 1 96  ? 8.118   -8.806  -4.164  1.00 13.43 ? 254  GLU A O   1 
ATOM   757  C CB  . GLU A 1 96  ? 5.312   -10.169 -4.819  1.00 14.19 ? 254  GLU A CB  1 
ATOM   758  C CG  . GLU A 1 96  ? 4.076   -10.464 -5.640  1.00 17.79 ? 254  GLU A CG  1 
ATOM   759  C CD  . GLU A 1 96  ? 3.726   -11.970 -5.600  1.00 20.92 ? 254  GLU A CD  1 
ATOM   760  O OE1 . GLU A 1 96  ? 3.604   -12.457 -4.478  1.00 28.80 ? 254  GLU A OE1 1 
ATOM   761  O OE2 . GLU A 1 96  ? 3.638   -12.660 -6.659  1.00 25.38 ? 254  GLU A OE2 1 
ATOM   762  N N   . GLY A 1 97  ? 6.571   -7.919  -2.836  1.00 11.67 ? 255  GLY A N   1 
ATOM   763  C CA  . GLY A 1 97  ? 7.457   -7.717  -1.734  1.00 13.21 ? 255  GLY A CA  1 
ATOM   764  C C   . GLY A 1 97  ? 6.720   -7.374  -0.475  1.00 11.98 ? 255  GLY A C   1 
ATOM   765  O O   . GLY A 1 97  ? 5.503   -7.557  -0.411  1.00 12.44 ? 255  GLY A O   1 
ATOM   766  N N   . SER A 1 98  ? 7.424   -6.976  0.538   1.00 12.48 ? 256  SER A N   1 
ATOM   767  C CA  . SER A 1 98  ? 6.817   -6.607  1.789   1.00 13.55 ? 256  SER A CA  1 
ATOM   768  C C   . SER A 1 98  ? 7.608   -5.541  2.505   1.00 14.05 ? 256  SER A C   1 
ATOM   769  O O   . SER A 1 98  ? 8.855   -5.421  2.254   1.00 14.34 ? 256  SER A O   1 
ATOM   770  C CB  . SER A 1 98  ? 6.605   -7.774  2.696   1.00 14.77 ? 256  SER A CB  1 
ATOM   771  O OG  . SER A 1 98  ? 7.854   -8.237  3.108   1.00 18.18 ? 256  SER A OG  1 
ATOM   772  N N   . PHE A 1 99  ? 6.973   -4.762  3.358   1.00 13.06 ? 257  PHE A N   1 
ATOM   773  C CA  . PHE A 1 99  ? 7.620   -3.810  4.226   1.00 13.37 ? 257  PHE A CA  1 
ATOM   774  C C   . PHE A 1 99  ? 7.284   -4.124  5.693   1.00 13.71 ? 257  PHE A C   1 
ATOM   775  O O   . PHE A 1 99  ? 6.122   -4.361  6.054   1.00 16.14 ? 257  PHE A O   1 
ATOM   776  C CB  . PHE A 1 99  ? 7.202   -2.347  3.910   1.00 13.20 ? 257  PHE A CB  1 
ATOM   777  C CG  . PHE A 1 99  ? 7.523   -1.819  2.533   1.00 12.49 ? 257  PHE A CG  1 
ATOM   778  C CD1 . PHE A 1 99  ? 8.748   -2.028  1.942   1.00 12.78 ? 257  PHE A CD1 1 
ATOM   779  C CD2 . PHE A 1 99  ? 6.590   -1.061  1.825   1.00 12.64 ? 257  PHE A CD2 1 
ATOM   780  C CE1 . PHE A 1 99  ? 9.055   -1.515  0.703   1.00 12.22 ? 257  PHE A CE1 1 
ATOM   781  C CE2 . PHE A 1 99  ? 6.918   -0.537  0.610   1.00 12.44 ? 257  PHE A CE2 1 
ATOM   782  C CZ  . PHE A 1 99  ? 8.138   -0.721  0.058   1.00 12.66 ? 257  PHE A CZ  1 
ATOM   783  N N   . SER A 1 100 ? 8.307   -4.053  6.533   1.00 15.04 ? 258  SER A N   1 
ATOM   784  C CA  . SER A 1 100 ? 8.140   -4.249  7.998   1.00 14.74 ? 258  SER A CA  1 
ATOM   785  C C   . SER A 1 100 ? 8.218   -2.895  8.689   1.00 14.01 ? 258  SER A C   1 
ATOM   786  O O   . SER A 1 100 ? 9.312   -2.304  8.738   1.00 15.94 ? 258  SER A O   1 
ATOM   787  C CB  . SER A 1 100 ? 9.253   -5.187  8.530   1.00 19.19 ? 258  SER A CB  1 
ATOM   788  O OG  . SER A 1 100 ? 9.024   -6.481  7.934   1.00 24.87 ? 258  SER A OG  1 
ATOM   789  N N   . PHE A 1 101 ? 7.081   -2.395  9.071   1.00 13.31 ? 259  PHE A N   1 
ATOM   790  C CA  . PHE A 1 101 ? 6.902   -1.065  9.602   1.00 12.51 ? 259  PHE A CA  1 
ATOM   791  C C   . PHE A 1 101 ? 7.004   -1.035  11.093  1.00 12.46 ? 259  PHE A C   1 
ATOM   792  O O   . PHE A 1 101 ? 6.942   -2.127  11.739  1.00 13.87 ? 259  PHE A O   1 
ATOM   793  C CB  . PHE A 1 101 ? 5.609   -0.457  9.039   1.00 11.62 ? 259  PHE A CB  1 
ATOM   794  C CG  . PHE A 1 101 ? 4.366   -1.235  9.380   1.00 11.81 ? 259  PHE A CG  1 
ATOM   795  C CD1 . PHE A 1 101 ? 3.798   -1.218  10.649  1.00 13.00 ? 259  PHE A CD1 1 
ATOM   796  C CD2 . PHE A 1 101 ? 3.766   -2.038  8.451   1.00 11.98 ? 259  PHE A CD2 1 
ATOM   797  C CE1 . PHE A 1 101 ? 2.677   -1.980  10.984  1.00 12.76 ? 259  PHE A CE1 1 
ATOM   798  C CE2 . PHE A 1 101 ? 2.653   -2.790  8.749   1.00 11.83 ? 259  PHE A CE2 1 
ATOM   799  C CZ  . PHE A 1 101 ? 2.091   -2.763  10.003  1.00 13.50 ? 259  PHE A CZ  1 
ATOM   800  N N   . ASN A 1 102 ? 7.108   0.138   11.622  1.00 12.39 ? 260  ASN A N   1 
ATOM   801  C CA  . ASN A 1 102 ? 7.169   0.323   13.092  1.00 12.47 ? 260  ASN A CA  1 
ATOM   802  C C   . ASN A 1 102 ? 6.402   1.519   13.436  1.00 12.51 ? 260  ASN A C   1 
ATOM   803  O O   . ASN A 1 102 ? 5.532   2.052   12.655  1.00 13.00 ? 260  ASN A O   1 
ATOM   804  C CB  . ASN A 1 102 ? 8.649   0.317   13.577  1.00 13.96 ? 260  ASN A CB  1 
ATOM   805  C CG  . ASN A 1 102 ? 9.384   1.541   13.230  1.00 14.26 ? 260  ASN A CG  1 
ATOM   806  O OD1 . ASN A 1 102 ? 8.889   2.481   12.659  1.00 14.08 ? 260  ASN A OD1 1 
ATOM   807  N ND2 . ASN A 1 102 ? 10.660  1.609   13.709  1.00 17.18 ? 260  ASN A ND2 1 
ATOM   808  N N   . THR A 1 103 ? 6.574   2.111   14.640  1.00 12.69 ? 261  THR A N   1 
ATOM   809  C CA  . THR A 1 103 ? 5.816   3.190   15.087  1.00 13.12 ? 261  THR A CA  1 
ATOM   810  C C   . THR A 1 103 ? 6.290   4.585   14.648  1.00 12.25 ? 261  THR A C   1 
ATOM   811  O O   . THR A 1 103 ? 5.723   5.592   15.051  1.00 15.41 ? 261  THR A O   1 
ATOM   812  C CB  . THR A 1 103 ? 5.563   3.166   16.640  1.00 14.79 ? 261  THR A CB  1 
ATOM   813  O OG1 . THR A 1 103 ? 6.842   3.513   17.287  1.00 17.44 ? 261  THR A OG1 1 
ATOM   814  C CG2 . THR A 1 103 ? 5.024   1.872   17.094  1.00 16.95 ? 261  THR A CG2 1 
ATOM   815  N N   . GLU A 1 104 ? 7.359   4.665   13.900  1.00 10.97 ? 262  GLU A N   1 
ATOM   816  C CA  . GLU A 1 104 ? 7.928   5.910   13.400  1.00 11.18 ? 262  GLU A CA  1 
ATOM   817  C C   . GLU A 1 104 ? 7.490   6.072   11.922  1.00 10.13 ? 262  GLU A C   1 
ATOM   818  O O   . GLU A 1 104 ? 7.547   5.093   11.190  1.00 11.22 ? 262  GLU A O   1 
ATOM   819  C CB  . GLU A 1 104 ? 9.471   5.788   13.456  1.00 11.17 ? 262  GLU A CB  1 
ATOM   820  C CG  . GLU A 1 104 ? 9.973   5.500   14.877  1.00 12.57 ? 262  GLU A CG  1 
ATOM   821  C CD  . GLU A 1 104 ? 11.429  5.247   14.996  1.00 14.51 ? 262  GLU A CD  1 
ATOM   822  O OE1 . GLU A 1 104 ? 12.162  5.245   13.992  1.00 18.21 ? 262  GLU A OE1 1 
ATOM   823  O OE2 . GLU A 1 104 ? 11.953  5.113   16.169  1.00 14.41 ? 262  GLU A OE2 1 
ATOM   824  N N   . TRP A 1 105 ? 7.210   7.277   11.524  1.00 9.64  ? 263  TRP A N   1 
ATOM   825  C CA  . TRP A 1 105 ? 6.997   7.563   10.075  1.00 9.00  ? 263  TRP A CA  1 
ATOM   826  C C   . TRP A 1 105 ? 8.324   7.349   9.365   1.00 9.36  ? 263  TRP A C   1 
ATOM   827  O O   . TRP A 1 105 ? 9.333   8.102   9.660   1.00 11.26 ? 263  TRP A O   1 
ATOM   828  C CB  . TRP A 1 105 ? 6.501   8.918   9.832   1.00 9.46  ? 263  TRP A CB  1 
ATOM   829  C CG  . TRP A 1 105 ? 5.037   9.119   10.070  1.00 8.84  ? 263  TRP A CG  1 
ATOM   830  C CD1 . TRP A 1 105 ? 4.463   9.883   10.983  1.00 9.52  ? 263  TRP A CD1 1 
ATOM   831  C CD2 . TRP A 1 105 ? 3.966   8.534   9.287   1.00 8.74  ? 263  TRP A CD2 1 
ATOM   832  N NE1 . TRP A 1 105 ? 3.057   9.891   10.809  1.00 10.07 ? 263  TRP A NE1 1 
ATOM   833  C CE2 . TRP A 1 105 ? 2.798   9.056   9.729   1.00 9.35  ? 263  TRP A CE2 1 
ATOM   834  C CE3 . TRP A 1 105 ? 3.940   7.634   8.212   1.00 8.55  ? 263  TRP A CE3 1 
ATOM   835  C CZ2 . TRP A 1 105 ? 1.540   8.721   9.113   1.00 9.91  ? 263  TRP A CZ2 1 
ATOM   836  C CZ3 . TRP A 1 105 ? 2.718   7.338   7.612   1.00 9.09  ? 263  TRP A CZ3 1 
ATOM   837  C CH2 . TRP A 1 105 ? 1.570   7.891   8.087   1.00 9.19  ? 263  TRP A CH2 1 
ATOM   838  N N   . LYS A 1 106 ? 8.412   6.415   8.438   1.00 9.50  ? 264  LYS A N   1 
ATOM   839  C CA  . LYS A 1 106 ? 9.601   6.090   7.670   1.00 10.25 ? 264  LYS A CA  1 
ATOM   840  C C   . LYS A 1 106 ? 9.185   5.863   6.228   1.00 9.42  ? 264  LYS A C   1 
ATOM   841  O O   . LYS A 1 106 ? 8.067   5.450   5.958   1.00 10.13 ? 264  LYS A O   1 
ATOM   842  C CB  . LYS A 1 106 ? 10.311  4.823   8.190   1.00 11.63 ? 264  LYS A CB  1 
ATOM   843  C CG  . LYS A 1 106 ? 10.882  5.093   9.621   1.00 13.51 ? 264  LYS A CG  1 
ATOM   844  C CD  . LYS A 1 106 ? 11.358  3.860   10.348  1.00 21.10 ? 264  LYS A CD  1 
ATOM   845  C CE  . LYS A 1 106 ? 12.258  2.947   9.634   1.00 23.95 ? 264  LYS A CE  1 
ATOM   846  N NZ  . LYS A 1 106 ? 12.569  1.779   10.609  1.00 29.67 ? 264  LYS A NZ  1 
ATOM   847  N N   . GLU A 1 107 ? 10.125  6.113   5.303   1.00 9.43  ? 265  GLU A N   1 
ATOM   848  C CA  . GLU A 1 107 ? 9.933   5.773   3.908   1.00 9.64  ? 265  GLU A CA  1 
ATOM   849  C C   . GLU A 1 107 ? 10.551  4.443   3.626   1.00 9.69  ? 265  GLU A C   1 
ATOM   850  O O   . GLU A 1 107 ? 11.698  4.179   4.091   1.00 11.69 ? 265  GLU A O   1 
ATOM   851  C CB  . GLU A 1 107 ? 10.543  6.841   2.981   1.00 9.66  ? 265  GLU A CB  1 
ATOM   852  C CG  . GLU A 1 107 ? 10.111  6.667   1.535   1.00 9.90  ? 265  GLU A CG  1 
ATOM   853  C CD  . GLU A 1 107 ? 10.760  7.696   0.642   1.00 10.30 ? 265  GLU A CD  1 
ATOM   854  O OE1 . GLU A 1 107 ? 11.970  7.525   0.333   1.00 11.39 ? 265  GLU A OE1 1 
ATOM   855  O OE2 . GLU A 1 107 ? 10.103  8.697   0.258   1.00 10.72 ? 265  GLU A OE2 1 
ATOM   856  N N   . TYR A 1 108 ? 9.861   3.571   2.939   1.00 9.95  ? 266  TYR A N   1 
ATOM   857  C CA  . TYR A 1 108 ? 10.329  2.283   2.498   1.00 10.35 ? 266  TYR A CA  1 
ATOM   858  C C   . TYR A 1 108 ? 10.470  2.279   1.008   1.00 9.60  ? 266  TYR A C   1 
ATOM   859  O O   . TYR A 1 108 ? 9.588   2.861   0.299   1.00 11.09 ? 266  TYR A O   1 
ATOM   860  C CB  . TYR A 1 108 ? 9.341   1.184   2.981   1.00 11.47 ? 266  TYR A CB  1 
ATOM   861  C CG  . TYR A 1 108 ? 9.190   1.143   4.483   1.00 11.07 ? 266  TYR A CG  1 
ATOM   862  C CD1 . TYR A 1 108 ? 10.086  0.300   5.236   1.00 13.34 ? 266  TYR A CD1 1 
ATOM   863  C CD2 . TYR A 1 108 ? 8.397   1.992   5.162   1.00 11.62 ? 266  TYR A CD2 1 
ATOM   864  C CE1 . TYR A 1 108 ? 10.095  0.291   6.608   1.00 13.65 ? 266  TYR A CE1 1 
ATOM   865  C CE2 . TYR A 1 108 ? 8.358   1.981   6.549   1.00 10.89 ? 266  TYR A CE2 1 
ATOM   866  C CZ  . TYR A 1 108 ? 9.230   1.128   7.254   1.00 10.92 ? 266  TYR A CZ  1 
ATOM   867  O OH  . TYR A 1 108 ? 9.222   1.156   8.655   1.00 12.21 ? 266  TYR A OH  1 
ATOM   868  N N   . GLU A 1 109 ? 11.494  1.662   0.462   1.00 10.29 ? 267  GLU A N   1 
ATOM   869  C CA  . GLU A 1 109 ? 11.677  1.565   -0.958  1.00 10.87 ? 267  GLU A CA  1 
ATOM   870  C C   . GLU A 1 109 ? 11.863  0.149   -1.401  1.00 10.81 ? 267  GLU A C   1 
ATOM   871  O O   . GLU A 1 109 ? 12.517  -0.674  -0.721  1.00 14.63 ? 267  GLU A O   1 
ATOM   872  C CB  . GLU A 1 109 ? 12.640  2.657   -1.566  1.00 14.76 ? 267  GLU A CB  1 
ATOM   873  C CG  . GLU A 1 109 ? 14.114  2.602   -1.221  1.00 16.45 ? 267  GLU A CG  1 
ATOM   874  C CD  . GLU A 1 109 ? 14.938  3.699   -1.909  1.00 14.08 ? 267  GLU A CD  1 
ATOM   875  O OE1 . GLU A 1 109 ? 15.846  3.171   -2.603  1.00 16.24 ? 267  GLU A OE1 1 
ATOM   876  O OE2 . GLU A 1 109 ? 14.704  4.948   -1.753  1.00 13.10 ? 267  GLU A OE2 1 
ATOM   877  N N   . PHE A 1 110 ? 11.330  -0.190  -2.556  1.00 11.35 ? 268  PHE A N   1 
ATOM   878  C CA  . PHE A 1 110 ? 11.410  -1.563  -3.205  1.00 11.37 ? 268  PHE A CA  1 
ATOM   879  C C   . PHE A 1 110 ? 11.771  -1.356  -4.614  1.00 11.35 ? 268  PHE A C   1 
ATOM   880  O O   . PHE A 1 110 ? 10.994  -0.806  -5.406  1.00 10.43 ? 268  PHE A O   1 
ATOM   881  C CB  . PHE A 1 110 ? 10.010  -2.178  -3.052  1.00 12.69 ? 268  PHE A CB  1 
ATOM   882  C CG  . PHE A 1 110 ? 9.705   -3.426  -3.912  1.00 14.17 ? 268  PHE A CG  1 
ATOM   883  C CD1 . PHE A 1 110 ? 10.234  -4.666  -3.569  1.00 17.07 ? 268  PHE A CD1 1 
ATOM   884  C CD2 . PHE A 1 110 ? 8.833   -3.356  -4.987  1.00 14.92 ? 268  PHE A CD2 1 
ATOM   885  C CE1 . PHE A 1 110 ? 9.945   -5.809  -4.369  1.00 17.35 ? 268  PHE A CE1 1 
ATOM   886  C CE2 . PHE A 1 110 ? 8.514   -4.498  -5.721  1.00 15.69 ? 268  PHE A CE2 1 
ATOM   887  C CZ  . PHE A 1 110 ? 9.056   -5.657  -5.372  1.00 16.47 ? 268  PHE A CZ  1 
ATOM   888  N N   . SER A 1 111 ? 12.960  -1.808  -5.015  1.00 12.39 ? 269  SER A N   1 
ATOM   889  C CA  . SER A 1 111 ? 13.356  -1.802  -6.372  1.00 12.31 ? 269  SER A CA  1 
ATOM   890  C C   . SER A 1 111 ? 12.845  -3.003  -7.158  1.00 12.10 ? 269  SER A C   1 
ATOM   891  O O   . SER A 1 111 ? 12.871  -4.126  -6.596  1.00 14.83 ? 269  SER A O   1 
ATOM   892  C CB  . SER A 1 111 ? 14.910  -1.801  -6.468  1.00 14.59 ? 269  SER A CB  1 
ATOM   893  O OG  . SER A 1 111 ? 15.443  -0.560  -6.002  1.00 18.28 ? 269  SER A OG  1 
ATOM   894  N N   . PHE A 1 112 ? 12.361  -2.816  -8.337  1.00 11.63 ? 270  PHE A N   1 
ATOM   895  C CA  . PHE A 1 112 ? 11.809  -3.945  -9.103  1.00 11.29 ? 270  PHE A CA  1 
ATOM   896  C C   . PHE A 1 112 ? 11.909  -3.662  -10.523 1.00 11.54 ? 270  PHE A C   1 
ATOM   897  O O   . PHE A 1 112 ? 11.875  -2.547  -11.026 1.00 12.42 ? 270  PHE A O   1 
ATOM   898  C CB  . PHE A 1 112 ? 10.359  -4.268  -8.712  1.00 11.95 ? 270  PHE A CB  1 
ATOM   899  C CG  . PHE A 1 112 ? 9.342   -3.200  -9.062  1.00 10.78 ? 270  PHE A CG  1 
ATOM   900  C CD1 . PHE A 1 112 ? 9.221   -1.968  -8.303  1.00 10.44 ? 270  PHE A CD1 1 
ATOM   901  C CD2 . PHE A 1 112 ? 8.543   -3.326  -10.189 1.00 10.87 ? 270  PHE A CD2 1 
ATOM   902  C CE1 . PHE A 1 112 ? 8.357   -1.029  -8.698  1.00 10.62 ? 270  PHE A CE1 1 
ATOM   903  C CE2 . PHE A 1 112 ? 7.680   -2.346  -10.545 1.00 11.77 ? 270  PHE A CE2 1 
ATOM   904  C CZ  . PHE A 1 112 ? 7.595   -1.170  -9.794  1.00 10.67 ? 270  PHE A CZ  1 
ATOM   905  N N   . LYS A 1 113 ? 11.901  -4.792  -11.333 1.00 12.77 ? 271  LYS A N   1 
ATOM   906  C CA  . LYS A 1 113 ? 11.643  -4.772  -12.748 1.00 13.38 ? 271  LYS A CA  1 
ATOM   907  C C   . LYS A 1 113 ? 10.123  -4.951  -13.000 1.00 12.10 ? 271  LYS A C   1 
ATOM   908  O O   . LYS A 1 113 ? 9.583   -5.958  -12.476 1.00 13.10 ? 271  LYS A O   1 
ATOM   909  C CB  . LYS A 1 113 ? 12.493  -5.825  -13.440 1.00 16.92 ? 271  LYS A CB  1 
ATOM   910  C CG  . LYS A 1 113 ? 12.435  -5.724  -14.907 1.00 25.25 ? 271  LYS A CG  1 
ATOM   911  C CD  . LYS A 1 113 ? 13.559  -6.601  -15.504 1.00 37.47 ? 271  LYS A CD  1 
ATOM   912  C CE  . LYS A 1 113 ? 13.006  -7.846  -16.174 1.00 51.11 ? 271  LYS A CE  1 
ATOM   913  N NZ  . LYS A 1 113 ? 14.036  -8.694  -16.861 1.00 66.15 ? 271  LYS A NZ  1 
ATOM   914  N N   . ALA A 1 114 ? 9.454   -4.114  -13.720 1.00 11.50 ? 272  ALA A N   1 
ATOM   915  C CA  . ALA A 1 114 ? 8.044   -4.293  -13.923 1.00 11.28 ? 272  ALA A CA  1 
ATOM   916  C C   . ALA A 1 114 ? 7.776   -5.638  -14.654 1.00 12.09 ? 272  ALA A C   1 
ATOM   917  O O   . ALA A 1 114 ? 8.513   -5.954  -15.628 1.00 12.76 ? 272  ALA A O   1 
ATOM   918  C CB  . ALA A 1 114 ? 7.458   -3.184  -14.692 1.00 11.94 ? 272  ALA A CB  1 
ATOM   919  N N   . VAL A 1 115 ? 6.799   -6.348  -14.200 1.00 11.24 ? 273  VAL A N   1 
ATOM   920  C CA  . VAL A 1 115 ? 6.467   -7.679  -14.800 1.00 11.07 ? 273  VAL A CA  1 
ATOM   921  C C   . VAL A 1 115 ? 5.432   -7.555  -15.838 1.00 11.51 ? 273  VAL A C   1 
ATOM   922  O O   . VAL A 1 115 ? 5.147   -8.611  -16.545 1.00 12.70 ? 273  VAL A O   1 
ATOM   923  C CB  . VAL A 1 115 ? 6.072   -8.661  -13.718 1.00 12.41 ? 273  VAL A CB  1 
ATOM   924  C CG1 . VAL A 1 115 ? 7.141   -8.835  -12.701 1.00 13.51 ? 273  VAL A CG1 1 
ATOM   925  C CG2 . VAL A 1 115 ? 4.726   -8.403  -13.116 1.00 12.84 ? 273  VAL A CG2 1 
ATOM   926  N N   . ALA A 1 116 ? 4.796   -6.436  -16.076 1.00 12.04 ? 274  ALA A N   1 
ATOM   927  C CA  . ALA A 1 116 ? 3.717   -6.213  -16.963 1.00 11.70 ? 274  ALA A CA  1 
ATOM   928  C C   . ALA A 1 116 ? 3.593   -4.723  -17.233 1.00 12.23 ? 274  ALA A C   1 
ATOM   929  O O   . ALA A 1 116 ? 4.297   -3.909  -16.603 1.00 14.28 ? 274  ALA A O   1 
ATOM   930  C CB  . ALA A 1 116 ? 2.427   -6.748  -16.340 1.00 13.54 ? 274  ALA A CB  1 
ATOM   931  N N   . ASP A 1 117 ? 2.694   -4.343  -18.064 1.00 13.06 ? 275  ASP A N   1 
ATOM   932  C CA  . ASP A 1 117 ? 2.346   -2.885  -18.229 1.00 13.28 ? 275  ASP A CA  1 
ATOM   933  C C   . ASP A 1 117 ? 1.326   -2.460  -17.222 1.00 12.13 ? 275  ASP A C   1 
ATOM   934  O O   . ASP A 1 117 ? 0.331   -3.167  -16.945 1.00 14.59 ? 275  ASP A O   1 
ATOM   935  C CB  . ASP A 1 117 ? 1.820   -2.617  -19.613 1.00 14.57 ? 275  ASP A CB  1 
ATOM   936  C CG  . ASP A 1 117 ? 2.898   -2.718  -20.680 1.00 16.03 ? 275  ASP A CG  1 
ATOM   937  O OD1 . ASP A 1 117 ? 4.091   -2.478  -20.541 1.00 15.55 ? 275  ASP A OD1 1 
ATOM   938  O OD2 . ASP A 1 117 ? 2.424   -3.009  -21.878 1.00 21.07 ? 275  ASP A OD2 1 
ATOM   939  N N   . GLY A 1 118 ? 1.498   -1.262  -16.611 1.00 10.95 ? 276  GLY A N   1 
ATOM   940  C CA  . GLY A 1 118 ? 0.459   -0.665  -15.846 1.00 11.40 ? 276  GLY A CA  1 
ATOM   941  C C   . GLY A 1 118 ? 0.113   -1.319  -14.545 1.00 10.17 ? 276  GLY A C   1 
ATOM   942  O O   . GLY A 1 118 ? 0.967   -1.917  -13.913 1.00 12.66 ? 276  GLY A O   1 
ATOM   943  N N   . GLY A 1 119 ? -1.096  -1.173  -14.111 1.00 10.31 ? 277  GLY A N   1 
ATOM   944  C CA  . GLY A 1 119 ? -1.562  -1.802  -12.888 1.00 10.18 ? 277  GLY A CA  1 
ATOM   945  C C   . GLY A 1 119 ? -1.604  -0.879  -11.671 1.00 8.88  ? 277  GLY A C   1 
ATOM   946  O O   . GLY A 1 119 ? -1.836  0.336   -11.801 1.00 9.80  ? 277  GLY A O   1 
ATOM   947  N N   . HIS A 1 120 ? -1.523  -1.512  -10.526 1.00 8.44  ? 278  HIS A N   1 
ATOM   948  C CA  . HIS A 1 120 ? -1.799  -0.843  -9.244  1.00 8.59  ? 278  HIS A CA  1 
ATOM   949  C C   . HIS A 1 120 ? -0.874  -1.372  -8.185  1.00 8.89  ? 278  HIS A C   1 
ATOM   950  O O   . HIS A 1 120 ? -0.067  -2.285  -8.404  1.00 9.26  ? 278  HIS A O   1 
ATOM   951  C CB  . HIS A 1 120 ? -3.284  -1.060  -8.901  1.00 8.67  ? 278  HIS A CB  1 
ATOM   952  C CG  . HIS A 1 120 ? -3.686  -2.527  -9.047  1.00 9.45  ? 278  HIS A CG  1 
ATOM   953  N ND1 . HIS A 1 120 ? -4.424  -2.992  -10.114 1.00 10.34 ? 278  HIS A ND1 1 
ATOM   954  C CD2 . HIS A 1 120 ? -3.457  -3.591  -8.262  1.00 10.47 ? 278  HIS A CD2 1 
ATOM   955  C CE1 . HIS A 1 120 ? -4.619  -4.302  -9.937  1.00 10.91 ? 278  HIS A CE1 1 
ATOM   956  N NE2 . HIS A 1 120 ? -4.079  -4.706  -8.838  1.00 10.56 ? 278  HIS A NE2 1 
ATOM   957  N N   . VAL A 1 121 ? -0.921  -0.742  -6.984  1.00 8.28  ? 279  VAL A N   1 
ATOM   958  C CA  . VAL A 1 121 ? -0.173  -1.249  -5.828  1.00 8.36  ? 279  VAL A CA  1 
ATOM   959  C C   . VAL A 1 121 ? -1.149  -1.998  -4.952  1.00 9.04  ? 279  VAL A C   1 
ATOM   960  O O   . VAL A 1 121 ? -1.902  -1.389  -4.136  1.00 9.41  ? 279  VAL A O   1 
ATOM   961  C CB  . VAL A 1 121 ? 0.583   -0.153  -5.066  1.00 8.46  ? 279  VAL A CB  1 
ATOM   962  C CG1 . VAL A 1 121 ? 1.338   -0.753  -3.899  1.00 9.34  ? 279  VAL A CG1 1 
ATOM   963  C CG2 . VAL A 1 121 ? 1.521   0.570   -6.001  1.00 9.41  ? 279  VAL A CG2 1 
ATOM   964  N N   . MET A 1 122 ? -1.237  -3.304  -5.121  1.00 8.98  ? 280  MET A N   1 
ATOM   965  C CA  . MET A 1 122 ? -2.082  -4.154  -4.266  1.00 9.32  ? 280  MET A CA  1 
ATOM   966  C C   . MET A 1 122 ? -1.404  -4.249  -2.926  1.00 9.82  ? 280  MET A C   1 
ATOM   967  O O   . MET A 1 122 ? -0.213  -4.583  -2.834  1.00 11.86 ? 280  MET A O   1 
ATOM   968  C CB  . MET A 1 122 ? -2.145  -5.560  -4.879  1.00 10.40 ? 280  MET A CB  1 
ATOM   969  C CG  . MET A 1 122 ? -2.820  -6.557  -3.978  1.00 11.91 ? 280  MET A CG  1 
ATOM   970  S SD  . MET A 1 122 ? -4.484  -6.167  -3.450  1.00 13.67 ? 280  MET A SD  1 
ATOM   971  C CE  . MET A 1 122 ? -5.363  -6.690  -4.965  1.00 14.08 ? 280  MET A CE  1 
ATOM   972  N N   . THR A 1 123 ? -2.138  -4.015  -1.823  1.00 9.35  ? 281  THR A N   1 
ATOM   973  C CA  . THR A 1 123 ? -1.566  -3.954  -0.477  1.00 9.59  ? 281  THR A CA  1 
ATOM   974  C C   . THR A 1 123 ? -2.452  -4.824  0.405   1.00 9.46  ? 281  THR A C   1 
ATOM   975  O O   . THR A 1 123 ? -3.694  -4.780  0.317   1.00 10.31 ? 281  THR A O   1 
ATOM   976  C CB  . THR A 1 123 ? -1.570  -2.502  -0.009  1.00 9.14  ? 281  THR A CB  1 
ATOM   977  O OG1 . THR A 1 123 ? -1.002  -1.666  -1.085  1.00 11.21 ? 281  THR A OG1 1 
ATOM   978  C CG2 . THR A 1 123 ? -0.715  -2.302  1.169   1.00 10.76 ? 281  THR A CG2 1 
ATOM   979  N N   . GLN A 1 124 ? -1.846  -5.676  1.240   1.00 9.47  ? 282  GLN A N   1 
ATOM   980  C CA  . GLN A 1 124 ? -2.568  -6.656  2.052   1.00 9.98  ? 282  GLN A CA  1 
ATOM   981  C C   . GLN A 1 124 ? -2.047  -6.700  3.471   1.00 10.35 ? 282  GLN A C   1 
ATOM   982  O O   . GLN A 1 124 ? -0.791  -6.733  3.674   1.00 11.63 ? 282  GLN A O   1 
ATOM   983  C CB  . GLN A 1 124 ? -2.483  -8.042  1.414   1.00 11.64 ? 282  GLN A CB  1 
ATOM   984  C CG  . GLN A 1 124 ? -2.958  -8.053  -0.022  1.00 13.48 ? 282  GLN A CG  1 
ATOM   985  C CD  . GLN A 1 124 ? -3.093  -9.421  -0.708  1.00 14.50 ? 282  GLN A CD  1 
ATOM   986  O OE1 . GLN A 1 124 ? -2.490  -10.377 -0.238  1.00 17.19 ? 282  GLN A OE1 1 
ATOM   987  N NE2 . GLN A 1 124 ? -3.910  -9.560  -1.672  1.00 14.57 ? 282  GLN A NE2 1 
ATOM   988  N N   . SER A 1 125 ? -2.959  -6.710  4.454   1.00 10.64 ? 283  SER A N   1 
ATOM   989  C CA  . SER A 1 125 ? -2.580  -6.642  5.855   1.00 10.81 ? 283  SER A CA  1 
ATOM   990  C C   . SER A 1 125 ? -3.594  -7.374  6.767   1.00 10.51 ? 283  SER A C   1 
ATOM   991  O O   . SER A 1 125 ? -3.677  -6.995  7.900   1.00 10.92 ? 283  SER A O   1 
ATOM   992  C CB  . SER A 1 125 ? -2.360  -5.204  6.228   1.00 10.70 ? 283  SER A CB  1 
ATOM   993  O OG  . SER A 1 125 ? -3.516  -4.422  6.033   1.00 10.98 ? 283  SER A OG  1 
ATOM   994  N N   . GLY A 1 126 ? -4.277  -8.364  6.231   1.00 10.60 ? 284  GLY A N   1 
ATOM   995  C CA  . GLY A 1 126 ? -5.318  -9.023  7.059   1.00 11.71 ? 284  GLY A CA  1 
ATOM   996  C C   . GLY A 1 126 ? -4.827  -9.609  8.382   1.00 12.16 ? 284  GLY A C   1 
ATOM   997  O O   . GLY A 1 126 ? -5.664  -9.700  9.329   1.00 13.45 ? 284  GLY A O   1 
ATOM   998  N N   . LEU A 1 127 ? -3.584  -10.007 8.470   1.00 12.63 ? 285  LEU A N   1 
ATOM   999  C CA  . LEU A 1 127 ? -3.113  -10.601 9.736   1.00 13.47 ? 285  LEU A CA  1 
ATOM   1000 C C   . LEU A 1 127 ? -2.746  -9.608  10.745  1.00 13.97 ? 285  LEU A C   1 
ATOM   1001 O O   . LEU A 1 127 ? -2.430  -9.943  11.935  1.00 16.51 ? 285  LEU A O   1 
ATOM   1002 C CB  . LEU A 1 127 ? -1.903  -11.492 9.450   1.00 15.19 ? 285  LEU A CB  1 
ATOM   1003 C CG  . LEU A 1 127 ? -2.168  -12.618 8.504   1.00 15.46 ? 285  LEU A CG  1 
ATOM   1004 C CD1 . LEU A 1 127 ? -0.886  -13.435 8.137   1.00 18.90 ? 285  LEU A CD1 1 
ATOM   1005 C CD2 . LEU A 1 127 ? -3.235  -13.578 9.034   1.00 17.47 ? 285  LEU A CD2 1 
ATOM   1006 N N   . PHE A 1 128 ? -2.656  -8.278  10.445  1.00 13.24 ? 286  PHE A N   1 
ATOM   1007 C CA  . PHE A 1 128 ? -2.258  -7.255  11.364  1.00 12.91 ? 286  PHE A CA  1 
ATOM   1008 C C   . PHE A 1 128 ? -3.360  -6.705  12.147  1.00 12.84 ? 286  PHE A C   1 
ATOM   1009 O O   . PHE A 1 128 ? -4.393  -6.296  11.571  1.00 13.90 ? 286  PHE A O   1 
ATOM   1010 C CB  . PHE A 1 128 ? -1.507  -6.092  10.620  1.00 13.84 ? 286  PHE A CB  1 
ATOM   1011 C CG  . PHE A 1 128 ? -1.021  -5.022  11.545  1.00 13.16 ? 286  PHE A CG  1 
ATOM   1012 C CD1 . PHE A 1 128 ? 0.111   -5.218  12.338  1.00 14.65 ? 286  PHE A CD1 1 
ATOM   1013 C CD2 . PHE A 1 128 ? -1.677  -3.867  11.730  1.00 13.90 ? 286  PHE A CD2 1 
ATOM   1014 C CE1 . PHE A 1 128 ? 0.544   -4.218  13.197  1.00 15.18 ? 286  PHE A CE1 1 
ATOM   1015 C CE2 . PHE A 1 128 ? -1.214  -2.874  12.536  1.00 13.76 ? 286  PHE A CE2 1 
ATOM   1016 C CZ  . PHE A 1 128 ? -0.152  -3.042  13.341  1.00 15.02 ? 286  PHE A CZ  1 
ATOM   1017 N N   . VAL A 1 129 ? -3.224  -6.647  13.483  1.00 14.12 ? 287  VAL A N   1 
ATOM   1018 C CA  . VAL A 1 129 ? -4.110  -6.041  14.399  1.00 13.38 ? 287  VAL A CA  1 
ATOM   1019 C C   . VAL A 1 129 ? -3.644  -4.704  14.882  1.00 14.22 ? 287  VAL A C   1 
ATOM   1020 O O   . VAL A 1 129 ? -2.586  -4.652  15.522  1.00 15.51 ? 287  VAL A O   1 
ATOM   1021 C CB  . VAL A 1 129 ? -4.477  -6.971  15.619  1.00 15.26 ? 287  VAL A CB  1 
ATOM   1022 C CG1 . VAL A 1 129 ? -5.462  -6.294  16.509  1.00 17.00 ? 287  VAL A CG1 1 
ATOM   1023 C CG2 . VAL A 1 129 ? -4.963  -8.276  15.102  1.00 17.46 ? 287  VAL A CG2 1 
ATOM   1024 N N   . GLY A 1 130 ? -4.323  -3.631  14.613  1.00 13.11 ? 288  GLY A N   1 
ATOM   1025 C CA  . GLY A 1 130 ? -3.972  -2.306  15.026  1.00 14.21 ? 288  GLY A CA  1 
ATOM   1026 C C   . GLY A 1 130 ? -4.275  -1.288  13.932  1.00 12.17 ? 288  GLY A C   1 
ATOM   1027 O O   . GLY A 1 130 ? -5.219  -1.455  13.160  1.00 13.62 ? 288  GLY A O   1 
ATOM   1028 N N   . THR A 1 131 ? -3.485  -0.233  13.908  1.00 12.29 ? 289  THR A N   1 
ATOM   1029 C CA  . THR A 1 131 ? -3.682  0.876   12.920  1.00 11.95 ? 289  THR A CA  1 
ATOM   1030 C C   . THR A 1 131 ? -2.445  0.922   12.027  1.00 11.85 ? 289  THR A C   1 
ATOM   1031 O O   . THR A 1 131 ? -1.302  1.021   12.547  1.00 12.87 ? 289  THR A O   1 
ATOM   1032 C CB  . THR A 1 131 ? -3.868  2.162   13.620  1.00 13.49 ? 289  THR A CB  1 
ATOM   1033 O OG1 . THR A 1 131 ? -5.030  2.101   14.536  1.00 16.52 ? 289  THR A OG1 1 
ATOM   1034 C CG2 . THR A 1 131 ? -4.147  3.344   12.677  1.00 14.61 ? 289  THR A CG2 1 
ATOM   1035 N N   . ILE A 1 132 ? -2.655  0.845   10.708  1.00 10.52 ? 290  ILE A N   1 
ATOM   1036 C CA  . ILE A 1 132 ? -1.631  1.142   9.669   1.00 9.97  ? 290  ILE A CA  1 
ATOM   1037 C C   . ILE A 1 132 ? -1.966  2.482   9.082   1.00 10.10 ? 290  ILE A C   1 
ATOM   1038 O O   . ILE A 1 132 ? -3.122  2.772   8.723   1.00 10.42 ? 290  ILE A O   1 
ATOM   1039 C CB  . ILE A 1 132 ? -1.640  0.040   8.637   1.00 10.02 ? 290  ILE A CB  1 
ATOM   1040 C CG1 . ILE A 1 132 ? -1.254  -1.293  9.270   1.00 12.04 ? 290  ILE A CG1 1 
ATOM   1041 C CG2 . ILE A 1 132 ? -0.726  0.445   7.479   1.00 11.58 ? 290  ILE A CG2 1 
ATOM   1042 C CD1 . ILE A 1 132 ? -1.436  -2.449  8.323   1.00 13.13 ? 290  ILE A CD1 1 
ATOM   1043 N N   . GLN A 1 133 ? -0.966  3.359   8.959   1.00 9.25  ? 291  GLN A N   1 
ATOM   1044 C CA  . GLN A 1 133 ? -1.101  4.665   8.288   1.00 9.30  ? 291  GLN A CA  1 
ATOM   1045 C C   . GLN A 1 133 ? -0.113  4.789   7.146   1.00 8.75  ? 291  GLN A C   1 
ATOM   1046 O O   . GLN A 1 133 ? 1.065   4.395   7.275   1.00 9.33  ? 291  GLN A O   1 
ATOM   1047 C CB  . GLN A 1 133 ? -0.878  5.746   9.304   1.00 10.45 ? 291  GLN A CB  1 
ATOM   1048 C CG  . GLN A 1 133 ? -1.965  5.733   10.422  1.00 12.27 ? 291  GLN A CG  1 
ATOM   1049 C CD  . GLN A 1 133 ? -1.772  6.852   11.437  1.00 14.41 ? 291  GLN A CD  1 
ATOM   1050 O OE1 . GLN A 1 133 ? -0.646  7.255   11.707  1.00 17.07 ? 291  GLN A OE1 1 
ATOM   1051 N NE2 . GLN A 1 133 ? -2.833  7.369   11.918  1.00 16.36 ? 291  GLN A NE2 1 
ATOM   1052 N N   . ILE A 1 134 ? -0.614  5.260   5.996   1.00 8.83  ? 292  ILE A N   1 
ATOM   1053 C CA  . ILE A 1 134 ? 0.176   5.388   4.759   1.00 8.69  ? 292  ILE A CA  1 
ATOM   1054 C C   . ILE A 1 134 ? 0.066   6.811   4.305   1.00 8.03  ? 292  ILE A C   1 
ATOM   1055 O O   . ILE A 1 134 ? -1.001  7.337   4.031   1.00 8.80  ? 292  ILE A O   1 
ATOM   1056 C CB  . ILE A 1 134 ? -0.324  4.384   3.708   1.00 8.79  ? 292  ILE A CB  1 
ATOM   1057 C CG1 . ILE A 1 134 ? -0.123  2.966   4.209   1.00 9.96  ? 292  ILE A CG1 1 
ATOM   1058 C CG2 . ILE A 1 134 ? 0.420   4.654   2.381   1.00 9.71  ? 292  ILE A CG2 1 
ATOM   1059 C CD1 . ILE A 1 134 ? -0.763  1.895   3.332   1.00 10.58 ? 292  ILE A CD1 1 
ATOM   1060 N N   . LYS A 1 135 ? 1.222   7.516   4.242   1.00 8.13  ? 293  LYS A N   1 
ATOM   1061 C CA  . LYS A 1 135 ? 1.215   8.924   3.909   1.00 8.35  ? 293  LYS A CA  1 
ATOM   1062 C C   . LYS A 1 135 ? 1.216   9.210   2.371   1.00 7.87  ? 293  LYS A C   1 
ATOM   1063 O O   . LYS A 1 135 ? 0.581   10.180  1.970   1.00 9.46  ? 293  LYS A O   1 
ATOM   1064 C CB  . LYS A 1 135 ? 2.471   9.554   4.550   1.00 9.25  ? 293  LYS A CB  1 
ATOM   1065 C CG  . LYS A 1 135 ? 2.542   11.013  4.651   1.00 12.85 ? 293  LYS A CG  1 
ATOM   1066 C CD  . LYS A 1 135 ? 1.570   11.539  5.701   1.00 13.71 ? 293  LYS A CD  1 
ATOM   1067 C CE  . LYS A 1 135 ? 1.664   13.068  5.877   1.00 13.48 ? 293  LYS A CE  1 
ATOM   1068 N NZ  . LYS A 1 135 ? 0.633   13.580  6.809   1.00 13.10 ? 293  LYS A NZ  1 
ATOM   1069 N N   . TYR A 1 136 ? 1.937   8.409   1.638   1.00 8.18  ? 294  TYR A N   1 
ATOM   1070 C CA  . TYR A 1 136 ? 2.062   8.600   0.172   1.00 8.19  ? 294  TYR A CA  1 
ATOM   1071 C C   . TYR A 1 136 ? 2.603   7.353   -0.415  1.00 7.82  ? 294  TYR A C   1 
ATOM   1072 O O   . TYR A 1 136 ? 3.210   6.509   0.271   1.00 8.25  ? 294  TYR A O   1 
ATOM   1073 C CB  . TYR A 1 136 ? 2.960   9.827   -0.204  1.00 9.46  ? 294  TYR A CB  1 
ATOM   1074 C CG  . TYR A 1 136 ? 4.376   9.765   0.339   1.00 9.24  ? 294  TYR A CG  1 
ATOM   1075 C CD1 . TYR A 1 136 ? 5.353   8.978   -0.262  1.00 9.15  ? 294  TYR A CD1 1 
ATOM   1076 C CD2 . TYR A 1 136 ? 4.753   10.473  1.478   1.00 10.24 ? 294  TYR A CD2 1 
ATOM   1077 C CE1 . TYR A 1 136 ? 6.660   8.974   0.197   1.00 9.79  ? 294  TYR A CE1 1 
ATOM   1078 C CE2 . TYR A 1 136 ? 6.017   10.457  1.962   1.00 10.80 ? 294  TYR A CE2 1 
ATOM   1079 C CZ  . TYR A 1 136 ? 6.924   9.677   1.348   1.00 9.58  ? 294  TYR A CZ  1 
ATOM   1080 O OH  . TYR A 1 136 ? 8.297   9.603   1.826   1.00 12.35 ? 294  TYR A OH  1 
ATOM   1081 N N   . VAL A 1 137 ? 2.432   7.271   -1.752  1.00 7.92  ? 295  VAL A N   1 
ATOM   1082 C CA  . VAL A 1 137 ? 3.016   6.247   -2.587  1.00 8.22  ? 295  VAL A CA  1 
ATOM   1083 C C   . VAL A 1 137 ? 3.598   6.883   -3.825  1.00 8.32  ? 295  VAL A C   1 
ATOM   1084 O O   . VAL A 1 137 ? 2.918   7.739   -4.445  1.00 10.00 ? 295  VAL A O   1 
ATOM   1085 C CB  . VAL A 1 137 ? 1.925   5.191   -3.003  1.00 9.58  ? 295  VAL A CB  1 
ATOM   1086 C CG1 . VAL A 1 137 ? 2.531   4.109   -3.811  1.00 12.81 ? 295  VAL A CG1 1 
ATOM   1087 C CG2 . VAL A 1 137 ? 1.256   4.605   -1.774  1.00 12.45 ? 295  VAL A CG2 1 
ATOM   1088 N N   . LYS A 1 138 ? 4.826   6.528   -4.175  1.00 8.12  ? 296  LYS A N   1 
ATOM   1089 C CA  . LYS A 1 138 ? 5.467   7.015   -5.386  1.00 8.28  ? 296  LYS A CA  1 
ATOM   1090 C C   . LYS A 1 138 ? 6.008   5.859   -6.183  1.00 8.16  ? 296  LYS A C   1 
ATOM   1091 O O   . LYS A 1 138 ? 6.443   4.861   -5.613  1.00 9.10  ? 296  LYS A O   1 
ATOM   1092 C CB  . LYS A 1 138 ? 6.638   7.997   -5.059  1.00 8.73  ? 296  LYS A CB  1 
ATOM   1093 C CG  . LYS A 1 138 ? 6.275   9.204   -4.230  1.00 9.88  ? 296  LYS A CG  1 
ATOM   1094 C CD  . LYS A 1 138 ? 7.414   10.091  -3.842  1.00 10.30 ? 296  LYS A CD  1 
ATOM   1095 C CE  . LYS A 1 138 ? 7.016   11.215  -2.927  1.00 11.16 ? 296  LYS A CE  1 
ATOM   1096 N NZ  . LYS A 1 138 ? 8.157   12.095  -2.536  1.00 11.58 ? 296  LYS A NZ  1 
ATOM   1097 N N   . ILE A 1 139 ? 6.067   6.076   -7.500  1.00 8.05  ? 297  ILE A N   1 
ATOM   1098 C CA  . ILE A 1 139 ? 6.882   5.222   -8.385  1.00 8.12  ? 297  ILE A CA  1 
ATOM   1099 C C   . ILE A 1 139 ? 7.944   6.113   -8.957  1.00 8.57  ? 297  ILE A C   1 
ATOM   1100 O O   . ILE A 1 139 ? 7.645   7.213   -9.457  1.00 8.94  ? 297  ILE A O   1 
ATOM   1101 C CB  . ILE A 1 139 ? 6.062   4.617   -9.549  1.00 8.92  ? 297  ILE A CB  1 
ATOM   1102 C CG1 . ILE A 1 139 ? 4.898   3.738   -9.072  1.00 10.66 ? 297  ILE A CG1 1 
ATOM   1103 C CG2 . ILE A 1 139 ? 6.962   3.875   -10.503 1.00 10.15 ? 297  ILE A CG2 1 
ATOM   1104 C CD1 . ILE A 1 139 ? 5.231   2.562   -8.282  1.00 12.20 ? 297  ILE A CD1 1 
ATOM   1105 N N   . THR A 1 140 ? 9.206   5.664   -8.886  1.00 8.34  ? 298  THR A N   1 
ATOM   1106 C CA  . THR A 1 140 ? 10.357  6.444   -9.368  1.00 8.50  ? 298  THR A CA  1 
ATOM   1107 C C   . THR A 1 140 ? 11.208  5.578   -10.284 1.00 8.97  ? 298  THR A C   1 
ATOM   1108 O O   . THR A 1 140 ? 11.112  4.366   -10.339 1.00 9.89  ? 298  THR A O   1 
ATOM   1109 C CB  . THR A 1 140 ? 11.199  7.014   -8.208  1.00 8.99  ? 298  THR A CB  1 
ATOM   1110 O OG1 . THR A 1 140 ? 11.912  5.990   -7.544  1.00 9.85  ? 298  THR A OG1 1 
ATOM   1111 C CG2 . THR A 1 140 ? 10.346  7.750   -7.207  1.00 9.50  ? 298  THR A CG2 1 
ATOM   1112 N N   . HIS A 1 141 ? 12.094  6.263   -11.035 1.00 10.06 ? 299  HIS A N   1 
ATOM   1113 C CA  . HIS A 1 141 ? 13.164  5.551   -11.736 1.00 10.78 ? 299  HIS A CA  1 
ATOM   1114 C C   . HIS A 1 141 ? 14.394  6.458   -11.690 1.00 11.55 ? 299  HIS A C   1 
ATOM   1115 O O   . HIS A 1 141 ? 14.342  7.643   -11.468 1.00 12.19 ? 299  HIS A O   1 
ATOM   1116 C CB  . HIS A 1 141 ? 12.775  5.212   -13.205 1.00 12.83 ? 299  HIS A CB  1 
ATOM   1117 C CG  . HIS A 1 141 ? 12.694  6.392   -14.025 1.00 13.68 ? 299  HIS A CG  1 
ATOM   1118 N ND1 . HIS A 1 141 ? 11.591  7.179   -14.093 1.00 15.38 ? 299  HIS A ND1 1 
ATOM   1119 C CD2 . HIS A 1 141 ? 13.570  6.981   -14.875 1.00 15.62 ? 299  HIS A CD2 1 
ATOM   1120 C CE1 . HIS A 1 141 ? 11.755  8.209   -14.881 1.00 17.64 ? 299  HIS A CE1 1 
ATOM   1121 N NE2 . HIS A 1 141 ? 12.988  8.108   -15.381 1.00 17.90 ? 299  HIS A NE2 1 
ATOM   1122 N N   . SER A 1 142 ? 15.547  5.837   -11.963 1.00 14.20 ? 300  SER A N   1 
ATOM   1123 C CA  . SER A 1 142 ? 16.837  6.560   -11.775 1.00 19.66 ? 300  SER A CA  1 
ATOM   1124 C C   . SER A 1 142 ? 17.161  7.364   -12.912 1.00 27.59 ? 300  SER A C   1 
ATOM   1125 O O   . SER A 1 142 ? 17.195  6.829   -13.979 1.00 24.52 ? 300  SER A O   1 
ATOM   1126 C CB  . SER A 1 142 ? 17.862  5.480   -11.644 1.00 25.40 ? 300  SER A CB  1 
ATOM   1127 O OG  . SER A 1 142 ? 17.785  5.098   -10.320 1.00 33.05 ? 300  SER A OG  1 
HETATM 1128 O O1  . XYP B 2 .   ? -11.319 -5.635  -12.621 1.00 36.26 ? 1    XYP B O1  1 
HETATM 1129 C C1  . XYP B 2 .   ? -11.598 -6.682  -11.731 1.00 29.92 ? 1    XYP B C1  1 
HETATM 1130 C C2  . XYP B 2 .   ? -10.688 -7.884  -11.996 1.00 28.79 ? 1    XYP B C2  1 
HETATM 1131 C C3  . XYP B 2 .   ? -11.048 -8.931  -10.970 1.00 22.55 ? 1    XYP B C3  1 
HETATM 1132 C C4  . XYP B 2 .   ? -10.811 -8.311  -9.596  1.00 24.51 ? 1    XYP B C4  1 
HETATM 1133 C C5  . XYP B 2 .   ? -11.779 -7.200  -9.392  1.00 26.46 ? 1    XYP B C5  1 
HETATM 1134 O O2  . XYP B 2 .   ? -10.773 -8.512  -13.309 1.00 38.22 ? 1    XYP B O2  1 
HETATM 1135 O O3  . XYP B 2 .   ? -10.178 -10.044 -11.044 1.00 30.61 ? 1    XYP B O3  1 
HETATM 1136 O O4  . XYP B 2 .   ? -11.379 -9.262  -8.541  1.00 21.18 ? 1    XYP B O4  1 
HETATM 1137 O O5  . XYP B 2 .   ? -11.402 -6.169  -10.416 1.00 28.19 ? 1    XYP B O5  1 
HETATM 1138 C C1  . XYP B 2 .   ? -10.527 -9.492  -7.422  1.00 17.10 ? 2    XYP B C1  1 
HETATM 1139 C C2  . XYP B 2 .   ? -11.485 -10.072 -6.347  1.00 17.19 ? 2    XYP B C2  1 
HETATM 1140 C C3  . XYP B 2 .   ? -10.602 -10.443 -5.178  1.00 17.44 ? 2    XYP B C3  1 
HETATM 1141 C C4  . XYP B 2 .   ? -9.404  -11.240 -5.557  1.00 17.13 ? 2    XYP B C4  1 
HETATM 1142 C C5  . XYP B 2 .   ? -8.615  -10.550 -6.653  1.00 16.01 ? 2    XYP B C5  1 
HETATM 1143 O O2  . XYP B 2 .   ? -12.515 -9.172  -5.967  1.00 19.58 ? 2    XYP B O2  1 
HETATM 1144 O O3  . XYP B 2 .   ? -11.364 -11.163 -4.159  1.00 19.31 ? 2    XYP B O3  1 
HETATM 1145 O O4  . XYP B 2 .   ? -8.530  -11.364 -4.412  1.00 16.81 ? 2    XYP B O4  1 
HETATM 1146 O O5  . XYP B 2 .   ? -9.481  -10.317 -7.786  1.00 19.69 ? 2    XYP B O5  1 
HETATM 1147 C C1  . XYP B 2 .   ? -7.483  -12.269 -4.571  1.00 16.42 ? 3    XYP B C1  1 
HETATM 1148 C C2  . XYP B 2 .   ? -6.317  -11.800 -3.746  1.00 15.70 ? 3    XYP B C2  1 
HETATM 1149 C C3  . XYP B 2 .   ? -5.172  -12.800 -3.773  1.00 17.51 ? 3    XYP B C3  1 
HETATM 1150 C C4  . XYP B 2 .   ? -5.728  -14.186 -3.352  1.00 19.00 ? 3    XYP B C4  1 
HETATM 1151 C C5  . XYP B 2 .   ? -6.935  -14.495 -4.157  1.00 16.85 ? 3    XYP B C5  1 
HETATM 1152 O O2  . XYP B 2 .   ? -5.823  -10.562 -4.260  1.00 16.06 ? 3    XYP B O2  1 
HETATM 1153 O O3  . XYP B 2 .   ? -4.121  -12.348 -2.870  1.00 18.67 ? 3    XYP B O3  1 
HETATM 1154 O O4  . XYP B 2 .   ? -4.662  -15.126 -3.537  1.00 21.38 ? 3    XYP B O4  1 
HETATM 1155 O O5  . XYP B 2 .   ? -7.961  -13.539 -3.982  1.00 20.04 ? 3    XYP B O5  1 
HETATM 1156 O O   . HOH C 3 .   ? 7.400   2.620   9.968   1.00 10.87 ? 1001 HOH A O   1 
HETATM 1157 O O   . HOH C 3 .   ? -4.186  6.974   -9.578  1.00 9.79  ? 1002 HOH A O   1 
HETATM 1158 O O   . HOH C 3 .   ? 13.524  8.993   -1.182  1.00 10.41 ? 1003 HOH A O   1 
HETATM 1159 O O   . HOH C 3 .   ? 5.097   -4.739  -12.441 1.00 12.14 ? 1004 HOH A O   1 
HETATM 1160 O O   . HOH C 3 .   ? 10.346  10.551  -1.726  1.00 11.77 ? 1005 HOH A O   1 
HETATM 1161 O O   . HOH C 3 .   ? -4.863  -4.442  8.335   1.00 13.72 ? 1006 HOH A O   1 
HETATM 1162 O O   . HOH C 3 .   ? -8.209  1.179   -7.579  1.00 11.60 ? 1007 HOH A O   1 
HETATM 1163 O O   . HOH C 3 .   ? 14.291  5.317   -8.818  1.00 12.09 ? 1008 HOH A O   1 
HETATM 1164 O O   . HOH C 3 .   ? 3.191   -3.597  -14.147 1.00 13.72 ? 1009 HOH A O   1 
HETATM 1165 O O   . HOH C 3 .   ? -4.716  -2.573  10.364  1.00 12.65 ? 1010 HOH A O   1 
HETATM 1166 O O   . HOH C 3 .   ? -7.964  7.525   -4.596  1.00 10.42 ? 1011 HOH A O   1 
HETATM 1167 O O   . HOH C 3 .   ? -10.684 -6.570  12.078  1.00 14.43 ? 1012 HOH A O   1 
HETATM 1168 O O   . HOH C 3 .   ? -12.046 8.234   3.501   1.00 13.44 ? 1013 HOH A O   1 
HETATM 1169 O O   . HOH C 3 .   ? -11.363 10.020  1.309   1.00 13.60 ? 1014 HOH A O   1 
HETATM 1170 O O   . HOH C 3 .   ? 15.342  2.897   -12.467 1.00 14.94 ? 1015 HOH A O   1 
HETATM 1171 O O   . HOH C 3 .   ? -10.309 -9.380  0.713   1.00 15.49 ? 1016 HOH A O   1 
HETATM 1172 O O   . HOH C 3 .   ? -8.092  4.835   -10.132 1.00 13.81 ? 1017 HOH A O   1 
HETATM 1173 O O   . HOH C 3 .   ? -15.624 -15.203 4.710   1.00 16.76 ? 1018 HOH A O   1 
HETATM 1174 O O   . HOH C 3 .   ? 13.253  5.193   0.500   1.00 14.46 ? 1019 HOH A O   1 
HETATM 1175 O O   . HOH C 3 .   ? -4.817  -9.927  -6.787  1.00 16.13 ? 1020 HOH A O   1 
HETATM 1176 O O   . HOH C 3 .   ? -12.570 3.721   -2.079  1.00 16.22 ? 1021 HOH A O   1 
HETATM 1177 O O   . HOH C 3 .   ? -4.746  -7.900  -15.696 1.00 17.96 ? 1022 HOH A O   1 
HETATM 1178 O O   . HOH C 3 .   ? 5.450   8.620   14.218  1.00 15.39 ? 1023 HOH A O   1 
HETATM 1179 O O   . HOH C 3 .   ? 1.685   12.584  9.137   1.00 16.02 ? 1024 HOH A O   1 
HETATM 1180 O O   . HOH C 3 .   ? 12.725  13.554  -8.280  1.00 16.50 ? 1025 HOH A O   1 
HETATM 1181 O O   . HOH C 3 .   ? 15.499  2.968   -9.726  1.00 16.65 ? 1026 HOH A O   1 
HETATM 1182 O O   . HOH C 3 .   ? -0.766  13.143  -6.770  1.00 19.58 ? 1027 HOH A O   1 
HETATM 1183 O O   . HOH C 3 .   ? -13.789 -1.090  -3.888  1.00 15.49 ? 1028 HOH A O   1 
HETATM 1184 O O   . HOH C 3 .   ? 8.726   1.528   16.726  1.00 18.63 ? 1029 HOH A O   1 
HETATM 1185 O O   . HOH C 3 .   ? -11.757 -11.688 0.372   1.00 19.21 ? 1030 HOH A O   1 
HETATM 1186 O O   . HOH C 3 .   ? 11.268  2.667   17.266  1.00 17.50 ? 1031 HOH A O   1 
HETATM 1187 O O   . HOH C 3 .   ? 12.392  -7.299  -9.857  1.00 20.48 ? 1032 HOH A O   1 
HETATM 1188 O O   . HOH C 3 .   ? 14.151  4.522   2.947   1.00 17.48 ? 1033 HOH A O   1 
HETATM 1189 O O   . HOH C 3 .   ? -13.521 1.815   2.639   1.00 18.65 ? 1034 HOH A O   1 
HETATM 1190 O O   . HOH C 3 .   ? -21.624 -8.234  9.738   1.00 18.35 ? 1035 HOH A O   1 
HETATM 1191 O O   . HOH C 3 .   ? 4.317   11.877  8.240   1.00 16.17 ? 1036 HOH A O   1 
HETATM 1192 O O   . HOH C 3 .   ? -3.643  -14.466 2.034   1.00 20.69 ? 1037 HOH A O   1 
HETATM 1193 O O   . HOH C 3 .   ? -7.270  -11.037 16.509  1.00 21.39 ? 1038 HOH A O   1 
HETATM 1194 O O   . HOH C 3 .   ? 5.688   -1.874  -22.627 1.00 21.69 ? 1039 HOH A O   1 
HETATM 1195 O O   . HOH C 3 .   ? 8.350   -2.230  -22.222 1.00 21.07 ? 1040 HOH A O   1 
HETATM 1196 O O   . HOH C 3 .   ? -10.836 -13.785 11.844  1.00 19.29 ? 1041 HOH A O   1 
HETATM 1197 O O   . HOH C 3 .   ? -3.009  0.485   -15.755 1.00 21.96 ? 1042 HOH A O   1 
HETATM 1198 O O   . HOH C 3 .   ? -1.872  13.424  -4.412  1.00 19.64 ? 1043 HOH A O   1 
HETATM 1199 O O   . HOH C 3 .   ? -14.000 2.305   -0.163  1.00 19.31 ? 1044 HOH A O   1 
HETATM 1200 O O   . HOH C 3 .   ? -12.777 8.605   6.184   1.00 23.52 ? 1045 HOH A O   1 
HETATM 1201 O O   . HOH C 3 .   ? -0.588  -11.107 1.627   1.00 20.72 ? 1046 HOH A O   1 
HETATM 1202 O O   . HOH C 3 .   ? 8.624   13.979  -4.422  1.00 19.96 ? 1047 HOH A O   1 
HETATM 1203 O O   . HOH C 3 .   ? 10.609  -0.417  10.706  1.00 23.37 ? 1048 HOH A O   1 
HETATM 1204 O O   . HOH C 3 .   ? 10.975  -3.529  5.414   1.00 20.65 ? 1049 HOH A O   1 
HETATM 1205 O O   . HOH C 3 .   ? -9.574  3.409   9.041   1.00 21.95 ? 1050 HOH A O   1 
HETATM 1206 O O   . HOH C 3 .   ? 2.227   1.181   -19.499 1.00 22.34 ? 1051 HOH A O   1 
HETATM 1207 O O   . HOH C 3 .   ? 13.150  2.876   -15.927 1.00 22.42 ? 1052 HOH A O   1 
HETATM 1208 O O   . HOH C 3 .   ? -13.879 -0.102  5.581   1.00 24.94 ? 1053 HOH A O   1 
HETATM 1209 O O   . HOH C 3 .   ? -5.501  -11.155 -9.381  1.00 20.51 ? 1054 HOH A O   1 
HETATM 1210 O O   . HOH C 3 .   ? -2.372  -15.492 5.211   1.00 22.32 ? 1055 HOH A O   1 
HETATM 1211 O O   . HOH C 3 .   ? 12.985  2.632   6.146   1.00 22.18 ? 1056 HOH A O   1 
HETATM 1212 O O   . HOH C 3 .   ? -17.109 -6.758  4.097   1.00 25.44 ? 1057 HOH A O   1 
HETATM 1213 O O   . HOH C 3 .   ? -15.196 -3.090  6.711   1.00 24.85 ? 1058 HOH A O   1 
HETATM 1214 O O   . HOH C 3 .   ? 10.409  -7.283  -0.302  1.00 25.96 ? 1059 HOH A O   1 
HETATM 1215 O O   . HOH C 3 .   ? 3.932   -12.187 -10.630 1.00 20.17 ? 1060 HOH A O   1 
HETATM 1216 O O   . HOH C 3 .   ? -15.110 -4.401  1.360   1.00 22.10 ? 1061 HOH A O   1 
HETATM 1217 O O   . HOH C 3 .   ? 8.007   4.214   -17.639 1.00 21.44 ? 1062 HOH A O   1 
HETATM 1218 O O   . HOH C 3 .   ? 10.274  -8.259  -11.156 1.00 20.80 ? 1063 HOH A O   1 
HETATM 1219 O O   . HOH C 3 .   ? -1.361  -8.399  -18.261 1.00 19.79 ? 1064 HOH A O   1 
HETATM 1220 O O   . HOH C 3 .   ? 11.194  6.419   18.398  1.00 21.36 ? 1065 HOH A O   1 
HETATM 1221 O O   . HOH C 3 .   ? 0.165   -8.515  7.828   1.00 26.52 ? 1066 HOH A O   1 
HETATM 1222 O O   . HOH C 3 .   ? -16.397 -11.694 1.788   1.00 25.29 ? 1067 HOH A O   1 
HETATM 1223 O O   . HOH C 3 .   ? 0.553   -9.659  -6.551  1.00 21.06 ? 1068 HOH A O   1 
HETATM 1224 O O   . HOH C 3 .   ? 7.393   -10.968 -7.723  1.00 23.30 ? 1069 HOH A O   1 
HETATM 1225 O O   . HOH C 3 .   ? -2.658  9.602   13.988  1.00 25.95 ? 1070 HOH A O   1 
HETATM 1226 O O   . HOH C 3 .   ? -13.070 -17.537 10.395  1.00 25.66 ? 1071 HOH A O   1 
HETATM 1227 O O   . HOH C 3 .   ? 8.306   -4.465  11.729  1.00 29.09 ? 1072 HOH A O   1 
HETATM 1228 O O   . HOH C 3 .   ? 12.099  -6.927  -7.002  1.00 22.25 ? 1073 HOH A O   1 
HETATM 1229 O O   . HOH C 3 .   ? 9.710   6.057   -16.755 1.00 22.16 ? 1074 HOH A O   1 
HETATM 1230 O O   . HOH C 3 .   ? 1.784   -8.173  10.428  1.00 28.42 ? 1075 HOH A O   1 
HETATM 1231 O O   . HOH C 3 .   ? -14.208 1.621   -3.705  1.00 20.24 ? 1076 HOH A O   1 
HETATM 1232 O O   . HOH C 3 .   ? -5.395  0.444   16.770  1.00 25.63 ? 1077 HOH A O   1 
HETATM 1233 O O   . HOH C 3 .   ? 14.839  0.465   -16.993 1.00 23.80 ? 1078 HOH A O   1 
HETATM 1234 O O   . HOH C 3 .   ? -7.289  -1.567  16.729  1.00 27.21 ? 1079 HOH A O   1 
HETATM 1235 O O   . HOH C 3 .   ? -14.529 3.788   5.907   1.00 26.20 ? 1080 HOH A O   1 
HETATM 1236 O O   . HOH C 3 .   ? 8.020   12.015  -14.474 1.00 20.13 ? 1081 HOH A O   1 
HETATM 1237 O O   . HOH C 3 .   ? -5.742  -1.253  -11.971 1.00 23.42 ? 1082 HOH A O   1 
HETATM 1238 O O   . HOH C 3 .   ? -14.112 -15.629 1.250   1.00 26.11 ? 1083 HOH A O   1 
HETATM 1239 O O   . HOH C 3 .   ? -5.413  11.166  14.373  1.00 25.78 ? 1084 HOH A O   1 
HETATM 1240 O O   . HOH C 3 .   ? 14.590  -3.224  -3.040  1.00 26.97 ? 1085 HOH A O   1 
HETATM 1241 O O   . HOH C 3 .   ? -4.607  0.904   -13.875 1.00 25.98 ? 1086 HOH A O   1 
HETATM 1242 O O   . HOH C 3 .   ? 5.087   0.690   -23.455 1.00 27.43 ? 1087 HOH A O   1 
HETATM 1243 O O   . HOH C 3 .   ? 13.271  0.325   2.421   1.00 25.60 ? 1088 HOH A O   1 
HETATM 1244 O O   . HOH C 3 .   ? 0.180   15.022  10.697  1.00 25.38 ? 1089 HOH A O   1 
HETATM 1245 O O   . HOH C 3 .   ? -5.415  -5.055  -14.464 1.00 26.23 ? 1090 HOH A O   1 
HETATM 1246 O O   . HOH C 3 .   ? 9.160   -7.307  5.419   1.00 28.19 ? 1091 HOH A O   1 
HETATM 1247 O O   . HOH C 3 .   ? -5.668  14.905  4.548   1.00 23.15 ? 1092 HOH A O   1 
HETATM 1248 O O   . HOH C 3 .   ? -9.228  4.421   -12.658 1.00 23.44 ? 1093 HOH A O   1 
HETATM 1249 O O   . HOH C 3 .   ? 5.606   -3.616  18.335  1.00 32.27 ? 1094 HOH A O   1 
HETATM 1250 O O   . HOH C 3 .   ? 13.453  2.971   13.390  1.00 29.13 ? 1095 HOH A O   1 
HETATM 1251 O O   . HOH C 3 .   ? -2.343  -12.438 13.110  1.00 26.33 ? 1096 HOH A O   1 
HETATM 1252 O O   . HOH C 3 .   ? 9.020   9.988   -15.776 1.00 28.55 ? 1097 HOH A O   1 
HETATM 1253 O O   . HOH C 3 .   ? -8.405  -13.434 14.750  1.00 26.84 ? 1098 HOH A O   1 
HETATM 1254 O O   . HOH C 3 .   ? -11.899 -0.471  12.730  1.00 34.57 ? 1099 HOH A O   1 
HETATM 1255 O O   . HOH C 3 .   ? -9.839  -18.828 6.094   1.00 24.88 ? 1100 HOH A O   1 
HETATM 1256 O O   . HOH C 3 .   ? 0.819   14.237  13.043  1.00 29.21 ? 1101 HOH A O   1 
HETATM 1257 O O   . HOH C 3 .   ? -8.753  -2.307  -10.714 1.00 26.78 ? 1102 HOH A O   1 
HETATM 1258 O O   . HOH C 3 .   ? -5.187  -15.045 11.680  1.00 30.87 ? 1103 HOH A O   1 
HETATM 1259 O O   . HOH C 3 .   ? 3.023   -5.636  -22.642 1.00 27.87 ? 1104 HOH A O   1 
HETATM 1260 O O   . HOH C 3 .   ? 14.401  4.987   17.350  1.00 22.58 ? 1105 HOH A O   1 
HETATM 1261 O O   . HOH C 3 .   ? -13.631 -0.775  2.830   1.00 24.22 ? 1106 HOH A O   1 
HETATM 1262 O O   . HOH C 3 .   ? 11.970  -2.579  7.894   1.00 29.88 ? 1107 HOH A O   1 
HETATM 1263 O O   . HOH C 3 .   ? -11.558 6.479   7.735   1.00 28.62 ? 1108 HOH A O   1 
HETATM 1264 O O   . HOH C 3 .   ? -9.445  13.446  2.703   1.00 31.85 ? 1109 HOH A O   1 
HETATM 1265 O O   . HOH C 3 .   ? -8.015  -10.683 -13.814 1.00 32.87 ? 1110 HOH A O   1 
HETATM 1266 O O   . HOH C 3 .   ? -8.918  15.300  0.856   1.00 33.15 ? 1111 HOH A O   1 
HETATM 1267 O O   . HOH C 3 .   ? 1.900   12.019  14.488  1.00 30.86 ? 1112 HOH A O   1 
HETATM 1268 O O   . HOH C 3 .   ? -23.104 -12.761 3.508   1.00 25.39 ? 1113 HOH A O   1 
HETATM 1269 O O   . HOH C 3 .   ? -10.784 11.899  9.072   1.00 32.59 ? 1114 HOH A O   1 
HETATM 1270 O O   . HOH C 3 .   ? -20.390 -3.983  15.067  1.00 31.91 ? 1115 HOH A O   1 
HETATM 1271 O O   . HOH C 3 .   ? 10.502  -4.550  0.011   1.00 28.31 ? 1116 HOH A O   1 
HETATM 1272 O O   . HOH C 3 .   ? -1.374  2.565   -16.896 1.00 19.69 ? 1117 HOH A O   1 
HETATM 1273 O O   . HOH C 3 .   ? -16.488 -1.584  10.006  1.00 29.22 ? 1118 HOH A O   1 
HETATM 1274 O O   . HOH C 3 .   ? -17.358 -14.369 2.652   1.00 26.18 ? 1119 HOH A O   1 
HETATM 1275 O O   . HOH C 3 .   ? 5.631   -12.732 -8.706  1.00 27.15 ? 1120 HOH A O   1 
HETATM 1276 O O   . HOH C 3 .   ? -3.176  16.739  8.157   1.00 31.78 ? 1121 HOH A O   1 
HETATM 1277 O O   . HOH C 3 .   ? -2.121  -3.947  -17.780 1.00 30.23 ? 1122 HOH A O   1 
HETATM 1278 O O   . HOH C 3 .   ? -4.338  16.746  -3.157  1.00 32.14 ? 1123 HOH A O   1 
HETATM 1279 O O   . HOH C 3 .   ? 3.780   -9.826  -1.242  1.00 26.92 ? 1124 HOH A O   1 
HETATM 1280 O O   . HOH C 3 .   ? -16.134 -8.518  0.576   1.00 35.31 ? 1125 HOH A O   1 
HETATM 1281 O O   . HOH C 3 .   ? -14.990 -2.805  -2.608  1.00 23.93 ? 1126 HOH A O   1 
HETATM 1282 O O   . HOH C 3 .   ? -5.618  4.453   15.780  1.00 36.47 ? 1127 HOH A O   1 
HETATM 1283 O O   . HOH C 3 .   ? 1.325   -9.920  -3.810  1.00 40.29 ? 1128 HOH A O   1 
HETATM 1284 O O   . HOH C 3 .   ? 12.543  -2.976  0.588   1.00 30.55 ? 1129 HOH A O   1 
HETATM 1285 O O   . HOH C 3 .   ? 15.499  -4.322  -9.355  1.00 39.74 ? 1130 HOH A O   1 
HETATM 1286 O O   . HOH C 3 .   ? -3.078  -17.292 7.553   1.00 33.52 ? 1131 HOH A O   1 
HETATM 1287 O O   . HOH C 3 .   ? -8.446  0.992   -11.820 1.00 33.60 ? 1132 HOH A O   1 
HETATM 1288 O O   . HOH C 3 .   ? 10.432  -7.865  -16.223 1.00 28.35 ? 1133 HOH A O   1 
HETATM 1289 O O   . HOH C 3 .   ? -10.775 1.204   -9.060  1.00 25.69 ? 1134 HOH A O   1 
HETATM 1290 O O   . HOH C 3 .   ? 2.550   5.177   15.624  1.00 36.04 ? 1135 HOH A O   1 
HETATM 1291 O O   . HOH C 3 .   ? 15.809  0.525   -3.441  1.00 36.82 ? 1136 HOH A O   1 
HETATM 1292 O O   . HOH C 3 .   ? 10.487  -9.021  -2.813  1.00 29.82 ? 1137 HOH A O   1 
HETATM 1293 O O   . HOH C 3 .   ? -12.091 4.613   1.386   1.00 86.67 ? 1138 HOH A O   1 
HETATM 1294 O O   . HOH C 3 .   ? -11.835 5.080   12.103  1.00 34.61 ? 1139 HOH A O   1 
HETATM 1295 O O   . HOH C 3 .   ? 16.332  0.716   -8.379  1.00 27.73 ? 1140 HOH A O   1 
HETATM 1296 O O   . HOH C 3 .   ? -5.698  -19.109 9.138   1.00 36.30 ? 1141 HOH A O   1 
HETATM 1297 O O   . HOH C 3 .   ? 2.784   17.170  0.699   1.00 25.31 ? 1142 HOH A O   1 
HETATM 1298 O O   . HOH C 3 .   ? -0.925  -7.841  14.848  1.00 32.17 ? 1143 HOH A O   1 
HETATM 1299 O O   . HOH C 3 .   ? -7.978  -5.526  19.403  1.00 31.63 ? 1144 HOH A O   1 
HETATM 1300 O O   . HOH C 3 .   ? 19.104  3.562   -6.140  1.00 31.61 ? 1145 HOH A O   1 
HETATM 1301 O O   . HOH C 3 .   ? -8.663  -9.553  18.430  1.00 42.28 ? 1146 HOH A O   1 
HETATM 1302 O O   . HOH C 3 .   ? 19.269  6.802   -5.769  1.00 33.82 ? 1147 HOH A O   1 
HETATM 1303 O O   . HOH C 3 .   ? 17.397  10.320  -12.832 1.00 37.74 ? 1148 HOH A O   1 
HETATM 1304 O O   . HOH C 3 .   ? 16.790  12.663  -13.546 1.00 38.39 ? 1149 HOH A O   1 
HETATM 1305 O O   . HOH C 3 .   ? -16.041 0.229   7.562   1.00 42.13 ? 1150 HOH A O   1 
HETATM 1306 O O   . HOH C 3 .   ? -1.858  -11.686 -5.084  1.00 39.55 ? 1151 HOH A O   1 
HETATM 1307 O O   . HOH C 3 .   ? 9.436   -9.226  -18.415 1.00 24.14 ? 1152 HOH A O   1 
HETATM 1308 O O   . HOH C 3 .   ? -15.213 -0.888  -1.087  1.00 25.32 ? 1153 HOH A O   1 
HETATM 1309 O O   . HOH C 3 .   ? -14.941 -1.136  -6.602  1.00 26.29 ? 1154 HOH A O   1 
HETATM 1310 O O   . HOH C 3 .   ? 6.760   14.018  -6.191  1.00 26.03 ? 1155 HOH A O   1 
HETATM 1311 O O   . HOH C 3 .   ? 4.922   -6.215  -24.373 1.00 29.39 ? 1156 HOH A O   1 
HETATM 1312 O O   . HOH C 3 .   ? -13.945 -10.309 18.579  1.00 26.47 ? 1157 HOH A O   1 
HETATM 1313 O O   . HOH C 3 .   ? 11.018  2.733   19.962  1.00 26.44 ? 1158 HOH A O   1 
HETATM 1314 O O   . HOH C 3 .   ? -3.274  -16.962 3.123   1.00 34.00 ? 1159 HOH A O   1 
HETATM 1315 O O   . HOH C 3 .   ? 13.258  14.819  -10.670 1.00 28.27 ? 1160 HOH A O   1 
HETATM 1316 O O   . HOH C 3 .   ? -13.046 0.643   -7.792  1.00 28.40 ? 1161 HOH A O   1 
HETATM 1317 O O   . HOH C 3 .   ? -12.946 -5.901  18.623  1.00 28.60 ? 1162 HOH A O   1 
HETATM 1318 O O   . HOH C 3 .   ? 17.571  1.810   -13.520 1.00 28.60 ? 1163 HOH A O   1 
HETATM 1319 O O   . HOH C 3 .   ? 19.958  9.981   -11.681 1.00 26.34 ? 1164 HOH A O   1 
HETATM 1320 O O   . HOH C 3 .   ? -16.631 -3.784  4.644   1.00 27.90 ? 1165 HOH A O   1 
HETATM 1321 O O   . HOH C 3 .   ? 12.310  -2.330  3.369   1.00 30.77 ? 1166 HOH A O   1 
HETATM 1322 O O   . HOH C 3 .   ? 8.381   -0.695  18.353  1.00 35.28 ? 1167 HOH A O   1 
HETATM 1323 O O   . HOH C 3 .   ? 0.198   -8.742  -1.982  1.00 27.91 ? 1168 HOH A O   1 
HETATM 1324 O O   . HOH C 3 .   ? -13.155 -2.563  15.837  1.00 30.39 ? 1169 HOH A O   1 
HETATM 1325 O O   . HOH C 3 .   ? 6.634   6.142   -16.317 1.00 27.85 ? 1170 HOH A O   1 
HETATM 1326 O O   . HOH C 3 .   ? -15.717 1.427   -1.890  1.00 24.92 ? 1171 HOH A O   1 
HETATM 1327 O O   . HOH C 3 .   ? 0.800   -8.997  12.864  1.00 38.50 ? 1172 HOH A O   1 
HETATM 1328 O O   . HOH C 3 .   ? -9.603  -16.239 12.781  1.00 30.71 ? 1173 HOH A O   1 
HETATM 1329 O O   . HOH C 3 .   ? -0.440  0.824   -19.241 1.00 26.97 ? 1174 HOH A O   1 
HETATM 1330 O O   . HOH C 3 .   ? -14.828 -1.077  12.417  1.00 36.59 ? 1175 HOH A O   1 
HETATM 1331 O O   . HOH C 3 .   ? -2.707  17.629  11.865  1.00 38.74 ? 1176 HOH A O   1 
HETATM 1332 O O   . HOH C 3 .   ? 9.760   -8.902  -6.479  1.00 30.97 ? 1177 HOH A O   1 
HETATM 1333 O O   . HOH C 3 .   ? 3.384   -0.516  19.970  1.00 35.02 ? 1178 HOH A O   1 
HETATM 1334 O O   . HOH C 3 .   ? 11.066  -0.050  20.129  1.00 32.84 ? 1179 HOH A O   1 
HETATM 1335 O O   . HOH C 3 .   ? -9.098  -18.632 11.784  1.00 38.93 ? 1180 HOH A O   1 
HETATM 1336 O O   . HOH C 3 .   ? 11.778  4.528   -17.228 1.00 31.20 ? 1181 HOH A O   1 
HETATM 1337 O O   . HOH C 3 .   ? -1.924  -1.603  -19.795 1.00 32.11 ? 1182 HOH A O   1 
HETATM 1338 O O   . HOH C 3 .   ? 2.049   -10.850 6.832   1.00 40.52 ? 1183 HOH A O   1 
HETATM 1339 O O   . HOH C 3 .   ? -11.579 -19.334 3.968   1.00 34.96 ? 1184 HOH A O   1 
HETATM 1340 O O   . HOH C 3 .   ? -9.587  12.671  11.516  1.00 41.80 ? 1185 HOH A O   1 
HETATM 1341 O O   . HOH C 3 .   ? -1.597  -1.601  18.110  1.00 33.42 ? 1186 HOH A O   1 
HETATM 1342 O O   . HOH C 3 .   ? -3.974  -2.672  -15.288 1.00 36.81 ? 1187 HOH A O   1 
HETATM 1343 O O   . HOH C 3 .   ? 8.614   -4.601  -24.197 1.00 45.96 ? 1188 HOH A O   1 
HETATM 1344 O O   . HOH C 3 .   ? -11.344 -11.268 18.729  1.00 43.65 ? 1189 HOH A O   1 
HETATM 1345 O O   . HOH C 3 .   ? -9.490  5.548   10.514  1.00 34.23 ? 1190 HOH A O   1 
HETATM 1346 O O   . HOH C 3 .   ? 9.667   7.785   -18.898 1.00 42.91 ? 1191 HOH A O   1 
HETATM 1347 O O   . HOH C 3 .   ? 7.822   6.179   17.838  1.00 31.31 ? 1192 HOH A O   1 
HETATM 1348 O O   . HOH C 3 .   ? 13.254  0.445   7.800   1.00 35.34 ? 1193 HOH A O   1 
HETATM 1349 O O   . HOH C 3 .   ? 3.702   12.174  -2.763  1.00 30.83 ? 1194 HOH A O   1 
HETATM 1350 O O   . HOH C 3 .   ? 4.300   3.709   -21.783 1.00 40.39 ? 1195 HOH A O   1 
HETATM 1351 O O   . HOH C 3 .   ? 0.578   14.921  -5.443  1.00 33.54 ? 1196 HOH A O   1 
HETATM 1352 O O   . HOH C 3 .   ? -12.989 -13.868 15.938  1.00 30.25 ? 1197 HOH A O   1 
HETATM 1353 O O   . HOH C 3 .   ? -7.326  -2.597  -13.640 1.00 34.85 ? 1198 HOH A O   1 
HETATM 1354 O O   . HOH C 3 .   ? 17.322  0.873   -16.155 1.00 33.46 ? 1199 HOH A O   1 
HETATM 1355 O O   . HOH C 3 .   ? 0.286   4.921   14.130  1.00 44.98 ? 1200 HOH A O   1 
HETATM 1356 O O   . HOH C 3 .   ? -0.346  -14.032 12.203  1.00 38.10 ? 1201 HOH A O   1 
HETATM 1357 O O   . HOH C 3 .   ? 1.134   19.176  0.286   1.00 38.12 ? 1202 HOH A O   1 
HETATM 1358 O O   . HOH C 3 .   ? -9.542  -6.825  -15.112 1.00 41.38 ? 1203 HOH A O   1 
HETATM 1359 O O   . HOH C 3 .   ? -14.322 -11.267 -0.327  1.00 36.24 ? 1204 HOH A O   1 
HETATM 1360 O O   . HOH C 3 .   ? -1.453  -13.857 1.203   1.00 41.47 ? 1205 HOH A O   1 
HETATM 1361 O O   . HOH C 3 .   ? 3.204   -6.038  16.990  1.00 43.45 ? 1206 HOH A O   1 
HETATM 1362 O O   . HOH C 3 .   ? 10.677  -2.590  12.129  1.00 41.09 ? 1207 HOH A O   1 
HETATM 1363 O O   . HOH C 3 .   ? -0.364  -6.179  16.360  1.00 34.26 ? 1208 HOH A O   1 
HETATM 1364 O O   . HOH C 3 .   ? 11.073  -9.615  -13.630 1.00 49.31 ? 1209 HOH A O   1 
HETATM 1365 O O   . HOH C 3 .   ? 5.825   -3.757  -24.689 1.00 35.49 ? 1210 HOH A O   1 
HETATM 1366 O O   . HOH C 3 .   ? -21.498 -7.094  3.354   1.00 40.19 ? 1211 HOH A O   1 
HETATM 1367 O O   . HOH C 3 .   ? -0.263  -3.207  -22.332 1.00 35.68 ? 1212 HOH A O   1 
HETATM 1368 O O   . HOH C 3 .   ? 14.342  9.779   -17.226 1.00 43.44 ? 1213 HOH A O   1 
HETATM 1369 O O   . HOH C 3 .   ? 8.031   -10.671 1.128   1.00 50.34 ? 1214 HOH A O   1 
HETATM 1370 O O   . HOH C 3 .   ? -11.890 -16.807 -0.157  1.00 38.77 ? 1215 HOH A O   1 
HETATM 1371 O O   . HOH C 3 .   ? -11.034 -12.797 -10.380 1.00 52.70 ? 1216 HOH A O   1 
HETATM 1372 O O   . HOH C 3 .   ? -10.609 -13.820 16.859  1.00 42.07 ? 1217 HOH A O   1 
HETATM 1373 O O   . HOH C 3 .   ? -15.016 -6.814  -4.131  1.00 37.85 ? 1218 HOH A O   1 
HETATM 1374 O O   . HOH C 3 .   ? -10.354 -12.831 -1.968  1.00 31.73 ? 1219 HOH A O   1 
HETATM 1375 O O   . HOH C 3 .   ? -5.758  6.748   14.406  1.00 35.34 ? 1220 HOH A O   1 
HETATM 1376 O O   . HOH C 3 .   ? 16.397  9.442   -14.863 1.00 64.99 ? 1221 HOH A O   1 
HETATM 1377 O O   . HOH C 3 .   ? 2.016   -7.251  14.509  1.00 40.36 ? 1222 HOH A O   1 
HETATM 1378 O O   . HOH C 3 .   ? -19.098 -6.899  2.393   1.00 33.88 ? 1223 HOH A O   1 
HETATM 1379 O O   . HOH C 3 .   ? -15.737 -2.330  2.945   1.00 43.94 ? 1224 HOH A O   1 
HETATM 1380 O O   . HOH C 3 .   ? -7.738  -11.212 -11.069 1.00 38.16 ? 1225 HOH A O   1 
HETATM 1381 O O   . HOH C 3 .   ? 2.096   16.117  -3.260  1.00 46.09 ? 1226 HOH A O   1 
HETATM 1382 O O   . HOH C 3 .   ? -10.824 -3.979  -10.668 1.00 35.80 ? 1227 HOH A O   1 
HETATM 1383 O O   . HOH C 3 .   ? -3.325  -16.888 10.644  1.00 41.26 ? 1228 HOH A O   1 
HETATM 1384 O O   . HOH C 3 .   ? 7.902   -8.097  9.997   1.00 41.79 ? 1229 HOH A O   1 
HETATM 1385 O O   . HOH C 3 .   ? -1.566  -3.685  17.600  1.00 61.12 ? 1230 HOH A O   1 
HETATM 1386 O O   . HOH C 3 .   ? 19.749  7.873   -15.571 1.00 51.07 ? 1231 HOH A O   1 
HETATM 1387 O O   . HOH C 3 .   ? 0.472   -15.145 5.266   1.00 46.31 ? 1232 HOH A O   1 
HETATM 1388 O O   . HOH C 3 .   ? -4.755  -11.578 17.086  1.00 41.51 ? 1233 HOH A O   1 
HETATM 1389 O O   . HOH C 3 .   ? 15.565  0.290   9.315   1.00 53.50 ? 1234 HOH A O   1 
HETATM 1390 O O   . HOH C 3 .   ? 7.085   -11.044 -1.129  1.00 51.09 ? 1235 HOH A O   1 
HETATM 1391 O O   . HOH C 3 .   ? -16.295 2.298   2.867   1.00 37.58 ? 1236 HOH A O   1 
HETATM 1392 O O   . HOH C 3 .   ? -16.259 -4.603  -0.893  1.00 38.75 ? 1237 HOH A O   1 
HETATM 1393 O O   . HOH C 3 .   ? 6.201   15.052  -3.349  1.00 41.16 ? 1238 HOH A O   1 
HETATM 1394 O O   . HOH C 3 .   ? -2.080  18.625  4.445   1.00 54.12 ? 1239 HOH A O   1 
HETATM 1395 O O   . HOH C 3 .   ? 14.325  -5.931  -18.592 1.00 41.55 ? 1240 HOH A O   1 
HETATM 1396 O O   . HOH C 3 .   ? 10.212  -7.856  -20.573 1.00 43.37 ? 1241 HOH A O   1 
HETATM 1397 O O   . HOH C 3 .   ? -14.179 -6.224  -7.235  1.00 39.77 ? 1242 HOH A O   1 
HETATM 1398 O O   . HOH C 3 .   ? -10.151 8.134   9.883   1.00 42.71 ? 1243 HOH A O   1 
HETATM 1399 O O   . HOH C 3 .   ? 1.508   -12.534 11.149  1.00 48.35 ? 1244 HOH A O   1 
HETATM 1400 O O   . HOH C 3 .   ? 12.062  11.740  -17.212 1.00 43.62 ? 1245 HOH A O   1 
HETATM 1401 O O   . HOH C 3 .   ? -22.169 -2.414  11.669  1.00 40.69 ? 1246 HOH A O   1 
HETATM 1402 O O   . HOH C 3 .   ? 16.133  4.403   -15.562 1.00 36.08 ? 1247 HOH A O   1 
HETATM 1403 O O   . HOH C 3 .   ? 11.367  14.036  -15.493 1.00 59.58 ? 1248 HOH A O   1 
HETATM 1404 O O   . HOH C 3 .   ? 13.373  -4.277  -1.474  1.00 55.19 ? 1249 HOH A O   1 
HETATM 1405 O O   . HOH C 3 .   ? 1.213   3.057   19.138  1.00 47.73 ? 1250 HOH A O   1 
HETATM 1406 O O   . HOH C 3 .   ? 2.730   -9.327  16.319  1.00 72.65 ? 1251 HOH A O   1 
HETATM 1407 O O   . HOH C 3 .   ? -1.179  16.172  6.192   1.00 50.22 ? 1252 HOH A O   1 
HETATM 1408 O O   . HOH C 3 .   ? -11.784 -1.010  -9.618  1.00 42.48 ? 1253 HOH A O   1 
HETATM 1409 O O   . HOH C 3 .   ? 2.525   9.216   17.641  1.00 47.27 ? 1254 HOH A O   1 
HETATM 1410 O O   . HOH C 3 .   ? -10.734 1.061   -11.622 1.00 34.33 ? 1255 HOH A O   1 
HETATM 1411 O O   . HOH C 3 .   ? -12.022 16.031  4.068   1.00 51.09 ? 1256 HOH A O   1 
HETATM 1412 O O   . HOH C 3 .   ? -2.044  -10.129 16.459  1.00 43.99 ? 1257 HOH A O   1 
HETATM 1413 O O   . HOH C 3 .   ? 14.806  0.080   -19.665 1.00 41.95 ? 1258 HOH A O   1 
HETATM 1414 O O   . HOH C 3 .   ? -1.306  -5.479  -21.113 1.00 42.49 ? 1259 HOH A O   1 
HETATM 1415 O O   . HOH C 3 .   ? 1.712   -12.552 5.334   1.00 49.93 ? 1260 HOH A O   1 
HETATM 1416 O O   . HOH C 3 .   ? -15.986 4.830   7.704   1.00 49.77 ? 1261 HOH A O   1 
HETATM 1417 O O   . HOH C 3 .   ? 4.354   16.518  -5.067  1.00 31.64 ? 1262 HOH A O   1 
HETATM 1418 O O   . HOH C 3 .   ? 7.152   6.724   -20.499 1.00 66.49 ? 1263 HOH A O   1 
HETATM 1419 O O   . HOH C 3 .   ? -8.254  -4.893  -15.340 1.00 52.07 ? 1264 HOH A O   1 
HETATM 1420 O O   . HOH C 3 .   ? -13.028 7.539   9.352   1.00 46.59 ? 1265 HOH A O   1 
HETATM 1421 O O   . HOH C 3 .   ? 15.476  -0.517  0.449   1.00 44.19 ? 1266 HOH A O   1 
HETATM 1422 O O   . HOH C 3 .   ? -6.703  18.647  -1.180  1.00 44.32 ? 1267 HOH A O   1 
HETATM 1423 O O   . HOH C 3 .   ? 0.534   -6.291  -19.187 1.00 25.77 ? 1268 HOH A O   1 
HETATM 1424 O O   . HOH C 3 .   ? -10.543 -0.828  -13.598 1.00 53.76 ? 1269 HOH A O   1 
HETATM 1425 O O   . HOH C 3 .   ? -2.160  -13.420 -1.348  1.00 54.06 ? 1270 HOH A O   1 
HETATM 1426 O O   . HOH C 3 .   ? -13.323 9.500   11.144  1.00 70.55 ? 1271 HOH A O   1 
HETATM 1427 O O   . HOH C 3 .   ? -14.752 -8.700  -7.585  1.00 43.59 ? 1272 HOH A O   1 
HETATM 1428 O O   . HOH C 3 .   ? -11.074 6.521   15.043  1.00 54.91 ? 1273 HOH A O   1 
HETATM 1429 O O   . HOH C 3 .   ? -0.722  -0.646  -22.505 1.00 61.56 ? 1274 HOH A O   1 
HETATM 1430 O O   . HOH C 3 .   ? -0.778  21.699  0.565   1.00 63.74 ? 1275 HOH A O   1 
HETATM 1431 O O   . HOH C 3 .   ? -15.672 -2.549  15.766  1.00 45.90 ? 1276 HOH A O   1 
HETATM 1432 O O   . HOH C 3 .   ? 11.613  -3.238  -21.320 1.00 34.48 ? 1277 HOH A O   1 
HETATM 1433 O O   . HOH C 3 .   ? 0.343   20.068  -1.869  1.00 54.07 ? 1278 HOH A O   1 
HETATM 1434 O O   . HOH C 3 .   ? -13.894 6.821   6.167   1.00 25.06 ? 1279 HOH A O   1 
HETATM 1435 O O   . HOH C 3 .   ? -2.954  13.014  14.532  1.00 41.25 ? 1280 HOH A O   1 
HETATM 1436 O O   . HOH C 3 .   ? 18.570  6.472   -8.101  1.00 44.34 ? 1281 HOH A O   1 
HETATM 1437 O O   . HOH C 3 .   ? 5.623   1.739   20.903  1.00 55.28 ? 1282 HOH A O   1 
HETATM 1438 O O   . HOH C 3 .   ? -10.979 15.048  10.208  1.00 73.59 ? 1283 HOH A O   1 
HETATM 1439 O O   . HOH C 3 .   ? 10.538  -5.679  -22.200 1.00 54.53 ? 1284 HOH A O   1 
HETATM 1440 O O   . HOH C 3 .   ? -4.814  19.879  4.444   1.00 64.24 ? 1285 HOH A O   1 
HETATM 1441 O O   . HOH C 3 .   ? -6.859  17.701  2.493   1.00 43.99 ? 1286 HOH A O   1 
HETATM 1442 O O   . HOH C 3 .   ? -15.330 -3.658  -5.108  1.00 50.81 ? 1287 HOH A O   1 
HETATM 1443 O O   . HOH C 3 .   ? 7.260   -6.820  11.900  1.00 46.83 ? 1288 HOH A O   1 
HETATM 1444 O O   . HOH C 3 .   ? -1.677  8.019   15.939  1.00 57.71 ? 1289 HOH A O   1 
HETATM 1445 O O   . HOH C 3 .   ? -24.062 -4.800  10.635  1.00 59.63 ? 1290 HOH A O   1 
HETATM 1446 O O   . HOH C 3 .   ? -6.143  16.046  -1.615  1.00 35.76 ? 1291 HOH A O   1 
HETATM 1447 O O   . HOH C 3 .   ? -1.455  5.061   15.367  1.00 45.15 ? 1292 HOH A O   1 
HETATM 1448 O O   . HOH C 3 .   ? -15.134 -8.675  -10.294 1.00 60.72 ? 1293 HOH A O   1 
HETATM 1449 O O   . HOH C 3 .   ? 15.635  -2.887  -17.223 1.00 46.19 ? 1294 HOH A O   1 
HETATM 1450 O O   . HOH C 3 .   ? 14.878  -1.040  -10.016 1.00 30.76 ? 1295 HOH A O   1 
HETATM 1451 O O   . HOH C 3 .   ? 16.871  -1.311  -10.410 1.00 39.00 ? 1296 HOH A O   1 
HETATM 1452 O O   . HOH C 3 .   ? 13.674  -5.472  -4.157  1.00 47.09 ? 1297 HOH A O   1 
HETATM 1453 O O   . HOH C 3 .   ? -3.849  -14.254 13.649  1.00 44.30 ? 1298 HOH A O   1 
HETATM 1454 O O   . HOH C 3 .   ? 4.190   11.631  14.692  1.00 30.99 ? 1299 HOH A O   1 
HETATM 1455 O O   . HOH C 3 .   ? -16.095 4.185   11.175  1.00 34.95 ? 1300 HOH A O   1 
HETATM 1456 O O   . HOH C 3 .   ? 18.208  3.144   -8.871  1.00 36.61 ? 1301 HOH A O   1 
HETATM 1457 O O   . HOH C 3 .   ? -10.216 -3.480  -13.042 1.00 54.33 ? 1302 HOH A O   1 
HETATM 1458 O O   . HOH C 3 .   ? 8.918   -12.288 -5.690  1.00 44.21 ? 1303 HOH A O   1 
HETATM 1459 O O   . HOH C 3 .   ? -1.058  -16.695 10.342  1.00 51.40 ? 1304 HOH A O   1 
HETATM 1460 O O   . HOH C 3 .   ? 8.419   9.280   5.422   1.00 17.16 ? 1305 HOH A O   1 
HETATM 1461 O O   . HOH C 3 .   ? -18.693 -1.761  12.571  1.00 50.44 ? 1306 HOH A O   1 
HETATM 1462 O O   . HOH C 3 .   ? -6.892  -15.520 13.762  1.00 51.68 ? 1307 HOH A O   1 
HETATM 1463 O O   . HOH C 3 .   ? 11.208  -6.074  3.850   1.00 51.44 ? 1308 HOH A O   1 
HETATM 1464 O O   . HOH C 3 .   ? 5.008   -12.812 4.083   1.00 65.66 ? 1309 HOH A O   1 
HETATM 1465 O O   . HOH C 3 .   ? -9.253  8.865   11.939  1.00 49.14 ? 1310 HOH A O   1 
HETATM 1466 O O   . HOH C 3 .   ? 0.051   16.950  -1.948  1.00 47.43 ? 1311 HOH A O   1 
# 
